data_8Z98
#
_entry.id   8Z98
#
_cell.length_a   1.00
_cell.length_b   1.00
_cell.length_c   1.00
_cell.angle_alpha   90.00
_cell.angle_beta   90.00
_cell.angle_gamma   90.00
#
_symmetry.space_group_name_H-M   'P 1'
#
loop_
_entity.id
_entity.type
_entity.pdbx_description
1 polymer 'Polymerase acidic protein'
2 polymer 'RNA-directed RNA polymerase catalytic subunit'
3 polymer 'Polymerase basic protein 2'
4 polymer "RNA (5'-R(P*GP*CP*AP*AP*AP*AP*AP*CP*A)-3')"
5 non-polymer "7-METHYL-GUANOSINE-5'-TRIPHOSPHATE-5'-(2'-O-METHYL)-ADENOSINE"
#
loop_
_entity_poly.entity_id
_entity_poly.type
_entity_poly.pdbx_seq_one_letter_code
_entity_poly.pdbx_strand_id
1 'polypeptide(L)'
;MTDRPDHIDSRVWELSETQEDWITQVHGHVRRVVECWKYTICCLISNMHTHRGAPQYDVFKWQDRSTIEWICSKKKVQYP
ERDTPDLYDNERAVAYKVLLVSDLSDHSPTSGIYHDLAFNLEGEAEESCALVLRGSQLQDIKGFLCRALEWVVSNNLTQE
VVETISGEAKLQFSVGTTFRTLLKRDTDWDVIPTPRVEPNVPRIEGRRWTQMKKLPLLKEKEGPPSPWRALLLGADSEYI
VCPPGTDQEAISWIHSQSEIECIRESKSTPASVITCLTSSLQSFAEGNPVRSRIHEDIIAFGINKKQEKKQSASSSASGE
WKRAEYQVEEMSLPPWVEEEMVLLRSDQEDNWIELEKNAIYTEVDGVAEGLVDKYIEIVGRTKVASVIEKWQIAATRTFS
QLHTDRSRITACPIITRDPSGNCQFWGMVLLGPHHVKRDTDNAPLLIAEIMGEDTEEKYPKHSVFSLKVEEKQFLLSLKI
TSFSRNKLYTFSNIRRVLIQPASIYSQVVLSRAAENNSLNLEVNPEIQLYLEGAQRGMTLYQWVRMILCLEFLMAIYNNP
QMEGFLANMRRLHMSRHAMMERRQVFLPFGSRPEDKVNECIINNPIVAYLAKGWNSMPNVYY
;
A
2 'polypeptide(L)'
;MNLFTPLSEINPTTTQELLYAYTGPAPVAYGTRTRAVLENIIRPYQYFYKEPNVQRALDIKTGCKEPEDINVEGPSSGFH
TASVLKLADNFFRKYRPAMEKLKYWILVKLPKLKYAELSKGRQTYSFIHKRNLPAPIALEETVEFLEQNLRRKIGPTLLS
YCQAIADVMELDETTYEGARDPRPWDIQLEEIDSDEEDPLFRQVGREETYTIKFSREELWDQMRTLNTMWKHLERGRLNR
RTIATPSMLIRGFVKIVEDAAKEILENVPTSGVPVGGEEKLAKLASKQTFHTAVTGELSGDQEKFNECLDPDAMRLMWTV
FLRKLGCPDWIMELFNIPFMVFKSKLADMGEGLVYTKGKLTDRKPLGEMPSEFDDLVRNVVGNSISCRLGMFMGMYNLTS
TLLALISIEREELTGSHVESSDDFIHFFNCKTHEEMFKQAETLRLTLKLVGINMSPSKCILISPAGIGEFNSKFHHRDFV
GNVATELPALVPNGTNPMTDLAMGLNVIKHSVNTGQMNLCTGALAMRIFNHAYKYAYMALGVTRRTRFMEENAITPLLTN
QGASPVHSFSTMHLDEVALRRHLGLLDEETLRRILNPNNPVTQKGDPSMFFRIENKMPQIMEDYSVPSCFKYTLSRNRTI
QDKPHKALLNKEERYQRVTSIINKLFPEVLIQEASAPGTVRESLKRRLELVVERSDLDEERKKRILSRIF
;
B
3 'polypeptide(L)'
;MDREEPAESECTLRALVEEYNGACKEAPKEMSKQFTDYNTFKRYTTSKKDHAPQMRLVYSVRKPWPISMTPSKEIPLVFN
GTKLKDTILDLGESKRTRANIVVPDYWSKYGSQTSLEVVNAILYAEDLKVQRFFSTEWGEIRYGRMLPFRKPVQACPTIE
EVNPASIPHTLLQVFCPQYTTLDSKRKAHMGAVEKLKRVMEPICKVQTQESAVHIARSLIDSNKKWLPTVVDHTPRTAEM
AHFLCSKYHYVHTNTQDLSDTRSIDNLCGELVKRSLKCRCPKETLVANLDKITIQGRPMREVLADHDGELPYLGICRVAM
GLSTHHTMKIRSTKFSILNSDHPRIEVKKVFSLSPDVQVTIPYRRFKGKAKVYFQNDQIQGYFSCTDRQIDEIKISAPKN
APLLEPLLDICYYGSFIEPGFEQTFGFYPAGKREFVDSFFMHHSKDHKAFLIHMGLDKDLSLPLSPELNWKEPALSKVCR
VTELDSTVQPYTSATREFVLGETLNVYTQHENGLELLICPTEIRSTRGPLPPGTNLSGSEFIDIYQDPFSRAKSLLKSTI
LHAERCKEFVGNMLEEYQDPAETTVQSLVPINTWGKSAKRKLQEEITSDPDWHQCPRKRAKMSYLAIIAGSIQDRDKKQT
NVPRAFMLRGSQIEYDMKATRGLVVDTTNRIIVGGETVLREGKGGPEGYVQTGVFEEQPRCYLVDTPDHGLSMGLSRFCV
HSQGRYFQYEKKISIWEETDNIKATIDSQRDLKRRRDIEEMVSKRARIVLEVLFQGPGHHHHHHHHSADYKDDDDKGGWS
HPQFEKGGGSGGGGSGGSAWSHPQFEK
;
C
4 'polyribonucleotide' GCAAAAACA D
#
loop_
_chem_comp.id
_chem_comp.type
_chem_comp.name
_chem_comp.formula
A RNA linking ADENOSINE-5'-MONOPHOSPHATE 'C10 H14 N5 O7 P'
C RNA linking CYTIDINE-5'-MONOPHOSPHATE 'C9 H14 N3 O8 P'
G RNA linking GUANOSINE-5'-MONOPHOSPHATE 'C10 H14 N5 O8 P'
V9G non-polymer 7-METHYL-GUANOSINE-5'-TRIPHOSPHATE-5'-(2'-O-METHYL)-ADENOSINE 'C22 H32 N10 O17 P3'
#
# COMPACT_ATOMS: atom_id res chain seq x y z
N THR A 2 20.60 30.92 -21.39
CA THR A 2 21.36 30.55 -22.57
C THR A 2 22.74 30.02 -22.20
N ASP A 3 23.77 30.74 -22.62
CA ASP A 3 25.16 30.36 -22.39
C ASP A 3 25.84 31.39 -21.48
N ARG A 4 27.06 31.07 -21.06
CA ARG A 4 27.80 31.96 -20.17
C ARG A 4 28.12 33.28 -20.85
N PRO A 5 27.77 34.42 -20.24
CA PRO A 5 28.29 35.69 -20.73
C PRO A 5 29.81 35.77 -20.57
N ASP A 6 30.44 36.52 -21.47
CA ASP A 6 31.90 36.58 -21.48
C ASP A 6 32.45 37.25 -20.23
N HIS A 7 31.79 38.32 -19.77
CA HIS A 7 32.35 39.10 -18.67
C HIS A 7 32.25 38.39 -17.33
N ILE A 8 31.37 37.38 -17.20
CA ILE A 8 31.20 36.66 -15.96
C ILE A 8 32.15 35.47 -15.93
N ASP A 9 32.91 35.34 -14.85
CA ASP A 9 33.85 34.24 -14.71
C ASP A 9 33.11 32.92 -14.64
N SER A 10 33.77 31.85 -15.09
CA SER A 10 33.14 30.54 -15.15
C SER A 10 32.74 30.06 -13.76
N ARG A 11 33.70 30.06 -12.82
CA ARG A 11 33.45 29.48 -11.51
C ARG A 11 32.21 30.11 -10.87
N VAL A 12 32.03 31.42 -11.07
CA VAL A 12 30.79 32.06 -10.64
C VAL A 12 29.59 31.45 -11.37
N TRP A 13 29.78 31.09 -12.65
CA TRP A 13 28.65 30.56 -13.41
C TRP A 13 28.20 29.21 -12.87
N GLU A 14 29.12 28.26 -12.67
CA GLU A 14 28.62 27.00 -12.11
C GLU A 14 28.34 27.09 -10.62
N LEU A 15 28.79 28.15 -9.94
CA LEU A 15 28.31 28.36 -8.58
C LEU A 15 26.85 28.82 -8.58
N SER A 16 26.48 29.68 -9.53
CA SER A 16 25.12 30.17 -9.65
C SER A 16 24.20 29.21 -10.40
N GLU A 17 24.74 28.13 -10.96
CA GLU A 17 23.95 27.23 -11.79
C GLU A 17 22.72 26.71 -11.05
N THR A 18 22.84 26.44 -9.75
CA THR A 18 21.76 25.80 -9.01
C THR A 18 21.39 26.54 -7.73
N GLN A 19 21.82 27.80 -7.57
CA GLN A 19 21.40 28.56 -6.40
C GLN A 19 19.90 28.82 -6.41
N GLU A 20 19.35 29.14 -7.58
CA GLU A 20 17.91 29.29 -7.75
C GLU A 20 17.50 28.58 -9.04
N ASP A 21 16.23 28.16 -9.09
CA ASP A 21 15.70 27.48 -10.27
C ASP A 21 15.35 28.53 -11.30
N TRP A 22 16.31 28.80 -12.19
CA TRP A 22 16.16 29.91 -13.13
C TRP A 22 15.17 29.59 -14.25
N ILE A 23 15.04 28.31 -14.61
CA ILE A 23 14.28 27.95 -15.81
C ILE A 23 12.80 28.28 -15.64
N THR A 24 12.25 28.15 -14.43
CA THR A 24 10.84 28.44 -14.19
C THR A 24 10.61 29.88 -13.74
N GLN A 25 11.47 30.80 -14.14
CA GLN A 25 11.31 32.22 -13.85
C GLN A 25 11.06 32.97 -15.15
N VAL A 26 10.39 34.11 -15.03
CA VAL A 26 9.96 34.87 -16.22
C VAL A 26 11.17 35.28 -17.05
N HIS A 27 12.20 35.79 -16.39
CA HIS A 27 13.45 36.20 -17.04
C HIS A 27 14.62 35.53 -16.34
N GLY A 28 14.53 34.21 -16.18
CA GLY A 28 15.47 33.49 -15.35
C GLY A 28 16.91 33.68 -15.75
N HIS A 29 17.18 33.72 -17.06
CA HIS A 29 18.55 33.95 -17.51
C HIS A 29 19.04 35.33 -17.10
N VAL A 30 18.22 36.35 -17.28
CA VAL A 30 18.61 37.71 -16.89
C VAL A 30 18.77 37.81 -15.39
N ARG A 31 17.88 37.16 -14.63
CA ARG A 31 18.01 37.17 -13.18
C ARG A 31 19.29 36.48 -12.73
N ARG A 32 19.63 35.37 -13.38
CA ARG A 32 20.89 34.68 -13.07
C ARG A 32 22.08 35.56 -13.37
N VAL A 33 22.06 36.29 -14.49
CA VAL A 33 23.16 37.17 -14.83
C VAL A 33 23.27 38.31 -13.82
N VAL A 34 22.13 38.84 -13.37
CA VAL A 34 22.15 39.90 -12.37
C VAL A 34 22.71 39.40 -11.05
N GLU A 35 22.31 38.21 -10.62
CA GLU A 35 22.85 37.63 -9.41
C GLU A 35 24.35 37.37 -9.53
N CYS A 36 24.79 36.94 -10.72
CA CYS A 36 26.22 36.78 -10.95
C CYS A 36 26.94 38.11 -10.85
N TRP A 37 26.33 39.19 -11.37
CA TRP A 37 26.90 40.52 -11.21
C TRP A 37 27.06 40.87 -9.73
N LYS A 38 26.02 40.64 -8.95
CA LYS A 38 26.06 41.00 -7.53
C LYS A 38 27.15 40.20 -6.80
N TYR A 39 27.24 38.90 -7.09
CA TYR A 39 28.26 38.08 -6.43
C TYR A 39 29.66 38.48 -6.88
N THR A 40 29.82 38.85 -8.15
CA THR A 40 31.12 39.32 -8.62
C THR A 40 31.51 40.63 -7.94
N ILE A 41 30.56 41.54 -7.79
CA ILE A 41 30.82 42.78 -7.06
C ILE A 41 31.22 42.47 -5.63
N CYS A 42 30.57 41.48 -5.01
CA CYS A 42 30.98 41.06 -3.67
C CYS A 42 32.41 40.56 -3.66
N CYS A 43 32.79 39.77 -4.66
CA CYS A 43 34.16 39.25 -4.72
C CYS A 43 35.19 40.36 -4.89
N LEU A 44 34.91 41.33 -5.76
CA LEU A 44 35.85 42.44 -5.94
C LEU A 44 35.90 43.35 -4.70
N ILE A 45 34.80 43.51 -3.98
CA ILE A 45 34.88 44.18 -2.68
C ILE A 45 35.72 43.35 -1.72
N SER A 46 35.48 42.05 -1.68
CA SER A 46 36.19 41.14 -0.78
C SER A 46 37.42 40.55 -1.47
N ASN A 47 38.24 41.43 -2.03
CA ASN A 47 39.50 41.02 -2.63
C ASN A 47 40.48 40.67 -1.51
N MET A 48 41.71 40.32 -1.89
CA MET A 48 42.69 39.95 -0.88
C MET A 48 43.05 41.15 -0.02
N HIS A 49 42.83 41.01 1.30
CA HIS A 49 43.14 42.05 2.27
C HIS A 49 43.45 41.37 3.60
N THR A 50 43.70 42.18 4.61
CA THR A 50 44.01 41.66 5.94
C THR A 50 43.65 42.72 6.99
N HIS A 51 42.80 42.34 7.95
CA HIS A 51 42.42 43.23 9.04
C HIS A 51 43.29 43.00 10.27
N ARG A 52 43.25 41.81 10.84
CA ARG A 52 44.12 41.42 11.95
C ARG A 52 44.62 39.99 11.74
N GLY A 53 45.06 39.70 10.52
CA GLY A 53 45.46 38.36 10.13
C GLY A 53 44.45 37.65 9.25
N ALA A 54 43.23 38.14 9.17
CA ALA A 54 42.18 37.60 8.31
C ALA A 54 41.55 38.74 7.52
N PRO A 55 41.01 38.44 6.34
CA PRO A 55 40.36 39.49 5.54
C PRO A 55 39.21 40.13 6.32
N GLN A 56 39.10 41.46 6.20
CA GLN A 56 38.03 42.16 6.88
C GLN A 56 36.67 41.88 6.24
N TYR A 57 36.65 41.64 4.94
CA TYR A 57 35.44 41.33 4.19
C TYR A 57 35.33 39.82 4.04
N ASP A 58 34.22 39.26 4.51
CA ASP A 58 33.91 37.85 4.26
C ASP A 58 32.58 37.77 3.51
N VAL A 59 32.49 36.79 2.61
CA VAL A 59 31.38 36.68 1.67
C VAL A 59 30.38 35.66 2.19
N PHE A 60 29.11 36.07 2.28
CA PHE A 60 28.04 35.20 2.68
C PHE A 60 27.17 34.75 1.52
N LYS A 61 27.30 35.39 0.35
CA LYS A 61 26.47 35.05 -0.79
C LYS A 61 26.88 33.71 -1.38
N TRP A 62 25.89 32.86 -1.65
CA TRP A 62 26.10 31.56 -2.30
C TRP A 62 27.09 30.69 -1.52
N GLN A 63 26.99 30.74 -0.19
CA GLN A 63 27.77 29.89 0.68
C GLN A 63 26.83 29.01 1.49
N ASP A 64 27.33 27.82 1.84
CA ASP A 64 26.52 26.89 2.62
C ASP A 64 26.11 27.52 3.94
N ARG A 65 24.83 27.35 4.29
CA ARG A 65 24.26 28.05 5.44
C ARG A 65 24.94 27.64 6.74
N SER A 66 25.47 26.41 6.82
CA SER A 66 26.11 25.96 8.05
C SER A 66 27.37 26.78 8.36
N THR A 67 28.20 27.02 7.35
CA THR A 67 29.40 27.82 7.55
C THR A 67 29.05 29.28 7.85
N ILE A 68 28.01 29.79 7.20
CA ILE A 68 27.55 31.15 7.49
C ILE A 68 27.11 31.24 8.95
N GLU A 69 26.39 30.23 9.43
CA GLU A 69 25.97 30.23 10.83
C GLU A 69 27.16 30.16 11.77
N TRP A 70 28.17 29.36 11.41
CA TRP A 70 29.40 29.36 12.22
C TRP A 70 30.01 30.75 12.30
N ILE A 71 30.22 31.39 11.15
CA ILE A 71 30.89 32.68 11.13
C ILE A 71 30.07 33.72 11.89
N CYS A 72 28.75 33.65 11.77
CA CYS A 72 27.89 34.55 12.53
C CYS A 72 28.01 34.29 14.03
N SER A 73 28.10 33.02 14.43
CA SER A 73 28.25 32.69 15.85
C SER A 73 29.56 33.20 16.41
N LYS A 74 30.65 33.07 15.63
CA LYS A 74 31.94 33.57 16.11
C LYS A 74 31.93 35.07 16.30
N LYS A 75 31.07 35.79 15.58
CA LYS A 75 30.94 37.23 15.70
C LYS A 75 29.74 37.65 16.52
N LYS A 76 29.07 36.70 17.19
CA LYS A 76 27.93 36.99 18.06
C LYS A 76 26.83 37.73 17.30
N VAL A 77 26.57 37.32 16.07
CA VAL A 77 25.51 37.89 15.25
C VAL A 77 24.67 36.74 14.71
N GLN A 78 23.45 37.06 14.29
CA GLN A 78 22.51 36.06 13.78
C GLN A 78 21.62 36.71 12.74
N TYR A 79 21.69 36.20 11.51
CA TYR A 79 20.93 36.77 10.41
C TYR A 79 19.91 35.77 9.89
N PRO A 80 18.70 36.23 9.54
CA PRO A 80 17.70 35.32 8.98
C PRO A 80 18.10 34.81 7.61
N GLU A 81 17.55 33.64 7.26
CA GLU A 81 17.92 32.98 6.02
C GLU A 81 17.50 33.79 4.80
N ARG A 82 16.29 34.36 4.83
CA ARG A 82 15.77 35.05 3.66
C ARG A 82 16.23 36.50 3.58
N ASP A 83 16.91 37.02 4.60
CA ASP A 83 17.47 38.36 4.58
C ASP A 83 18.93 38.33 5.00
N THR A 84 19.66 37.31 4.57
CA THR A 84 21.07 37.22 4.92
C THR A 84 21.88 38.23 4.09
N PRO A 85 22.75 39.01 4.72
CA PRO A 85 23.55 39.98 3.96
C PRO A 85 24.55 39.28 3.05
N ASP A 86 24.90 39.98 1.96
CA ASP A 86 25.86 39.43 1.01
C ASP A 86 27.25 39.28 1.62
N LEU A 87 27.71 40.30 2.34
CA LEU A 87 29.06 40.25 2.90
C LEU A 87 29.07 40.95 4.25
N TYR A 88 30.12 40.69 5.03
CA TYR A 88 30.28 41.28 6.35
C TYR A 88 31.69 41.83 6.48
N ASP A 89 31.80 43.01 7.10
CA ASP A 89 33.06 43.72 7.25
C ASP A 89 33.46 43.77 8.72
N ASN A 90 34.70 43.37 8.99
CA ASN A 90 35.25 43.39 10.34
C ASN A 90 35.83 44.75 10.72
N GLU A 91 36.02 45.66 9.76
CA GLU A 91 36.52 46.99 10.06
C GLU A 91 35.56 47.72 10.99
N ARG A 92 34.35 48.00 10.51
CA ARG A 92 33.30 48.56 11.33
C ARG A 92 32.36 47.50 11.89
N ALA A 93 32.61 46.23 11.59
CA ALA A 93 31.76 45.12 12.02
C ALA A 93 30.32 45.34 11.57
N VAL A 94 30.16 45.55 10.27
CA VAL A 94 28.86 45.90 9.69
C VAL A 94 28.59 44.97 8.50
N ALA A 95 27.34 44.55 8.35
CA ALA A 95 26.94 43.67 7.27
C ALA A 95 26.42 44.49 6.10
N TYR A 96 27.03 44.30 4.93
CA TYR A 96 26.66 45.01 3.72
C TYR A 96 25.98 44.07 2.73
N LYS A 97 24.93 44.58 2.10
CA LYS A 97 24.21 43.88 1.03
C LYS A 97 24.41 44.66 -0.26
N VAL A 98 24.81 43.95 -1.32
CA VAL A 98 25.07 44.58 -2.61
C VAL A 98 23.75 44.69 -3.37
N LEU A 99 23.38 45.90 -3.76
CA LEU A 99 22.16 46.16 -4.50
C LEU A 99 22.48 46.90 -5.80
N LEU A 100 21.71 46.59 -6.83
CA LEU A 100 21.73 47.31 -8.09
C LEU A 100 20.42 48.08 -8.21
N VAL A 101 20.51 49.37 -8.56
CA VAL A 101 19.35 50.24 -8.62
C VAL A 101 19.34 50.97 -9.95
N SER A 102 18.15 51.45 -10.33
CA SER A 102 18.00 52.19 -11.57
C SER A 102 18.61 53.59 -11.45
N ASP A 103 18.32 54.28 -10.35
CA ASP A 103 18.82 55.62 -10.13
C ASP A 103 19.34 55.76 -8.70
N LEU A 104 20.27 56.69 -8.51
CA LEU A 104 20.90 56.86 -7.21
C LEU A 104 20.09 57.77 -6.29
N SER A 105 19.34 58.72 -6.86
CA SER A 105 18.61 59.68 -6.04
C SER A 105 17.55 58.99 -5.18
N ASP A 106 16.81 58.05 -5.76
CA ASP A 106 15.75 57.34 -5.04
C ASP A 106 16.32 56.02 -4.52
N HIS A 107 16.97 56.10 -3.36
CA HIS A 107 17.56 54.92 -2.73
C HIS A 107 17.44 55.08 -1.21
N SER A 108 16.58 54.28 -0.60
CA SER A 108 16.43 54.24 0.84
C SER A 108 16.95 52.91 1.39
N PRO A 109 17.47 52.90 2.62
CA PRO A 109 17.95 51.64 3.20
C PRO A 109 16.82 50.64 3.34
N THR A 110 17.14 49.37 3.05
CA THR A 110 16.13 48.32 3.13
C THR A 110 15.76 48.03 4.57
N SER A 111 16.76 47.89 5.45
CA SER A 111 16.51 47.61 6.85
C SER A 111 17.70 48.08 7.67
N GLY A 112 17.48 48.23 8.97
CA GLY A 112 18.52 48.70 9.87
C GLY A 112 19.47 47.65 10.37
N ILE A 113 19.22 46.36 10.08
CA ILE A 113 20.09 45.29 10.54
C ILE A 113 21.27 45.04 9.62
N TYR A 114 21.25 45.57 8.40
CA TYR A 114 22.38 45.46 7.49
C TYR A 114 22.35 46.64 6.53
N HIS A 115 23.54 47.15 6.21
CA HIS A 115 23.65 48.29 5.31
C HIS A 115 23.54 47.82 3.85
N ASP A 116 23.26 48.78 2.98
CA ASP A 116 23.02 48.52 1.55
C ASP A 116 24.09 49.20 0.72
N LEU A 117 24.65 48.46 -0.24
CA LEU A 117 25.56 49.00 -1.23
C LEU A 117 24.79 49.21 -2.53
N ALA A 118 24.78 50.44 -3.03
CA ALA A 118 23.97 50.81 -4.18
C ALA A 118 24.85 51.08 -5.39
N PHE A 119 24.41 50.58 -6.55
CA PHE A 119 25.08 50.83 -7.81
C PHE A 119 24.01 51.01 -8.88
N ASN A 120 24.33 51.80 -9.91
CA ASN A 120 23.34 52.25 -10.87
C ASN A 120 23.53 51.67 -12.27
N LEU A 121 24.29 50.57 -12.38
CA LEU A 121 24.49 49.73 -13.57
C LEU A 121 25.46 50.30 -14.61
N GLU A 122 26.01 51.49 -14.43
CA GLU A 122 27.12 51.95 -15.27
C GLU A 122 28.30 52.43 -14.45
N GLY A 123 28.42 51.98 -13.19
CA GLY A 123 29.60 52.17 -12.39
C GLY A 123 29.39 53.08 -11.18
N GLU A 124 28.60 54.13 -11.32
CA GLU A 124 28.43 55.09 -10.24
C GLU A 124 27.80 54.42 -9.02
N ALA A 125 28.19 54.91 -7.85
CA ALA A 125 27.77 54.31 -6.59
C ALA A 125 27.25 55.40 -5.66
N GLU A 126 26.44 54.98 -4.70
CA GLU A 126 25.92 55.90 -3.70
C GLU A 126 27.07 56.46 -2.87
N GLU A 127 26.89 57.69 -2.37
CA GLU A 127 27.94 58.33 -1.58
C GLU A 127 28.26 57.50 -0.33
N SER A 128 27.29 56.76 0.19
CA SER A 128 27.58 55.86 1.30
C SER A 128 28.58 54.79 0.89
N CYS A 129 28.46 54.27 -0.34
CA CYS A 129 29.42 53.29 -0.83
C CYS A 129 30.82 53.89 -0.91
N ALA A 130 30.92 55.13 -1.40
CA ALA A 130 32.22 55.79 -1.48
C ALA A 130 32.82 55.99 -0.10
N LEU A 131 32.01 56.42 0.88
CA LEU A 131 32.52 56.59 2.23
C LEU A 131 32.90 55.26 2.86
N VAL A 132 32.25 54.17 2.47
CA VAL A 132 32.54 52.87 3.07
C VAL A 132 33.73 52.21 2.39
N LEU A 133 33.72 52.17 1.05
CA LEU A 133 34.74 51.46 0.30
C LEU A 133 35.89 52.40 -0.04
N ARG A 134 36.86 51.87 -0.79
CA ARG A 134 38.04 52.62 -1.20
C ARG A 134 38.08 52.78 -2.71
N GLY A 135 38.97 53.66 -3.17
CA GLY A 135 38.96 54.05 -4.57
C GLY A 135 39.20 52.90 -5.54
N SER A 136 40.13 52.00 -5.19
CA SER A 136 40.42 50.88 -6.08
C SER A 136 39.20 49.98 -6.26
N GLN A 137 38.48 49.71 -5.17
CA GLN A 137 37.27 48.90 -5.26
C GLN A 137 36.21 49.58 -6.13
N LEU A 138 36.04 50.90 -5.96
CA LEU A 138 35.10 51.62 -6.81
C LEU A 138 35.48 51.54 -8.28
N GLN A 139 36.78 51.69 -8.59
CA GLN A 139 37.21 51.62 -9.98
C GLN A 139 36.97 50.23 -10.56
N ASP A 140 37.27 49.19 -9.78
CA ASP A 140 37.05 47.82 -10.25
C ASP A 140 35.57 47.56 -10.49
N ILE A 141 34.71 48.02 -9.58
CA ILE A 141 33.27 47.83 -9.74
C ILE A 141 32.76 48.60 -10.96
N LYS A 142 33.27 49.81 -11.18
CA LYS A 142 32.87 50.57 -12.37
C LYS A 142 33.28 49.85 -13.64
N GLY A 143 34.50 49.30 -13.67
CA GLY A 143 34.93 48.56 -14.84
C GLY A 143 34.06 47.35 -15.11
N PHE A 144 33.77 46.57 -14.06
CA PHE A 144 32.91 45.41 -14.23
C PHE A 144 31.51 45.82 -14.68
N LEU A 145 30.97 46.89 -14.11
CA LEU A 145 29.61 47.31 -14.44
C LEU A 145 29.52 47.80 -15.88
N CYS A 146 30.53 48.53 -16.36
CA CYS A 146 30.48 48.97 -17.76
C CYS A 146 30.68 47.80 -18.71
N ARG A 147 31.55 46.85 -18.34
CA ARG A 147 31.73 45.66 -19.17
C ARG A 147 30.46 44.82 -19.21
N ALA A 148 29.65 44.85 -18.15
CA ALA A 148 28.37 44.17 -18.17
C ALA A 148 27.33 44.95 -18.97
N LEU A 149 27.35 46.28 -18.87
CA LEU A 149 26.37 47.10 -19.58
C LEU A 149 26.57 47.03 -21.09
N GLU A 150 27.82 46.96 -21.55
CA GLU A 150 28.05 46.80 -22.98
C GLU A 150 27.50 45.48 -23.47
N TRP A 151 27.61 44.42 -22.65
CA TRP A 151 27.00 43.15 -23.00
C TRP A 151 25.48 43.25 -23.04
N VAL A 152 24.89 43.99 -22.09
CA VAL A 152 23.44 44.16 -22.08
C VAL A 152 22.97 44.85 -23.35
N VAL A 153 23.66 45.92 -23.74
CA VAL A 153 23.29 46.63 -24.96
C VAL A 153 23.53 45.77 -26.19
N SER A 154 24.57 44.93 -26.17
CA SER A 154 24.86 44.08 -27.32
C SER A 154 23.72 43.11 -27.61
N ASN A 155 23.16 42.50 -26.57
CA ASN A 155 22.07 41.55 -26.73
C ASN A 155 20.69 42.17 -26.59
N ASN A 156 20.61 43.49 -26.37
CA ASN A 156 19.35 44.21 -26.25
C ASN A 156 18.47 43.60 -25.16
N LEU A 157 18.99 43.64 -23.93
CA LEU A 157 18.28 43.13 -22.76
C LEU A 157 18.03 44.21 -21.72
N THR A 158 17.99 45.48 -22.14
CA THR A 158 17.82 46.58 -21.19
C THR A 158 16.48 46.48 -20.48
N GLN A 159 15.40 46.18 -21.21
CA GLN A 159 14.09 46.06 -20.60
C GLN A 159 14.05 44.92 -19.60
N GLU A 160 14.61 43.76 -19.96
CA GLU A 160 14.64 42.62 -19.06
C GLU A 160 15.46 42.94 -17.81
N VAL A 161 16.60 43.61 -17.98
CA VAL A 161 17.43 43.96 -16.82
C VAL A 161 16.67 44.92 -15.90
N VAL A 162 16.00 45.92 -16.48
CA VAL A 162 15.25 46.88 -15.67
C VAL A 162 14.13 46.17 -14.92
N GLU A 163 13.43 45.25 -15.58
CA GLU A 163 12.39 44.49 -14.90
C GLU A 163 12.96 43.64 -13.78
N THR A 164 14.12 43.03 -14.01
CA THR A 164 14.76 42.21 -12.97
C THR A 164 15.14 43.05 -11.76
N ILE A 165 15.71 44.24 -12.00
CA ILE A 165 16.10 45.10 -10.89
C ILE A 165 14.88 45.56 -10.10
N SER A 166 13.83 45.97 -10.81
CA SER A 166 12.63 46.49 -10.16
C SER A 166 11.61 45.37 -9.99
N GLY A 167 11.87 44.52 -8.99
CA GLY A 167 10.96 43.44 -8.67
C GLY A 167 11.64 42.16 -8.27
N GLU A 168 10.85 41.16 -7.87
CA GLU A 168 11.36 39.86 -7.49
C GLU A 168 11.02 38.84 -8.57
N ALA A 169 11.53 37.62 -8.38
CA ALA A 169 11.32 36.57 -9.36
C ALA A 169 9.86 36.16 -9.42
N LYS A 170 9.39 35.85 -10.63
CA LYS A 170 8.02 35.41 -10.86
C LYS A 170 8.04 34.03 -11.50
N LEU A 171 7.06 33.20 -11.14
CA LEU A 171 6.98 31.83 -11.59
C LEU A 171 6.26 31.75 -12.94
N GLN A 172 6.69 30.78 -13.76
CA GLN A 172 6.04 30.56 -15.04
C GLN A 172 6.28 29.12 -15.47
N PHE A 173 5.49 28.69 -16.45
CA PHE A 173 5.67 27.39 -17.08
C PHE A 173 5.30 27.53 -18.55
N SER A 174 6.25 27.28 -19.44
CA SER A 174 6.09 27.55 -20.86
C SER A 174 6.03 26.25 -21.65
N VAL A 175 5.16 26.24 -22.66
CA VAL A 175 5.03 25.13 -23.60
C VAL A 175 5.32 25.65 -25.00
N GLY A 176 6.23 24.99 -25.70
CA GLY A 176 6.62 25.43 -27.03
C GLY A 176 5.61 25.05 -28.09
N THR A 177 5.89 25.49 -29.31
CA THR A 177 4.98 25.25 -30.42
C THR A 177 4.94 23.78 -30.81
N THR A 178 6.09 23.12 -30.83
CA THR A 178 6.15 21.73 -31.29
C THR A 178 5.43 20.80 -30.33
N PHE A 179 5.67 20.97 -29.03
CA PHE A 179 4.96 20.17 -28.04
C PHE A 179 3.46 20.49 -28.06
N ARG A 180 3.10 21.74 -28.35
CA ARG A 180 1.69 22.09 -28.48
C ARG A 180 1.04 21.36 -29.66
N THR A 181 1.75 21.29 -30.80
CA THR A 181 1.22 20.55 -31.94
C THR A 181 1.11 19.07 -31.62
N LEU A 182 2.07 18.51 -30.91
CA LEU A 182 1.97 17.12 -30.48
C LEU A 182 0.76 16.90 -29.59
N LEU A 183 0.52 17.83 -28.65
CA LEU A 183 -0.62 17.70 -27.75
C LEU A 183 -1.94 17.76 -28.51
N LYS A 184 -2.04 18.67 -29.48
CA LYS A 184 -3.29 18.89 -30.23
C LYS A 184 -3.61 17.75 -31.20
N ARG A 185 -2.88 16.65 -31.24
CA ARG A 185 -3.07 15.66 -32.30
C ARG A 185 -4.38 14.90 -32.14
N ASP A 186 -4.71 14.49 -30.92
CA ASP A 186 -5.84 13.59 -30.67
C ASP A 186 -6.97 14.27 -29.91
N THR A 187 -7.10 15.59 -30.02
CA THR A 187 -8.19 16.31 -29.40
C THR A 187 -8.70 17.38 -30.35
N ASP A 188 -9.98 17.73 -30.19
CA ASP A 188 -10.61 18.73 -31.03
C ASP A 188 -10.47 20.15 -30.48
N TRP A 189 -9.86 20.30 -29.31
CA TRP A 189 -9.71 21.59 -28.64
C TRP A 189 -8.24 21.95 -28.54
N ASP A 190 -7.99 23.21 -28.21
CA ASP A 190 -6.63 23.70 -27.99
C ASP A 190 -6.18 23.33 -26.58
N VAL A 191 -5.00 23.80 -26.18
CA VAL A 191 -4.46 23.43 -24.88
C VAL A 191 -5.36 23.94 -23.76
N ILE A 192 -5.81 25.18 -23.87
CA ILE A 192 -6.84 25.69 -22.96
C ILE A 192 -8.15 25.64 -23.72
N PRO A 193 -8.99 24.61 -23.50
CA PRO A 193 -10.19 24.46 -24.31
C PRO A 193 -11.15 25.63 -24.13
N THR A 194 -11.62 26.17 -25.25
CA THR A 194 -12.58 27.26 -25.27
C THR A 194 -13.71 26.91 -26.22
N PRO A 195 -14.57 25.96 -25.85
CA PRO A 195 -15.73 25.65 -26.70
C PRO A 195 -16.68 26.83 -26.79
N ARG A 196 -17.31 26.96 -27.95
CA ARG A 196 -18.19 28.09 -28.22
C ARG A 196 -19.63 27.85 -27.76
N VAL A 197 -19.92 26.67 -27.22
CA VAL A 197 -21.28 26.35 -26.79
C VAL A 197 -21.59 27.09 -25.49
N GLU A 198 -22.82 27.57 -25.39
CA GLU A 198 -23.23 28.25 -24.17
C GLU A 198 -23.44 27.23 -23.05
N PRO A 199 -23.06 27.57 -21.82
CA PRO A 199 -23.27 26.64 -20.70
C PRO A 199 -24.75 26.40 -20.45
N ASN A 200 -25.19 25.17 -20.67
CA ASN A 200 -26.58 24.82 -20.44
C ASN A 200 -26.68 23.32 -20.18
N VAL A 201 -27.65 22.95 -19.35
CA VAL A 201 -27.94 21.55 -19.04
C VAL A 201 -29.28 21.20 -19.67
N PRO A 202 -29.34 20.22 -20.57
CA PRO A 202 -30.59 19.90 -21.25
C PRO A 202 -31.51 19.05 -20.39
N ARG A 203 -32.76 18.98 -20.83
CA ARG A 203 -33.76 18.08 -20.25
C ARG A 203 -33.85 16.84 -21.13
N ILE A 204 -33.57 15.68 -20.54
CA ILE A 204 -33.55 14.41 -21.26
C ILE A 204 -34.63 13.52 -20.68
N GLU A 205 -35.44 12.93 -21.55
CA GLU A 205 -36.46 11.99 -21.11
C GLU A 205 -35.80 10.73 -20.55
N GLY A 206 -36.31 10.27 -19.41
CA GLY A 206 -35.79 9.08 -18.76
C GLY A 206 -36.90 8.08 -18.49
N ARG A 207 -36.47 6.87 -18.16
CA ARG A 207 -37.40 5.78 -17.87
C ARG A 207 -37.92 5.91 -16.45
N ARG A 208 -38.71 4.92 -16.03
CA ARG A 208 -39.30 4.89 -14.70
C ARG A 208 -38.58 3.87 -13.82
N TRP A 209 -38.86 3.96 -12.53
CA TRP A 209 -38.29 3.05 -11.53
C TRP A 209 -39.37 2.06 -11.09
N THR A 210 -39.05 0.78 -11.18
CA THR A 210 -40.01 -0.29 -10.91
C THR A 210 -39.72 -0.93 -9.57
N GLN A 211 -40.75 -1.12 -8.75
CA GLN A 211 -40.59 -1.75 -7.45
C GLN A 211 -40.25 -3.22 -7.61
N MET A 212 -39.38 -3.72 -6.72
CA MET A 212 -39.11 -5.14 -6.60
C MET A 212 -40.12 -5.72 -5.62
N LYS A 213 -41.25 -6.19 -6.14
CA LYS A 213 -42.29 -6.72 -5.26
C LYS A 213 -41.94 -8.09 -4.71
N LYS A 214 -41.22 -8.92 -5.46
CA LYS A 214 -40.81 -10.23 -5.01
C LYS A 214 -39.31 -10.39 -5.20
N LEU A 215 -38.69 -11.17 -4.33
CA LEU A 215 -37.26 -11.38 -4.39
C LEU A 215 -36.89 -12.21 -5.61
N PRO A 216 -35.73 -11.95 -6.21
CA PRO A 216 -35.31 -12.72 -7.38
C PRO A 216 -35.11 -14.19 -7.04
N LEU A 217 -35.35 -15.04 -8.05
CA LEU A 217 -35.15 -16.48 -7.92
C LEU A 217 -33.90 -16.86 -8.70
N LEU A 218 -32.94 -17.46 -8.01
CA LEU A 218 -31.71 -17.89 -8.65
C LEU A 218 -31.95 -19.12 -9.51
N LYS A 219 -31.07 -19.33 -10.48
CA LYS A 219 -31.21 -20.42 -11.44
C LYS A 219 -30.33 -21.59 -11.00
N GLU A 220 -30.95 -22.76 -10.85
CA GLU A 220 -30.21 -23.99 -10.60
C GLU A 220 -29.75 -24.56 -11.94
N LYS A 221 -28.44 -24.76 -12.08
CA LYS A 221 -27.92 -25.30 -13.33
C LYS A 221 -28.23 -26.80 -13.42
N GLU A 222 -28.27 -27.29 -14.66
CA GLU A 222 -28.54 -28.68 -14.95
C GLU A 222 -27.31 -29.32 -15.57
N GLY A 223 -26.95 -30.50 -15.10
CA GLY A 223 -25.79 -31.21 -15.60
C GLY A 223 -25.34 -32.28 -14.63
N PRO A 224 -24.18 -32.87 -14.88
CA PRO A 224 -23.64 -33.85 -13.96
C PRO A 224 -23.35 -33.21 -12.62
N PRO A 225 -23.53 -33.95 -11.52
CA PRO A 225 -23.24 -33.38 -10.21
C PRO A 225 -21.76 -33.08 -10.05
N SER A 226 -21.48 -32.02 -9.29
CA SER A 226 -20.10 -31.58 -9.11
C SER A 226 -19.33 -32.56 -8.24
N PRO A 227 -18.20 -33.10 -8.70
CA PRO A 227 -17.38 -33.94 -7.84
C PRO A 227 -16.67 -33.12 -6.78
N TRP A 228 -16.16 -33.81 -5.77
CA TRP A 228 -15.40 -33.15 -4.71
C TRP A 228 -14.08 -32.67 -5.27
N ARG A 229 -13.91 -31.35 -5.36
CA ARG A 229 -12.71 -30.73 -5.91
C ARG A 229 -12.09 -29.85 -4.83
N ALA A 230 -11.25 -30.45 -4.00
CA ALA A 230 -10.54 -29.72 -2.96
C ALA A 230 -9.20 -30.42 -2.72
N LEU A 231 -8.31 -29.71 -2.03
CA LEU A 231 -6.98 -30.25 -1.79
C LEU A 231 -7.04 -31.54 -0.97
N LEU A 232 -7.89 -31.56 0.06
CA LEU A 232 -8.03 -32.70 0.94
C LEU A 232 -9.48 -33.17 0.94
N LEU A 233 -9.80 -34.12 1.83
CA LEU A 233 -11.06 -34.84 1.74
C LEU A 233 -12.20 -34.20 2.52
N GLY A 234 -11.91 -33.53 3.62
CA GLY A 234 -12.96 -32.85 4.38
C GLY A 234 -13.60 -33.78 5.40
N ALA A 235 -14.94 -33.86 5.35
CA ALA A 235 -15.68 -34.59 6.37
C ALA A 235 -15.46 -36.10 6.31
N ASP A 236 -15.04 -36.64 5.17
CA ASP A 236 -14.80 -38.06 5.04
C ASP A 236 -13.44 -38.48 5.56
N SER A 237 -12.62 -37.53 6.01
CA SER A 237 -11.28 -37.86 6.49
C SER A 237 -11.36 -38.55 7.85
N GLU A 238 -10.50 -39.53 8.05
CA GLU A 238 -10.34 -40.22 9.32
C GLU A 238 -8.85 -40.30 9.65
N TYR A 239 -8.53 -40.88 10.80
CA TYR A 239 -7.15 -41.06 11.22
C TYR A 239 -6.98 -42.44 11.83
N ILE A 240 -5.74 -42.91 11.82
CA ILE A 240 -5.36 -44.16 12.45
C ILE A 240 -4.70 -43.84 13.79
N VAL A 241 -5.12 -44.53 14.84
CA VAL A 241 -4.54 -44.35 16.16
C VAL A 241 -3.28 -45.20 16.28
N CYS A 242 -2.19 -44.57 16.72
CA CYS A 242 -0.88 -45.17 16.80
C CYS A 242 -0.33 -44.99 18.20
N PRO A 243 0.55 -45.89 18.65
CA PRO A 243 1.09 -45.77 20.00
C PRO A 243 1.90 -44.50 20.14
N PRO A 244 2.00 -43.97 21.36
CA PRO A 244 2.70 -42.69 21.55
C PRO A 244 4.15 -42.75 21.09
N GLY A 245 4.62 -41.65 20.53
CA GLY A 245 5.98 -41.56 20.05
C GLY A 245 6.11 -40.42 19.07
N THR A 246 7.25 -40.43 18.36
CA THR A 246 7.50 -39.42 17.34
C THR A 246 6.81 -39.79 16.03
N ASP A 247 6.90 -38.91 15.04
CA ASP A 247 6.30 -39.19 13.74
C ASP A 247 6.96 -40.40 13.09
N GLN A 248 8.28 -40.51 13.22
CA GLN A 248 9.00 -41.64 12.61
C GLN A 248 8.52 -42.97 13.17
N GLU A 249 8.33 -43.04 14.49
CA GLU A 249 7.86 -44.29 15.10
C GLU A 249 6.46 -44.66 14.61
N ALA A 250 5.56 -43.68 14.52
CA ALA A 250 4.21 -43.97 14.04
C ALA A 250 4.23 -44.42 12.58
N ILE A 251 5.05 -43.76 11.75
CA ILE A 251 5.14 -44.14 10.34
C ILE A 251 5.70 -45.55 10.20
N SER A 252 6.72 -45.88 10.98
CA SER A 252 7.27 -47.24 10.95
C SER A 252 6.24 -48.26 11.42
N TRP A 253 5.47 -47.92 12.46
CA TRP A 253 4.44 -48.81 12.96
C TRP A 253 3.39 -49.08 11.90
N ILE A 254 2.96 -48.04 11.18
CA ILE A 254 1.96 -48.21 10.13
C ILE A 254 2.54 -49.02 8.98
N HIS A 255 3.76 -48.70 8.55
CA HIS A 255 4.33 -49.36 7.38
C HIS A 255 4.59 -50.84 7.64
N SER A 256 5.11 -51.18 8.81
CA SER A 256 5.54 -52.54 9.08
C SER A 256 4.39 -53.48 9.41
N GLN A 257 3.20 -52.97 9.71
CA GLN A 257 2.07 -53.78 10.16
C GLN A 257 0.82 -53.43 9.35
N SER A 258 0.96 -53.38 8.03
CA SER A 258 -0.16 -53.10 7.16
C SER A 258 0.11 -53.66 5.77
N GLU A 259 -0.96 -53.82 5.00
CA GLU A 259 -0.88 -54.23 3.61
C GLU A 259 -1.94 -53.49 2.81
N ILE A 260 -1.65 -53.27 1.53
CA ILE A 260 -2.47 -52.44 0.65
C ILE A 260 -2.97 -53.30 -0.51
N GLU A 261 -4.29 -53.26 -0.74
CA GLU A 261 -4.88 -53.83 -1.93
C GLU A 261 -5.95 -52.88 -2.45
N CYS A 262 -5.97 -52.67 -3.75
CA CYS A 262 -6.90 -51.71 -4.35
C CYS A 262 -8.30 -52.30 -4.46
N ILE A 263 -9.30 -51.46 -4.18
CA ILE A 263 -10.69 -51.83 -4.36
C ILE A 263 -11.36 -51.00 -5.45
N ARG A 264 -11.01 -49.71 -5.56
CA ARG A 264 -11.52 -48.87 -6.64
C ARG A 264 -10.34 -48.16 -7.29
N GLU A 265 -10.26 -48.24 -8.61
CA GLU A 265 -9.20 -47.60 -9.37
C GLU A 265 -9.80 -46.54 -10.29
N SER A 266 -9.15 -45.38 -10.35
CA SER A 266 -9.55 -44.29 -11.21
C SER A 266 -8.49 -44.08 -12.29
N LYS A 267 -8.94 -43.74 -13.50
CA LYS A 267 -8.00 -43.46 -14.57
C LYS A 267 -7.17 -42.21 -14.27
N SER A 268 -7.72 -41.27 -13.51
CA SER A 268 -6.96 -40.08 -13.13
C SER A 268 -5.81 -40.43 -12.21
N THR A 269 -6.02 -41.35 -11.27
CA THR A 269 -5.01 -41.78 -10.32
C THR A 269 -4.79 -43.27 -10.50
N PRO A 270 -3.82 -43.67 -11.32
CA PRO A 270 -3.59 -45.11 -11.56
C PRO A 270 -3.21 -45.82 -10.26
N ALA A 271 -3.62 -47.09 -10.17
CA ALA A 271 -3.38 -47.88 -8.97
C ALA A 271 -1.90 -48.19 -8.76
N SER A 272 -1.05 -47.96 -9.76
CA SER A 272 0.37 -48.25 -9.60
C SER A 272 1.07 -47.23 -8.70
N VAL A 273 0.54 -46.02 -8.59
CA VAL A 273 1.18 -44.97 -7.82
C VAL A 273 1.26 -45.30 -6.34
N ILE A 274 0.54 -46.34 -5.88
CA ILE A 274 0.71 -46.77 -4.50
C ILE A 274 2.14 -47.22 -4.24
N THR A 275 2.81 -47.74 -5.27
CA THR A 275 4.22 -48.10 -5.14
C THR A 275 5.04 -46.89 -4.72
N CYS A 276 4.63 -45.69 -5.13
CA CYS A 276 5.29 -44.48 -4.65
C CYS A 276 5.10 -44.32 -3.15
N LEU A 277 3.86 -44.43 -2.68
CA LEU A 277 3.57 -44.17 -1.27
C LEU A 277 4.30 -45.14 -0.36
N THR A 278 4.25 -46.44 -0.69
CA THR A 278 4.98 -47.43 0.09
C THR A 278 6.48 -47.19 0.01
N SER A 279 6.94 -46.56 -1.07
CA SER A 279 8.36 -46.21 -1.16
C SER A 279 8.71 -45.06 -0.23
N SER A 280 7.75 -44.20 0.11
CA SER A 280 8.01 -43.06 0.99
C SER A 280 7.69 -43.36 2.44
N LEU A 281 6.89 -44.39 2.73
CA LEU A 281 6.61 -44.75 4.11
C LEU A 281 7.86 -45.33 4.77
N GLN A 282 8.38 -46.44 4.23
CA GLN A 282 9.57 -47.06 4.80
C GLN A 282 10.75 -46.09 4.79
N SER A 283 10.87 -45.28 3.74
CA SER A 283 11.93 -44.27 3.71
C SER A 283 11.76 -43.29 4.86
N PHE A 284 10.54 -42.91 5.18
CA PHE A 284 10.30 -42.09 6.36
C PHE A 284 10.43 -42.91 7.64
N ALA A 285 10.21 -44.23 7.56
CA ALA A 285 10.34 -45.07 8.75
C ALA A 285 11.79 -45.16 9.22
N GLU A 286 12.73 -45.09 8.29
CA GLU A 286 14.15 -45.18 8.61
C GLU A 286 14.78 -43.83 8.88
N GLY A 287 14.00 -42.76 8.92
CA GLY A 287 14.49 -41.44 9.23
C GLY A 287 14.84 -40.56 8.06
N ASN A 288 14.44 -40.93 6.85
CA ASN A 288 14.73 -40.13 5.66
C ASN A 288 13.44 -39.58 5.07
N PRO A 289 13.09 -38.32 5.37
CA PRO A 289 11.85 -37.76 4.80
C PRO A 289 11.89 -37.59 3.29
N VAL A 290 13.06 -37.60 2.68
CA VAL A 290 13.22 -37.45 1.23
C VAL A 290 13.90 -38.70 0.69
N ARG A 291 13.36 -39.23 -0.41
CA ARG A 291 13.85 -40.46 -1.01
C ARG A 291 14.25 -40.20 -2.46
N SER A 292 14.70 -41.26 -3.13
CA SER A 292 15.13 -41.16 -4.52
C SER A 292 13.90 -41.23 -5.44
N ARG A 293 14.14 -41.38 -6.73
CA ARG A 293 13.09 -41.44 -7.74
C ARG A 293 12.93 -42.87 -8.24
N ILE A 294 11.69 -43.34 -8.27
CA ILE A 294 11.37 -44.64 -8.82
C ILE A 294 10.55 -44.46 -10.10
N HIS A 295 10.36 -45.55 -10.83
CA HIS A 295 9.66 -45.47 -12.11
C HIS A 295 8.22 -45.00 -11.93
N GLU A 296 7.53 -45.52 -10.92
CA GLU A 296 6.13 -45.18 -10.72
C GLU A 296 5.94 -43.70 -10.39
N ASP A 297 7.00 -42.99 -10.02
CA ASP A 297 6.89 -41.56 -9.80
C ASP A 297 6.62 -40.81 -11.10
N ILE A 298 7.10 -41.34 -12.23
CA ILE A 298 7.01 -40.61 -13.50
C ILE A 298 5.57 -40.31 -13.85
N ILE A 299 4.69 -41.31 -13.71
CA ILE A 299 3.27 -41.11 -13.98
C ILE A 299 2.51 -40.60 -12.76
N ALA A 300 3.17 -40.47 -11.61
CA ALA A 300 2.50 -40.01 -10.40
C ALA A 300 2.69 -38.53 -10.13
N PHE A 301 3.75 -37.92 -10.67
CA PHE A 301 4.03 -36.51 -10.45
C PHE A 301 4.09 -35.71 -11.74
N GLY A 302 3.70 -36.31 -12.86
CA GLY A 302 3.68 -35.59 -14.13
C GLY A 302 5.05 -35.13 -14.59
N ILE A 303 6.06 -35.96 -14.40
CA ILE A 303 7.42 -35.61 -14.81
C ILE A 303 7.53 -35.71 -16.32
N ASN A 304 8.04 -34.65 -16.95
CA ASN A 304 8.23 -34.59 -18.40
C ASN A 304 6.92 -34.75 -19.16
N LYS A 305 5.80 -34.35 -18.54
CA LYS A 305 4.51 -34.45 -19.18
C LYS A 305 4.31 -33.34 -20.22
N LYS A 306 4.83 -32.14 -19.94
CA LYS A 306 4.61 -31.02 -20.85
C LYS A 306 5.21 -31.27 -22.22
N GLN A 307 6.44 -31.78 -22.27
CA GLN A 307 7.08 -32.00 -23.56
C GLN A 307 6.36 -33.10 -24.35
N GLU A 308 5.91 -34.15 -23.66
CA GLU A 308 5.17 -35.21 -24.34
C GLU A 308 3.85 -34.69 -24.90
N LYS A 309 3.14 -33.88 -24.11
CA LYS A 309 1.89 -33.31 -24.60
C LYS A 309 2.12 -32.38 -25.79
N LYS A 310 3.18 -31.57 -25.72
CA LYS A 310 3.51 -30.69 -26.84
C LYS A 310 3.85 -31.48 -28.09
N GLN A 311 4.63 -32.56 -27.94
CA GLN A 311 4.98 -33.39 -29.09
C GLN A 311 3.74 -34.03 -29.69
N SER A 312 2.84 -34.55 -28.85
CA SER A 312 1.62 -35.16 -29.36
C SER A 312 0.75 -34.15 -30.08
N ALA A 313 0.61 -32.94 -29.53
CA ALA A 313 -0.19 -31.91 -30.18
C ALA A 313 0.43 -31.49 -31.51
N SER A 314 1.76 -31.35 -31.55
CA SER A 314 2.42 -30.96 -32.79
C SER A 314 2.27 -32.03 -33.86
N SER A 315 2.39 -33.30 -33.47
CA SER A 315 2.32 -34.40 -34.44
C SER A 315 0.90 -34.79 -34.79
N SER A 316 -0.10 -34.32 -34.06
CA SER A 316 -1.49 -34.71 -34.30
C SER A 316 -2.36 -33.58 -34.80
N ALA A 317 -2.29 -32.41 -34.15
CA ALA A 317 -3.19 -31.32 -34.49
C ALA A 317 -2.88 -30.74 -35.86
N SER A 318 -3.94 -30.42 -36.60
CA SER A 318 -3.81 -29.79 -37.91
C SER A 318 -5.11 -29.09 -38.25
N GLY A 319 -5.04 -28.17 -39.20
CA GLY A 319 -6.23 -27.43 -39.63
C GLY A 319 -5.97 -25.96 -39.88
N GLU A 320 -6.77 -25.11 -39.23
CA GLU A 320 -6.63 -23.67 -39.38
C GLU A 320 -6.76 -23.01 -38.00
N TRP A 321 -6.01 -21.93 -37.81
CA TRP A 321 -5.99 -21.26 -36.51
C TRP A 321 -7.31 -20.55 -36.26
N LYS A 322 -7.87 -20.76 -35.06
CA LYS A 322 -9.11 -20.12 -34.65
C LYS A 322 -8.97 -19.65 -33.21
N ARG A 323 -9.92 -18.85 -32.77
CA ARG A 323 -9.88 -18.31 -31.41
C ARG A 323 -10.05 -19.42 -30.39
N ALA A 324 -9.54 -19.16 -29.18
CA ALA A 324 -9.54 -20.18 -28.13
C ALA A 324 -10.95 -20.60 -27.76
N GLU A 325 -11.83 -19.62 -27.52
CA GLU A 325 -13.24 -19.84 -27.17
C GLU A 325 -13.39 -20.93 -26.11
N TYR A 326 -12.86 -20.64 -24.92
CA TYR A 326 -12.96 -21.55 -23.81
C TYR A 326 -14.42 -21.68 -23.36
N GLN A 327 -14.68 -22.73 -22.58
CA GLN A 327 -16.01 -22.96 -22.02
C GLN A 327 -15.87 -23.66 -20.68
N VAL A 328 -16.86 -23.46 -19.82
CA VAL A 328 -16.90 -24.06 -18.49
C VAL A 328 -18.14 -24.93 -18.40
N GLU A 329 -17.95 -26.18 -17.99
CA GLU A 329 -19.05 -27.14 -17.93
C GLU A 329 -19.94 -26.84 -16.75
N GLU A 330 -21.21 -26.55 -17.02
CA GLU A 330 -22.17 -26.31 -15.94
C GLU A 330 -22.51 -27.60 -15.23
N MET A 331 -22.64 -27.52 -13.91
CA MET A 331 -22.92 -28.69 -13.08
C MET A 331 -24.00 -28.35 -12.07
N SER A 332 -24.73 -29.37 -11.64
CA SER A 332 -25.82 -29.21 -10.71
C SER A 332 -25.34 -29.40 -9.27
N LEU A 333 -26.23 -29.13 -8.33
CA LEU A 333 -25.90 -29.26 -6.91
C LEU A 333 -25.76 -30.72 -6.54
N PRO A 334 -24.62 -31.16 -6.03
CA PRO A 334 -24.44 -32.57 -5.69
C PRO A 334 -25.14 -32.91 -4.38
N PRO A 335 -25.61 -34.15 -4.24
CA PRO A 335 -26.26 -34.54 -2.97
C PRO A 335 -25.31 -34.57 -1.79
N TRP A 336 -24.00 -34.64 -2.01
CA TRP A 336 -23.07 -34.83 -0.89
C TRP A 336 -22.81 -33.56 -0.09
N VAL A 337 -23.29 -32.40 -0.54
CA VAL A 337 -23.04 -31.18 0.22
C VAL A 337 -23.81 -31.20 1.53
N GLU A 338 -25.06 -31.64 1.50
CA GLU A 338 -25.85 -31.76 2.73
C GLU A 338 -25.25 -32.81 3.66
N GLU A 339 -24.76 -33.92 3.10
CA GLU A 339 -24.08 -34.92 3.92
C GLU A 339 -22.82 -34.36 4.56
N GLU A 340 -22.04 -33.61 3.80
CA GLU A 340 -20.85 -32.97 4.35
C GLU A 340 -21.20 -32.02 5.48
N MET A 341 -22.30 -31.26 5.31
CA MET A 341 -22.76 -30.38 6.38
C MET A 341 -23.13 -31.15 7.63
N VAL A 342 -23.97 -32.18 7.49
CA VAL A 342 -24.45 -32.89 8.67
C VAL A 342 -23.32 -33.67 9.34
N LEU A 343 -22.29 -34.06 8.59
CA LEU A 343 -21.19 -34.82 9.16
C LEU A 343 -20.11 -33.93 9.76
N LEU A 344 -19.89 -32.73 9.22
CA LEU A 344 -18.85 -31.85 9.73
C LEU A 344 -19.17 -31.33 11.12
N ARG A 345 -20.44 -31.30 11.50
CA ARG A 345 -20.85 -30.79 12.81
C ARG A 345 -20.95 -31.89 13.86
N SER A 346 -20.60 -33.13 13.52
CA SER A 346 -20.70 -34.23 14.47
C SER A 346 -19.76 -34.01 15.65
N ASP A 347 -20.22 -34.40 16.84
CA ASP A 347 -19.47 -34.16 18.06
C ASP A 347 -18.24 -35.06 18.13
N GLN A 348 -17.20 -34.56 18.80
CA GLN A 348 -15.95 -35.28 18.96
C GLN A 348 -15.59 -35.35 20.44
N GLU A 349 -14.74 -36.32 20.78
CA GLU A 349 -14.35 -36.49 22.18
C GLU A 349 -13.30 -35.48 22.62
N ASP A 350 -12.40 -35.06 21.72
CA ASP A 350 -11.34 -34.12 22.05
C ASP A 350 -11.75 -32.71 21.68
N ASN A 351 -10.85 -31.76 21.92
CA ASN A 351 -11.12 -30.34 21.66
C ASN A 351 -10.57 -29.86 20.32
N TRP A 352 -9.42 -30.39 19.89
CA TRP A 352 -8.88 -30.13 18.56
C TRP A 352 -8.51 -28.68 18.32
N ILE A 353 -8.71 -27.81 19.30
CA ILE A 353 -8.35 -26.40 19.18
C ILE A 353 -7.42 -26.08 20.34
N GLU A 354 -6.12 -26.16 20.10
CA GLU A 354 -5.11 -25.84 21.10
C GLU A 354 -4.51 -24.48 20.75
N LEU A 355 -4.76 -23.49 21.59
CA LEU A 355 -4.23 -22.15 21.41
C LEU A 355 -3.77 -21.63 22.76
N GLU A 356 -2.52 -21.16 22.81
CA GLU A 356 -1.97 -20.65 24.06
C GLU A 356 -2.75 -19.43 24.53
N LYS A 357 -3.19 -19.46 25.78
CA LYS A 357 -3.97 -18.36 26.33
C LYS A 357 -3.10 -17.11 26.41
N ASN A 358 -3.72 -15.97 26.12
CA ASN A 358 -3.01 -14.70 26.30
C ASN A 358 -3.03 -14.29 27.77
N ALA A 359 -2.25 -13.26 28.08
CA ALA A 359 -2.19 -12.78 29.45
C ALA A 359 -3.49 -12.07 29.83
N ILE A 360 -3.68 -11.88 31.13
CA ILE A 360 -4.82 -11.16 31.67
C ILE A 360 -4.31 -10.13 32.68
N TYR A 361 -4.72 -8.88 32.51
CA TYR A 361 -4.26 -7.82 33.39
C TYR A 361 -5.42 -7.00 33.92
N THR A 362 -6.52 -6.96 33.18
CA THR A 362 -7.70 -6.21 33.58
C THR A 362 -8.94 -7.06 33.36
N GLU A 363 -10.09 -6.52 33.80
CA GLU A 363 -11.35 -7.26 33.69
C GLU A 363 -11.82 -7.36 32.24
N VAL A 364 -11.52 -6.36 31.41
CA VAL A 364 -11.83 -6.46 29.99
C VAL A 364 -11.09 -7.63 29.36
N ASP A 365 -9.83 -7.82 29.76
CA ASP A 365 -9.05 -8.96 29.31
C ASP A 365 -9.69 -10.26 29.74
N GLY A 366 -10.18 -10.32 30.98
CA GLY A 366 -10.87 -11.51 31.43
C GLY A 366 -12.13 -11.79 30.65
N VAL A 367 -12.90 -10.75 30.33
CA VAL A 367 -14.11 -10.93 29.52
C VAL A 367 -13.76 -11.47 28.14
N ALA A 368 -12.74 -10.88 27.50
CA ALA A 368 -12.35 -11.33 26.17
C ALA A 368 -11.86 -12.77 26.19
N GLU A 369 -11.03 -13.12 27.18
CA GLU A 369 -10.52 -14.48 27.26
C GLU A 369 -11.63 -15.48 27.57
N GLY A 370 -12.58 -15.09 28.40
CA GLY A 370 -13.71 -15.97 28.65
C GLY A 370 -14.54 -16.22 27.40
N LEU A 371 -14.77 -15.16 26.61
CA LEU A 371 -15.52 -15.32 25.37
C LEU A 371 -14.77 -16.25 24.41
N VAL A 372 -13.47 -16.05 24.26
CA VAL A 372 -12.70 -16.89 23.33
C VAL A 372 -12.68 -18.33 23.83
N ASP A 373 -12.50 -18.54 25.13
CA ASP A 373 -12.47 -19.89 25.67
C ASP A 373 -13.79 -20.60 25.48
N LYS A 374 -14.90 -19.89 25.71
CA LYS A 374 -16.20 -20.54 25.54
C LYS A 374 -16.49 -20.83 24.07
N TYR A 375 -16.07 -19.94 23.18
CA TYR A 375 -16.23 -20.21 21.75
C TYR A 375 -15.41 -21.43 21.34
N ILE A 376 -14.18 -21.55 21.86
CA ILE A 376 -13.37 -22.72 21.57
C ILE A 376 -14.03 -23.97 22.12
N GLU A 377 -14.66 -23.87 23.29
CA GLU A 377 -15.38 -25.00 23.84
C GLU A 377 -16.53 -25.43 22.93
N ILE A 378 -17.28 -24.46 22.40
CA ILE A 378 -18.47 -24.80 21.64
C ILE A 378 -18.17 -25.22 20.21
N VAL A 379 -17.06 -24.79 19.62
CA VAL A 379 -16.73 -25.19 18.25
C VAL A 379 -15.52 -26.10 18.19
N GLY A 380 -15.03 -26.59 19.33
CA GLY A 380 -13.84 -27.40 19.33
C GLY A 380 -14.10 -28.88 19.13
N ARG A 381 -15.03 -29.44 19.91
CA ARG A 381 -15.34 -30.86 19.81
C ARG A 381 -16.30 -31.13 18.65
N THR A 382 -15.86 -30.75 17.46
CA THR A 382 -16.60 -30.95 16.23
C THR A 382 -15.66 -31.51 15.17
N LYS A 383 -16.24 -32.23 14.21
CA LYS A 383 -15.43 -32.81 13.14
C LYS A 383 -14.77 -31.75 12.30
N VAL A 384 -15.43 -30.60 12.11
CA VAL A 384 -14.87 -29.54 11.29
C VAL A 384 -13.59 -28.98 11.90
N ALA A 385 -13.52 -28.91 13.23
CA ALA A 385 -12.29 -28.47 13.88
C ALA A 385 -11.14 -29.43 13.60
N SER A 386 -11.40 -30.74 13.67
CA SER A 386 -10.37 -31.71 13.37
C SER A 386 -9.91 -31.62 11.92
N VAL A 387 -10.86 -31.42 11.00
CA VAL A 387 -10.49 -31.27 9.60
C VAL A 387 -9.69 -29.99 9.38
N ILE A 388 -10.02 -28.93 10.12
CA ILE A 388 -9.26 -27.69 10.03
C ILE A 388 -7.83 -27.91 10.50
N GLU A 389 -7.65 -28.64 11.60
CA GLU A 389 -6.29 -28.94 12.06
C GLU A 389 -5.55 -29.81 11.06
N LYS A 390 -6.23 -30.78 10.45
CA LYS A 390 -5.62 -31.59 9.41
C LYS A 390 -5.13 -30.74 8.25
N TRP A 391 -5.99 -29.84 7.76
CA TRP A 391 -5.61 -28.97 6.66
C TRP A 391 -4.45 -28.06 7.06
N GLN A 392 -4.51 -27.51 8.27
CA GLN A 392 -3.41 -26.68 8.76
C GLN A 392 -2.10 -27.44 8.74
N ILE A 393 -2.07 -28.63 9.32
CA ILE A 393 -0.83 -29.40 9.42
C ILE A 393 -0.33 -29.78 8.04
N ALA A 394 -1.22 -30.29 7.18
CA ALA A 394 -0.79 -30.74 5.87
C ALA A 394 -0.25 -29.58 5.04
N ALA A 395 -0.99 -28.47 4.99
CA ALA A 395 -0.55 -27.33 4.20
C ALA A 395 0.75 -26.75 4.75
N THR A 396 0.87 -26.66 6.09
CA THR A 396 2.07 -26.12 6.68
C THR A 396 3.29 -26.97 6.34
N ARG A 397 3.16 -28.30 6.50
CA ARG A 397 4.30 -29.17 6.25
C ARG A 397 4.65 -29.25 4.77
N THR A 398 3.65 -29.13 3.89
CA THR A 398 3.96 -29.09 2.47
C THR A 398 4.60 -27.78 2.06
N PHE A 399 4.14 -26.66 2.64
CA PHE A 399 4.69 -25.36 2.31
C PHE A 399 6.11 -25.20 2.83
N SER A 400 6.40 -25.78 3.99
CA SER A 400 7.74 -25.68 4.55
C SER A 400 8.79 -26.39 3.71
N GLN A 401 8.39 -27.24 2.77
CA GLN A 401 9.31 -27.99 1.92
C GLN A 401 9.27 -27.54 0.46
N LEU A 402 8.71 -26.36 0.19
CA LEU A 402 8.51 -25.88 -1.17
C LEU A 402 9.65 -25.01 -1.66
N HIS A 403 10.07 -24.03 -0.85
CA HIS A 403 11.06 -23.05 -1.32
C HIS A 403 12.37 -23.72 -1.68
N THR A 404 12.81 -24.70 -0.89
CA THR A 404 14.02 -25.44 -1.19
C THR A 404 13.80 -26.27 -2.45
N ASP A 405 14.44 -25.86 -3.54
CA ASP A 405 14.31 -26.58 -4.80
C ASP A 405 14.97 -27.95 -4.69
N ARG A 406 14.25 -28.98 -5.11
CA ARG A 406 14.74 -30.35 -5.08
C ARG A 406 14.43 -31.04 -6.41
N SER A 407 14.98 -32.25 -6.54
CA SER A 407 14.66 -33.14 -7.65
C SER A 407 14.24 -34.51 -7.13
N ARG A 408 13.94 -34.61 -5.84
CA ARG A 408 13.60 -35.88 -5.20
C ARG A 408 12.31 -35.73 -4.42
N ILE A 409 11.67 -36.87 -4.17
CA ILE A 409 10.33 -36.89 -3.59
C ILE A 409 10.42 -36.77 -2.08
N THR A 410 9.62 -35.86 -1.52
CA THR A 410 9.59 -35.59 -0.09
C THR A 410 8.26 -36.05 0.50
N ALA A 411 8.32 -36.62 1.70
CA ALA A 411 7.15 -37.10 2.40
C ALA A 411 6.86 -36.20 3.59
N CYS A 412 5.60 -35.78 3.72
CA CYS A 412 5.16 -34.89 4.79
C CYS A 412 3.97 -35.52 5.50
N PRO A 413 4.22 -36.33 6.54
CA PRO A 413 3.11 -36.99 7.23
C PRO A 413 2.18 -35.99 7.91
N ILE A 414 0.90 -36.35 7.94
CA ILE A 414 -0.12 -35.59 8.66
C ILE A 414 -0.39 -36.36 9.95
N ILE A 415 0.23 -35.94 11.04
CA ILE A 415 0.14 -36.63 12.31
C ILE A 415 -0.19 -35.61 13.40
N THR A 416 -1.20 -35.93 14.21
CA THR A 416 -1.65 -35.08 15.30
C THR A 416 -1.50 -35.84 16.62
N ARG A 417 -1.43 -35.11 17.72
CA ARG A 417 -1.33 -35.71 19.04
C ARG A 417 -2.61 -35.43 19.82
N ASP A 418 -3.29 -36.49 20.25
CA ASP A 418 -4.45 -36.36 21.11
C ASP A 418 -4.01 -36.08 22.54
N PRO A 419 -4.91 -35.62 23.41
CA PRO A 419 -4.51 -35.37 24.80
C PRO A 419 -4.37 -36.65 25.60
N SER A 420 -3.72 -37.66 25.01
CA SER A 420 -3.34 -38.87 25.71
C SER A 420 -1.98 -39.39 25.27
N GLY A 421 -1.28 -38.70 24.37
CA GLY A 421 0.00 -39.12 23.87
C GLY A 421 -0.03 -39.90 22.58
N ASN A 422 -1.19 -40.46 22.21
CA ASN A 422 -1.27 -41.29 21.02
C ASN A 422 -1.10 -40.45 19.76
N CYS A 423 -0.69 -41.11 18.69
CA CYS A 423 -0.55 -40.46 17.39
C CYS A 423 -1.80 -40.69 16.55
N GLN A 424 -2.15 -39.69 15.75
CA GLN A 424 -3.29 -39.76 14.85
C GLN A 424 -2.79 -39.49 13.44
N PHE A 425 -2.82 -40.52 12.61
CA PHE A 425 -2.31 -40.46 11.24
C PHE A 425 -3.47 -40.19 10.30
N TRP A 426 -3.53 -38.98 9.74
CA TRP A 426 -4.55 -38.67 8.75
C TRP A 426 -4.13 -39.08 7.35
N GLY A 427 -2.84 -38.95 7.03
CA GLY A 427 -2.37 -39.33 5.71
C GLY A 427 -0.97 -38.80 5.46
N MET A 428 -0.56 -38.93 4.21
CA MET A 428 0.77 -38.53 3.77
C MET A 428 0.66 -37.79 2.44
N VAL A 429 1.30 -36.63 2.35
CA VAL A 429 1.39 -35.87 1.12
C VAL A 429 2.83 -35.97 0.60
N LEU A 430 2.97 -36.40 -0.65
CA LEU A 430 4.28 -36.55 -1.29
C LEU A 430 4.46 -35.43 -2.28
N LEU A 431 5.60 -34.74 -2.19
CA LEU A 431 5.91 -33.60 -3.02
C LEU A 431 6.93 -34.00 -4.06
N GLY A 432 6.67 -33.66 -5.32
CA GLY A 432 7.55 -34.02 -6.41
C GLY A 432 8.73 -33.08 -6.53
N PRO A 433 9.37 -33.06 -7.70
CA PRO A 433 10.54 -32.18 -7.89
C PRO A 433 10.24 -30.71 -7.63
N HIS A 434 9.06 -30.24 -8.03
CA HIS A 434 8.57 -28.89 -7.74
C HIS A 434 9.63 -27.81 -8.00
N HIS A 435 10.02 -27.69 -9.27
CA HIS A 435 10.90 -26.61 -9.70
C HIS A 435 10.09 -25.31 -9.76
N VAL A 436 9.70 -24.84 -8.58
CA VAL A 436 8.78 -23.70 -8.45
C VAL A 436 9.60 -22.42 -8.61
N LYS A 437 9.42 -21.74 -9.74
CA LYS A 437 10.11 -20.48 -10.00
C LYS A 437 9.25 -19.28 -9.63
N ARG A 438 7.93 -19.40 -9.71
CA ARG A 438 7.01 -18.31 -9.44
C ARG A 438 6.00 -18.74 -8.39
N ASP A 439 5.49 -17.76 -7.63
CA ASP A 439 4.58 -18.06 -6.53
C ASP A 439 3.30 -18.73 -6.99
N THR A 440 2.92 -18.58 -8.26
CA THR A 440 1.72 -19.22 -8.78
C THR A 440 2.00 -20.56 -9.45
N ASP A 441 3.25 -21.03 -9.44
CA ASP A 441 3.58 -22.30 -10.05
C ASP A 441 2.98 -23.45 -9.25
N ASN A 442 2.66 -24.54 -9.95
CA ASN A 442 1.99 -25.69 -9.36
C ASN A 442 3.02 -26.77 -9.05
N ALA A 443 3.23 -27.04 -7.77
CA ALA A 443 4.05 -28.16 -7.35
C ALA A 443 3.24 -29.45 -7.40
N PRO A 444 3.81 -30.54 -7.92
CA PRO A 444 3.11 -31.82 -7.93
C PRO A 444 2.94 -32.38 -6.53
N LEU A 445 1.85 -33.10 -6.33
CA LEU A 445 1.53 -33.70 -5.05
C LEU A 445 0.79 -35.01 -5.28
N LEU A 446 1.13 -35.99 -4.45
CA LEU A 446 0.40 -37.25 -4.36
C LEU A 446 -0.11 -37.37 -2.93
N ILE A 447 -1.42 -37.28 -2.75
CA ILE A 447 -2.01 -37.20 -1.42
C ILE A 447 -2.69 -38.53 -1.11
N ALA A 448 -2.22 -39.20 -0.06
CA ALA A 448 -2.87 -40.37 0.49
C ALA A 448 -3.57 -39.96 1.77
N GLU A 449 -4.85 -40.30 1.89
CA GLU A 449 -5.65 -39.81 3.00
C GLU A 449 -6.60 -40.90 3.47
N ILE A 450 -6.82 -40.95 4.78
CA ILE A 450 -7.69 -41.98 5.36
C ILE A 450 -9.14 -41.54 5.19
N MET A 451 -9.98 -42.45 4.69
CA MET A 451 -11.36 -42.18 4.34
C MET A 451 -12.30 -42.76 5.39
N GLY A 452 -13.50 -42.19 5.46
CA GLY A 452 -14.54 -42.73 6.29
C GLY A 452 -15.54 -43.53 5.48
N GLU A 453 -15.79 -43.09 4.25
CA GLU A 453 -16.70 -43.77 3.34
C GLU A 453 -16.34 -43.38 1.92
N ASP A 454 -16.43 -44.33 1.01
CA ASP A 454 -16.11 -44.11 -0.39
C ASP A 454 -17.36 -43.82 -1.20
N THR A 455 -17.20 -43.01 -2.23
CA THR A 455 -18.29 -42.71 -3.16
C THR A 455 -17.67 -42.38 -4.51
N GLU A 456 -17.93 -43.23 -5.51
CA GLU A 456 -17.37 -42.99 -6.83
C GLU A 456 -17.91 -41.70 -7.43
N GLU A 457 -19.19 -41.42 -7.21
CA GLU A 457 -19.78 -40.18 -7.73
C GLU A 457 -19.12 -38.96 -7.11
N LYS A 458 -18.87 -38.98 -5.81
CA LYS A 458 -18.25 -37.85 -5.13
C LYS A 458 -16.75 -37.78 -5.37
N TYR A 459 -16.09 -38.92 -5.55
CA TYR A 459 -14.63 -38.97 -5.69
C TYR A 459 -14.27 -39.75 -6.94
N PRO A 460 -14.50 -39.18 -8.13
CA PRO A 460 -14.21 -39.92 -9.36
C PRO A 460 -12.73 -40.03 -9.66
N LYS A 461 -11.92 -39.06 -9.24
CA LYS A 461 -10.50 -39.03 -9.57
C LYS A 461 -9.62 -39.65 -8.49
N HIS A 462 -10.21 -40.13 -7.39
CA HIS A 462 -9.44 -40.76 -6.33
C HIS A 462 -9.38 -42.28 -6.54
N SER A 463 -8.28 -42.87 -6.08
CA SER A 463 -8.11 -44.32 -6.09
C SER A 463 -8.18 -44.82 -4.67
N VAL A 464 -9.10 -45.74 -4.40
CA VAL A 464 -9.39 -46.19 -3.04
C VAL A 464 -8.83 -47.59 -2.85
N PHE A 465 -8.01 -47.75 -1.81
CA PHE A 465 -7.36 -49.00 -1.46
C PHE A 465 -7.82 -49.42 -0.06
N SER A 466 -7.66 -50.70 0.24
CA SER A 466 -7.93 -51.21 1.56
C SER A 466 -6.67 -51.18 2.40
N LEU A 467 -6.83 -50.93 3.71
CA LEU A 467 -5.72 -50.81 4.63
C LEU A 467 -6.04 -51.59 5.89
N LYS A 468 -5.25 -52.62 6.18
CA LYS A 468 -5.48 -53.49 7.33
C LYS A 468 -4.39 -53.22 8.36
N VAL A 469 -4.79 -52.67 9.51
CA VAL A 469 -3.88 -52.45 10.62
C VAL A 469 -4.51 -53.02 11.88
N GLU A 470 -3.86 -54.04 12.46
CA GLU A 470 -4.32 -54.70 13.67
C GLU A 470 -5.81 -55.03 13.59
N GLU A 471 -6.14 -55.93 12.65
CA GLU A 471 -7.51 -56.38 12.37
C GLU A 471 -8.49 -55.21 12.29
N LYS A 472 -8.00 -54.04 11.92
CA LYS A 472 -8.83 -52.86 11.70
C LYS A 472 -8.78 -52.48 10.23
N GLN A 473 -9.94 -52.18 9.67
CA GLN A 473 -10.07 -51.86 8.25
C GLN A 473 -10.19 -50.35 8.07
N PHE A 474 -9.46 -49.83 7.08
CA PHE A 474 -9.54 -48.43 6.72
C PHE A 474 -9.47 -48.31 5.20
N LEU A 475 -9.90 -47.17 4.70
CA LEU A 475 -9.84 -46.85 3.28
C LEU A 475 -8.75 -45.81 3.06
N LEU A 476 -7.90 -46.04 2.07
CA LEU A 476 -6.81 -45.12 1.75
C LEU A 476 -7.05 -44.57 0.35
N SER A 477 -7.23 -43.25 0.25
CA SER A 477 -7.49 -42.59 -1.02
C SER A 477 -6.23 -41.92 -1.50
N LEU A 478 -5.78 -42.28 -2.70
CA LEU A 478 -4.68 -41.62 -3.38
C LEU A 478 -5.25 -40.67 -4.44
N LYS A 479 -4.75 -39.45 -4.45
CA LYS A 479 -5.14 -38.46 -5.44
C LYS A 479 -3.89 -37.77 -5.98
N ILE A 480 -3.82 -37.65 -7.30
CA ILE A 480 -2.74 -36.95 -7.98
C ILE A 480 -3.22 -35.52 -8.22
N THR A 481 -2.48 -34.55 -7.69
CA THR A 481 -2.85 -33.15 -7.86
C THR A 481 -1.60 -32.32 -8.10
N SER A 482 -1.80 -31.08 -8.53
CA SER A 482 -0.73 -30.11 -8.60
C SER A 482 -1.28 -28.80 -8.04
N PHE A 483 -0.57 -28.23 -7.06
CA PHE A 483 -1.15 -27.20 -6.23
C PHE A 483 -0.14 -26.07 -6.05
N SER A 484 -0.64 -24.85 -5.98
CA SER A 484 0.23 -23.67 -6.03
C SER A 484 0.75 -23.30 -4.65
N ARG A 485 1.86 -22.55 -4.65
CA ARG A 485 2.44 -22.10 -3.40
C ARG A 485 1.53 -21.10 -2.68
N ASN A 486 0.86 -20.23 -3.45
CA ASN A 486 -0.05 -19.27 -2.84
C ASN A 486 -1.18 -19.98 -2.10
N LYS A 487 -1.78 -20.98 -2.74
CA LYS A 487 -2.90 -21.67 -2.13
C LYS A 487 -2.45 -22.50 -0.93
N LEU A 488 -1.29 -23.14 -1.03
CA LEU A 488 -0.76 -23.90 0.11
C LEU A 488 -0.47 -22.99 1.28
N TYR A 489 0.11 -21.81 1.02
CA TYR A 489 0.36 -20.86 2.09
C TYR A 489 -0.95 -20.37 2.70
N THR A 490 -1.96 -20.11 1.86
CA THR A 490 -3.25 -19.64 2.36
C THR A 490 -3.89 -20.68 3.27
N PHE A 491 -3.84 -21.95 2.87
CA PHE A 491 -4.42 -23.01 3.68
C PHE A 491 -3.55 -23.38 4.87
N SER A 492 -2.28 -22.99 4.87
CA SER A 492 -1.45 -23.16 6.06
C SER A 492 -1.90 -22.24 7.19
N ASN A 493 -2.62 -21.18 6.87
CA ASN A 493 -3.23 -20.29 7.86
C ASN A 493 -4.75 -20.42 7.84
N ILE A 494 -5.25 -21.63 7.60
CA ILE A 494 -6.68 -21.85 7.49
C ILE A 494 -7.39 -21.60 8.81
N ARG A 495 -6.66 -21.58 9.92
CA ARG A 495 -7.27 -21.37 11.23
C ARG A 495 -8.01 -20.04 11.31
N ARG A 496 -7.67 -19.08 10.45
CA ARG A 496 -8.37 -17.80 10.44
C ARG A 496 -9.85 -17.96 10.14
N VAL A 497 -10.26 -19.10 9.56
CA VAL A 497 -11.67 -19.35 9.31
C VAL A 497 -12.47 -19.28 10.61
N LEU A 498 -11.81 -19.49 11.76
CA LEU A 498 -12.51 -19.42 13.03
C LEU A 498 -12.99 -18.01 13.36
N ILE A 499 -12.46 -16.99 12.69
CA ILE A 499 -12.75 -15.61 13.08
C ILE A 499 -14.20 -15.25 12.77
N GLN A 500 -14.67 -15.58 11.56
CA GLN A 500 -16.00 -15.16 11.15
C GLN A 500 -17.11 -15.72 12.02
N PRO A 501 -17.16 -17.03 12.32
CA PRO A 501 -18.21 -17.51 13.25
C PRO A 501 -18.10 -16.89 14.63
N ALA A 502 -16.88 -16.79 15.17
CA ALA A 502 -16.69 -16.25 16.51
C ALA A 502 -17.33 -14.88 16.64
N SER A 503 -17.06 -14.00 15.67
CA SER A 503 -17.71 -12.70 15.62
C SER A 503 -19.20 -12.83 15.88
N ILE A 504 -19.87 -13.64 15.05
CA ILE A 504 -21.32 -13.81 15.19
C ILE A 504 -21.64 -14.24 16.62
N TYR A 505 -20.93 -15.24 17.11
CA TYR A 505 -21.16 -15.72 18.47
C TYR A 505 -21.06 -14.56 19.46
N SER A 506 -19.94 -13.82 19.40
CA SER A 506 -19.77 -12.71 20.31
C SER A 506 -20.87 -11.68 20.10
N GLN A 507 -21.20 -11.38 18.84
CA GLN A 507 -22.21 -10.38 18.55
C GLN A 507 -23.56 -10.78 19.10
N VAL A 508 -23.76 -12.05 19.41
CA VAL A 508 -24.97 -12.45 20.13
C VAL A 508 -24.79 -12.25 21.62
N VAL A 509 -23.71 -12.80 22.18
CA VAL A 509 -23.55 -12.83 23.63
C VAL A 509 -23.47 -11.41 24.17
N LEU A 510 -22.59 -10.60 23.59
CA LEU A 510 -22.48 -9.20 24.00
C LEU A 510 -23.83 -8.50 23.88
N SER A 511 -24.59 -8.82 22.82
CA SER A 511 -25.90 -8.21 22.65
C SER A 511 -26.78 -8.49 23.85
N ARG A 512 -26.80 -9.75 24.31
CA ARG A 512 -27.57 -10.07 25.51
C ARG A 512 -27.08 -9.27 26.71
N ALA A 513 -25.76 -9.10 26.83
CA ALA A 513 -25.24 -8.24 27.88
C ALA A 513 -25.78 -6.83 27.74
N ALA A 514 -25.80 -6.30 26.51
CA ALA A 514 -26.34 -4.97 26.29
C ALA A 514 -27.81 -4.88 26.65
N GLU A 515 -28.52 -6.02 26.69
CA GLU A 515 -29.92 -6.02 27.07
C GLU A 515 -30.12 -5.91 28.57
N ASN A 516 -29.10 -6.26 29.38
CA ASN A 516 -29.27 -6.25 30.82
C ASN A 516 -28.06 -5.73 31.59
N ASN A 517 -27.03 -5.24 30.91
CA ASN A 517 -25.81 -4.75 31.56
C ASN A 517 -25.21 -5.82 32.48
N SER A 518 -25.13 -7.03 31.96
CA SER A 518 -24.57 -8.14 32.73
C SER A 518 -24.15 -9.24 31.77
N LEU A 519 -22.86 -9.53 31.70
CA LEU A 519 -22.38 -10.62 30.87
C LEU A 519 -22.77 -11.96 31.48
N ASN A 520 -23.04 -12.93 30.62
CA ASN A 520 -23.44 -14.26 31.04
C ASN A 520 -22.46 -15.35 30.63
N LEU A 521 -21.95 -15.30 29.40
CA LEU A 521 -20.98 -16.25 28.88
C LEU A 521 -21.53 -17.67 28.82
N GLU A 522 -22.82 -17.84 29.16
CA GLU A 522 -23.46 -19.14 29.13
C GLU A 522 -24.81 -19.09 28.40
N VAL A 523 -25.15 -17.97 27.79
CA VAL A 523 -26.41 -17.85 27.07
C VAL A 523 -26.36 -18.69 25.80
N ASN A 524 -27.42 -19.46 25.56
CA ASN A 524 -27.59 -20.23 24.33
C ASN A 524 -28.97 -19.92 23.78
N PRO A 525 -29.15 -18.72 23.23
CA PRO A 525 -30.51 -18.25 22.88
C PRO A 525 -31.15 -19.02 21.74
N GLU A 526 -32.38 -18.63 21.39
CA GLU A 526 -33.14 -19.26 20.32
C GLU A 526 -33.00 -18.41 19.06
N ILE A 527 -32.17 -18.87 18.14
CA ILE A 527 -32.00 -18.23 16.84
C ILE A 527 -33.03 -18.82 15.89
N GLN A 528 -33.84 -17.96 15.28
CA GLN A 528 -34.90 -18.38 14.37
C GLN A 528 -34.39 -18.31 12.94
N LEU A 529 -34.56 -19.39 12.19
CA LEU A 529 -34.05 -19.48 10.83
C LEU A 529 -35.06 -20.19 9.95
N TYR A 530 -34.87 -20.03 8.64
CA TYR A 530 -35.65 -20.73 7.62
C TYR A 530 -34.98 -22.06 7.35
N LEU A 531 -35.46 -23.11 8.03
CA LEU A 531 -34.92 -24.46 7.86
C LEU A 531 -35.97 -25.34 7.18
N GLU A 532 -35.52 -26.13 6.21
CA GLU A 532 -36.36 -26.99 5.38
C GLU A 532 -37.62 -26.27 4.92
N GLY A 533 -37.47 -24.99 4.58
CA GLY A 533 -38.59 -24.19 4.12
C GLY A 533 -39.64 -23.91 5.18
N ALA A 534 -39.21 -23.62 6.40
CA ALA A 534 -40.13 -23.31 7.49
C ALA A 534 -39.39 -22.49 8.53
N GLN A 535 -40.09 -21.54 9.13
CA GLN A 535 -39.50 -20.65 10.13
C GLN A 535 -39.51 -21.34 11.49
N ARG A 536 -38.33 -21.77 11.96
CA ARG A 536 -38.24 -22.47 13.23
C ARG A 536 -36.95 -22.08 13.93
N GLY A 537 -36.93 -22.27 15.25
CA GLY A 537 -35.81 -21.87 16.07
C GLY A 537 -34.82 -22.99 16.33
N MET A 538 -33.68 -22.60 16.90
CA MET A 538 -32.63 -23.55 17.26
C MET A 538 -31.68 -22.87 18.24
N THR A 539 -30.67 -23.61 18.69
CA THR A 539 -29.73 -23.10 19.66
C THR A 539 -28.60 -22.34 18.99
N LEU A 540 -28.01 -21.40 19.74
CA LEU A 540 -26.91 -20.61 19.22
C LEU A 540 -25.69 -21.47 18.93
N TYR A 541 -25.41 -22.45 19.80
CA TYR A 541 -24.19 -23.25 19.65
C TYR A 541 -24.20 -24.04 18.35
N GLN A 542 -25.32 -24.72 18.06
CA GLN A 542 -25.43 -25.49 16.83
C GLN A 542 -25.39 -24.58 15.61
N TRP A 543 -26.00 -23.40 15.71
CA TRP A 543 -25.97 -22.45 14.62
C TRP A 543 -24.54 -21.99 14.34
N VAL A 544 -23.76 -21.72 15.38
CA VAL A 544 -22.37 -21.34 15.19
C VAL A 544 -21.58 -22.50 14.60
N ARG A 545 -21.91 -23.73 15.00
CA ARG A 545 -21.23 -24.90 14.43
C ARG A 545 -21.47 -25.00 12.93
N MET A 546 -22.73 -24.82 12.50
CA MET A 546 -22.99 -24.90 11.06
C MET A 546 -22.47 -23.67 10.32
N ILE A 547 -22.40 -22.51 10.98
CA ILE A 547 -21.76 -21.36 10.37
C ILE A 547 -20.29 -21.67 10.10
N LEU A 548 -19.61 -22.28 11.07
CA LEU A 548 -18.21 -22.65 10.87
C LEU A 548 -18.08 -23.70 9.77
N CYS A 549 -19.03 -24.63 9.69
CA CYS A 549 -19.01 -25.62 8.61
C CYS A 549 -19.15 -24.94 7.24
N LEU A 550 -20.12 -24.03 7.12
CA LEU A 550 -20.27 -23.29 5.86
C LEU A 550 -19.02 -22.49 5.52
N GLU A 551 -18.45 -21.80 6.51
CA GLU A 551 -17.29 -20.96 6.23
C GLU A 551 -16.10 -21.81 5.82
N PHE A 552 -15.91 -22.97 6.45
CA PHE A 552 -14.84 -23.86 6.04
C PHE A 552 -15.06 -24.36 4.61
N LEU A 553 -16.30 -24.75 4.28
CA LEU A 553 -16.60 -25.24 2.95
C LEU A 553 -16.37 -24.15 1.90
N MET A 554 -16.79 -22.92 2.21
CA MET A 554 -16.57 -21.80 1.29
C MET A 554 -15.08 -21.50 1.14
N ALA A 555 -14.33 -21.57 2.24
CA ALA A 555 -12.90 -21.27 2.19
C ALA A 555 -12.16 -22.29 1.33
N ILE A 556 -12.44 -23.58 1.52
CA ILE A 556 -11.74 -24.59 0.75
C ILE A 556 -12.22 -24.62 -0.69
N TYR A 557 -13.38 -24.03 -0.97
CA TYR A 557 -13.95 -23.98 -2.31
C TYR A 557 -14.04 -22.54 -2.80
N ASN A 558 -12.99 -21.75 -2.56
CA ASN A 558 -12.96 -20.36 -2.99
C ASN A 558 -12.38 -20.27 -4.39
N ASN A 559 -13.09 -19.57 -5.26
CA ASN A 559 -12.68 -19.36 -6.65
C ASN A 559 -13.40 -18.13 -7.15
N PRO A 560 -13.08 -17.66 -8.37
CA PRO A 560 -13.76 -16.45 -8.87
C PRO A 560 -15.28 -16.55 -8.86
N GLN A 561 -15.83 -17.73 -9.13
CA GLN A 561 -17.28 -17.89 -9.08
C GLN A 561 -17.81 -17.63 -7.68
N MET A 562 -17.15 -18.17 -6.66
CA MET A 562 -17.63 -17.99 -5.29
C MET A 562 -17.58 -16.53 -4.86
N GLU A 563 -16.48 -15.84 -5.18
CA GLU A 563 -16.35 -14.44 -4.75
C GLU A 563 -17.32 -13.55 -5.51
N GLY A 564 -17.49 -13.78 -6.81
CA GLY A 564 -18.49 -13.03 -7.55
C GLY A 564 -19.89 -13.27 -7.02
N PHE A 565 -20.21 -14.53 -6.71
CA PHE A 565 -21.52 -14.87 -6.17
C PHE A 565 -21.77 -14.16 -4.85
N LEU A 566 -20.77 -14.18 -3.95
CA LEU A 566 -20.95 -13.52 -2.65
C LEU A 566 -21.06 -12.02 -2.79
N ALA A 567 -20.21 -11.41 -3.64
CA ALA A 567 -20.23 -9.96 -3.80
C ALA A 567 -21.56 -9.50 -4.38
N ASN A 568 -22.11 -10.24 -5.34
CA ASN A 568 -23.38 -9.86 -5.93
C ASN A 568 -24.57 -10.32 -5.11
N MET A 569 -24.39 -11.23 -4.16
CA MET A 569 -25.44 -11.66 -3.27
C MET A 569 -25.56 -10.79 -2.04
N ARG A 570 -24.53 -10.02 -1.71
CA ARG A 570 -24.67 -9.05 -0.61
C ARG A 570 -25.82 -8.08 -0.89
N ARG A 571 -26.00 -7.67 -2.14
CA ARG A 571 -27.09 -6.77 -2.49
C ARG A 571 -28.45 -7.42 -2.25
N LEU A 572 -28.61 -8.67 -2.69
CA LEU A 572 -29.88 -9.36 -2.52
C LEU A 572 -30.16 -9.64 -1.04
N HIS A 573 -29.11 -9.95 -0.27
CA HIS A 573 -29.26 -10.13 1.17
C HIS A 573 -29.72 -8.84 1.83
N MET A 574 -29.14 -7.71 1.40
CA MET A 574 -29.57 -6.41 1.90
C MET A 574 -31.03 -6.13 1.54
N SER A 575 -31.43 -6.46 0.31
CA SER A 575 -32.81 -6.24 -0.10
C SER A 575 -33.78 -7.10 0.71
N ARG A 576 -33.40 -8.36 0.95
CA ARG A 576 -34.24 -9.24 1.75
C ARG A 576 -34.39 -8.72 3.18
N HIS A 577 -33.28 -8.25 3.77
CA HIS A 577 -33.36 -7.67 5.11
C HIS A 577 -34.20 -6.41 5.11
N ALA A 578 -34.14 -5.62 4.03
CA ALA A 578 -34.97 -4.44 3.93
C ALA A 578 -36.44 -4.81 3.88
N MET A 579 -36.79 -5.87 3.13
CA MET A 579 -38.18 -6.27 3.03
C MET A 579 -38.69 -7.02 4.25
N MET A 580 -37.81 -7.51 5.12
CA MET A 580 -38.28 -7.92 6.44
C MET A 580 -38.81 -6.73 7.24
N GLU A 581 -38.16 -5.57 7.11
CA GLU A 581 -38.49 -4.41 7.92
C GLU A 581 -39.59 -3.56 7.30
N ARG A 582 -40.44 -4.15 6.46
CA ARG A 582 -41.56 -3.45 5.82
C ARG A 582 -41.07 -2.24 5.02
N ARG A 583 -39.97 -2.41 4.31
CA ARG A 583 -39.39 -1.37 3.46
C ARG A 583 -39.52 -1.79 2.01
N GLN A 584 -39.94 -0.85 1.16
CA GLN A 584 -40.07 -1.14 -0.26
C GLN A 584 -38.73 -0.95 -0.96
N VAL A 585 -38.51 -1.77 -1.99
CA VAL A 585 -37.28 -1.74 -2.78
C VAL A 585 -37.65 -1.34 -4.19
N PHE A 586 -37.07 -0.24 -4.68
CA PHE A 586 -37.29 0.24 -6.03
C PHE A 586 -36.03 0.05 -6.86
N LEU A 587 -36.22 -0.12 -8.16
CA LEU A 587 -35.17 -0.63 -9.02
C LEU A 587 -35.13 0.16 -10.32
N PRO A 588 -33.96 0.32 -10.93
CA PRO A 588 -33.87 1.04 -12.20
C PRO A 588 -34.59 0.35 -13.34
N PHE A 589 -34.56 0.96 -14.53
CA PHE A 589 -35.33 0.48 -15.68
C PHE A 589 -34.89 -0.91 -16.14
N GLY A 590 -33.67 -1.02 -16.63
CA GLY A 590 -33.19 -2.29 -17.16
C GLY A 590 -32.44 -3.09 -16.13
N SER A 591 -32.97 -3.15 -14.92
CA SER A 591 -32.26 -3.66 -13.76
C SER A 591 -32.72 -5.07 -13.43
N ARG A 592 -31.77 -5.99 -13.33
CA ARG A 592 -32.04 -7.38 -12.92
C ARG A 592 -30.91 -7.82 -12.02
N PRO A 593 -31.02 -7.57 -10.71
CA PRO A 593 -29.92 -7.93 -9.80
C PRO A 593 -29.58 -9.40 -9.80
N GLU A 594 -30.56 -10.26 -10.13
CA GLU A 594 -30.31 -11.70 -10.17
C GLU A 594 -29.34 -12.09 -11.29
N ASP A 595 -29.21 -11.28 -12.34
CA ASP A 595 -28.35 -11.64 -13.45
C ASP A 595 -26.89 -11.67 -13.03
N LYS A 596 -26.47 -10.71 -12.22
CA LYS A 596 -25.08 -10.68 -11.75
C LYS A 596 -24.76 -11.94 -10.94
N VAL A 597 -25.71 -12.38 -10.10
CA VAL A 597 -25.49 -13.59 -9.32
C VAL A 597 -25.50 -14.82 -10.21
N ASN A 598 -26.48 -14.90 -11.14
CA ASN A 598 -26.61 -16.08 -11.98
C ASN A 598 -25.41 -16.24 -12.91
N GLU A 599 -24.74 -15.14 -13.24
CA GLU A 599 -23.51 -15.25 -14.01
C GLU A 599 -22.43 -16.01 -13.24
N CYS A 600 -22.50 -15.99 -11.92
CA CYS A 600 -21.50 -16.63 -11.07
C CYS A 600 -21.84 -18.06 -10.68
N ILE A 601 -23.04 -18.54 -11.01
CA ILE A 601 -23.46 -19.89 -10.67
C ILE A 601 -23.18 -20.77 -11.90
N ILE A 602 -22.04 -21.46 -11.90
CA ILE A 602 -21.73 -22.34 -13.01
C ILE A 602 -21.53 -23.79 -12.54
N ASN A 603 -20.49 -24.03 -11.73
CA ASN A 603 -20.21 -25.40 -11.31
C ASN A 603 -19.64 -25.51 -9.90
N ASN A 604 -19.80 -24.49 -9.06
CA ASN A 604 -19.28 -24.54 -7.70
C ASN A 604 -20.29 -25.22 -6.80
N PRO A 605 -19.95 -26.35 -6.18
CA PRO A 605 -20.95 -27.05 -5.35
C PRO A 605 -21.51 -26.21 -4.22
N ILE A 606 -20.67 -25.42 -3.56
CA ILE A 606 -21.14 -24.62 -2.43
C ILE A 606 -21.86 -23.36 -2.90
N VAL A 607 -21.49 -22.81 -4.05
CA VAL A 607 -22.29 -21.74 -4.63
C VAL A 607 -23.69 -22.25 -4.94
N ALA A 608 -23.80 -23.45 -5.50
CA ALA A 608 -25.10 -24.05 -5.78
C ALA A 608 -25.87 -24.32 -4.49
N TYR A 609 -25.17 -24.79 -3.46
CA TYR A 609 -25.82 -25.04 -2.17
C TYR A 609 -26.37 -23.75 -1.57
N LEU A 610 -25.59 -22.67 -1.63
CA LEU A 610 -26.07 -21.38 -1.15
C LEU A 610 -27.23 -20.88 -1.99
N ALA A 611 -27.19 -21.09 -3.31
CA ALA A 611 -28.30 -20.69 -4.16
C ALA A 611 -29.57 -21.44 -3.80
N LYS A 612 -29.47 -22.75 -3.56
CA LYS A 612 -30.64 -23.52 -3.16
C LYS A 612 -31.16 -23.06 -1.80
N GLY A 613 -30.26 -22.74 -0.88
CA GLY A 613 -30.69 -22.20 0.40
C GLY A 613 -31.41 -20.88 0.26
N TRP A 614 -30.96 -20.04 -0.66
CA TRP A 614 -31.64 -18.78 -0.94
C TRP A 614 -33.01 -19.02 -1.55
N ASN A 615 -33.12 -20.01 -2.44
CA ASN A 615 -34.37 -20.26 -3.14
C ASN A 615 -35.42 -20.88 -2.22
N SER A 616 -34.98 -21.61 -1.19
CA SER A 616 -35.93 -22.24 -0.28
C SER A 616 -36.66 -21.23 0.61
N MET A 617 -36.12 -20.03 0.75
CA MET A 617 -36.71 -19.01 1.60
C MET A 617 -37.83 -18.28 0.88
N PRO A 618 -38.75 -17.67 1.63
CA PRO A 618 -39.83 -16.90 0.99
C PRO A 618 -39.27 -15.77 0.14
N ASN A 619 -39.87 -15.57 -1.03
CA ASN A 619 -39.48 -14.49 -1.92
C ASN A 619 -40.36 -13.25 -1.77
N VAL A 620 -41.41 -13.32 -0.95
CA VAL A 620 -42.30 -12.19 -0.74
C VAL A 620 -42.59 -12.08 0.76
N TYR A 621 -42.62 -10.86 1.27
CA TYR A 621 -42.84 -10.60 2.68
C TYR A 621 -44.06 -9.71 2.86
N TYR A 622 -44.83 -9.99 3.89
CA TYR A 622 -46.06 -9.24 4.17
C TYR A 622 -45.95 -8.49 5.49
N MET B 1 -27.60 -20.66 2.57
CA MET B 1 -27.83 -19.22 2.58
C MET B 1 -28.88 -18.84 3.61
N ASN B 2 -29.86 -19.71 3.81
CA ASN B 2 -30.84 -19.48 4.87
C ASN B 2 -30.19 -19.51 6.23
N LEU B 3 -29.09 -20.25 6.38
CA LEU B 3 -28.34 -20.26 7.64
C LEU B 3 -27.67 -18.92 7.91
N PHE B 4 -27.44 -18.11 6.88
CA PHE B 4 -26.82 -16.81 7.03
C PHE B 4 -27.83 -15.68 7.22
N THR B 5 -29.11 -16.02 7.36
CA THR B 5 -30.19 -15.03 7.44
C THR B 5 -31.02 -15.28 8.69
N PRO B 6 -30.57 -14.76 9.84
CA PRO B 6 -31.33 -14.94 11.08
C PRO B 6 -32.62 -14.14 11.06
N LEU B 7 -33.57 -14.59 11.87
CA LEU B 7 -34.85 -13.91 12.02
C LEU B 7 -35.14 -13.49 13.45
N SER B 8 -34.19 -13.66 14.37
CA SER B 8 -34.41 -13.27 15.76
C SER B 8 -33.06 -13.04 16.43
N GLU B 9 -33.05 -12.12 17.40
CA GLU B 9 -31.92 -11.88 18.30
C GLU B 9 -30.74 -11.25 17.56
N ILE B 10 -30.82 -11.17 16.24
CA ILE B 10 -29.75 -10.63 15.41
C ILE B 10 -30.30 -10.42 14.01
N ASN B 11 -29.84 -9.38 13.33
CA ASN B 11 -30.38 -9.03 12.02
C ASN B 11 -29.43 -9.45 10.91
N PRO B 12 -29.95 -9.64 9.69
CA PRO B 12 -29.09 -10.08 8.58
C PRO B 12 -27.95 -9.11 8.24
N THR B 13 -28.08 -7.82 8.57
CA THR B 13 -27.02 -6.87 8.26
C THR B 13 -25.73 -7.22 8.99
N THR B 14 -25.82 -7.57 10.27
CA THR B 14 -24.63 -7.94 11.02
C THR B 14 -24.04 -9.26 10.54
N THR B 15 -24.88 -10.19 10.12
CA THR B 15 -24.40 -11.47 9.61
C THR B 15 -23.95 -11.39 8.15
N GLN B 16 -24.12 -10.24 7.51
CA GLN B 16 -23.66 -10.08 6.14
C GLN B 16 -22.14 -10.11 6.04
N GLU B 17 -21.42 -10.01 7.16
CA GLU B 17 -19.98 -10.26 7.14
C GLU B 17 -19.66 -11.73 6.85
N LEU B 18 -20.63 -12.62 7.02
CA LEU B 18 -20.44 -14.02 6.67
C LEU B 18 -20.40 -14.24 5.17
N LEU B 19 -20.96 -13.32 4.39
CA LEU B 19 -20.92 -13.43 2.94
C LEU B 19 -19.60 -12.88 2.40
N TYR B 20 -18.49 -13.33 2.98
CA TYR B 20 -17.17 -12.88 2.58
C TYR B 20 -16.23 -14.06 2.53
N ALA B 21 -15.38 -14.09 1.51
CA ALA B 21 -14.47 -15.21 1.30
C ALA B 21 -13.08 -14.88 1.86
N TYR B 22 -13.03 -14.70 3.17
CA TYR B 22 -11.74 -14.62 3.85
C TYR B 22 -11.10 -16.01 3.88
N THR B 23 -9.86 -16.06 4.36
CA THR B 23 -9.12 -17.30 4.62
C THR B 23 -9.14 -18.26 3.45
N GLY B 24 -9.48 -17.77 2.26
CA GLY B 24 -9.46 -18.57 1.06
C GLY B 24 -8.54 -17.95 0.03
N PRO B 25 -8.09 -18.76 -0.93
CA PRO B 25 -7.14 -18.25 -1.93
C PRO B 25 -7.79 -17.18 -2.80
N ALA B 26 -7.11 -16.04 -2.91
CA ALA B 26 -7.58 -14.99 -3.81
C ALA B 26 -7.33 -15.41 -5.26
N PRO B 27 -8.25 -15.12 -6.18
CA PRO B 27 -8.04 -15.49 -7.58
C PRO B 27 -6.81 -14.80 -8.15
N VAL B 28 -6.08 -15.53 -8.97
CA VAL B 28 -4.92 -15.01 -9.67
C VAL B 28 -5.17 -15.10 -11.16
N ALA B 29 -4.73 -14.10 -11.90
CA ALA B 29 -4.97 -14.03 -13.34
C ALA B 29 -3.82 -14.69 -14.08
N TYR B 30 -4.15 -15.61 -14.97
CA TYR B 30 -3.17 -16.38 -15.72
C TYR B 30 -3.04 -15.86 -17.15
N GLY B 31 -1.82 -15.93 -17.67
CA GLY B 31 -1.59 -15.75 -19.08
C GLY B 31 -1.84 -14.35 -19.60
N THR B 32 -2.27 -14.28 -20.86
CA THR B 32 -2.35 -13.02 -21.57
C THR B 32 -3.47 -12.13 -21.04
N ARG B 33 -3.17 -10.84 -20.92
CA ARG B 33 -4.16 -9.81 -20.62
C ARG B 33 -4.68 -9.14 -21.88
N THR B 34 -4.29 -9.63 -23.05
CA THR B 34 -4.62 -8.94 -24.30
C THR B 34 -6.12 -8.87 -24.51
N ARG B 35 -6.84 -9.96 -24.24
CA ARG B 35 -8.28 -9.94 -24.44
C ARG B 35 -8.96 -8.94 -23.50
N ALA B 36 -8.57 -8.91 -22.24
CA ALA B 36 -9.16 -7.97 -21.30
C ALA B 36 -8.85 -6.54 -21.68
N VAL B 37 -7.60 -6.26 -22.08
CA VAL B 37 -7.22 -4.91 -22.47
C VAL B 37 -8.00 -4.47 -23.69
N LEU B 38 -8.09 -5.33 -24.70
CA LEU B 38 -8.81 -4.99 -25.92
C LEU B 38 -10.30 -4.79 -25.65
N GLU B 39 -10.89 -5.62 -24.79
CA GLU B 39 -12.30 -5.46 -24.45
C GLU B 39 -12.54 -4.14 -23.72
N ASN B 40 -11.66 -3.80 -22.78
CA ASN B 40 -11.77 -2.52 -22.09
C ASN B 40 -11.65 -1.36 -23.06
N ILE B 41 -10.74 -1.47 -24.03
CA ILE B 41 -10.56 -0.40 -25.02
C ILE B 41 -11.77 -0.30 -25.92
N ILE B 42 -12.39 -1.42 -26.26
CA ILE B 42 -13.46 -1.41 -27.25
C ILE B 42 -14.82 -1.06 -26.64
N ARG B 43 -15.00 -1.22 -25.32
CA ARG B 43 -16.30 -0.85 -24.74
C ARG B 43 -16.71 0.58 -25.02
N PRO B 44 -15.87 1.62 -24.84
CA PRO B 44 -16.34 2.99 -25.10
C PRO B 44 -16.78 3.23 -26.54
N TYR B 45 -16.18 2.53 -27.52
CA TYR B 45 -16.55 2.76 -28.91
C TYR B 45 -17.90 2.13 -29.23
N GLN B 46 -18.21 0.98 -28.63
CA GLN B 46 -19.54 0.39 -28.80
C GLN B 46 -20.62 1.15 -28.06
N TYR B 47 -20.24 1.98 -27.09
CA TYR B 47 -21.19 2.66 -26.22
C TYR B 47 -21.40 4.11 -26.61
N PHE B 48 -20.71 4.61 -27.63
CA PHE B 48 -20.83 6.02 -27.99
C PHE B 48 -22.20 6.33 -28.59
N TYR B 49 -22.68 5.46 -29.47
CA TYR B 49 -23.99 5.64 -30.10
C TYR B 49 -24.98 4.66 -29.51
N LYS B 50 -26.27 5.04 -29.54
CA LYS B 50 -27.31 4.15 -29.04
C LYS B 50 -27.33 2.85 -29.83
N GLU B 51 -27.24 2.94 -31.15
CA GLU B 51 -27.03 1.77 -31.98
C GLU B 51 -25.53 1.57 -32.17
N PRO B 52 -24.96 0.44 -31.78
CA PRO B 52 -23.50 0.28 -31.82
C PRO B 52 -22.94 0.50 -33.23
N ASN B 53 -21.94 1.36 -33.32
CA ASN B 53 -21.24 1.63 -34.58
C ASN B 53 -19.79 1.95 -34.22
N VAL B 54 -18.94 0.93 -34.27
CA VAL B 54 -17.55 1.10 -33.85
C VAL B 54 -16.78 1.94 -34.85
N GLN B 55 -17.04 1.73 -36.15
CA GLN B 55 -16.30 2.45 -37.18
C GLN B 55 -16.54 3.95 -37.11
N ARG B 56 -17.79 4.36 -36.90
CA ARG B 56 -18.10 5.78 -36.83
C ARG B 56 -17.61 6.41 -35.52
N ALA B 57 -17.30 5.60 -34.52
CA ALA B 57 -16.75 6.12 -33.27
C ALA B 57 -15.22 6.10 -33.26
N LEU B 58 -14.59 5.34 -34.14
CA LEU B 58 -13.14 5.25 -34.17
C LEU B 58 -12.46 6.48 -34.77
N ASP B 59 -13.22 7.40 -35.36
CA ASP B 59 -12.69 8.64 -35.88
C ASP B 59 -13.17 9.86 -35.09
N ILE B 60 -13.63 9.65 -33.87
CA ILE B 60 -14.05 10.73 -32.99
C ILE B 60 -12.87 11.13 -32.11
N LYS B 61 -12.52 12.41 -32.13
CA LYS B 61 -11.42 12.90 -31.31
C LYS B 61 -11.88 13.28 -29.90
N THR B 62 -12.81 14.21 -29.80
CA THR B 62 -13.39 14.61 -28.53
C THR B 62 -14.76 13.96 -28.38
N GLY B 63 -14.95 13.23 -27.29
CA GLY B 63 -16.17 12.50 -27.08
C GLY B 63 -17.35 13.36 -26.68
N CYS B 64 -17.61 14.41 -27.46
CA CYS B 64 -18.76 15.27 -27.23
C CYS B 64 -19.94 14.79 -28.08
N LYS B 65 -21.12 14.73 -27.48
CA LYS B 65 -22.30 14.20 -28.13
C LYS B 65 -23.50 15.05 -27.78
N GLU B 66 -24.51 14.99 -28.64
CA GLU B 66 -25.77 15.67 -28.40
C GLU B 66 -26.58 14.89 -27.36
N PRO B 67 -27.52 15.56 -26.68
CA PRO B 67 -28.37 14.85 -25.71
C PRO B 67 -29.16 13.71 -26.32
N GLU B 68 -29.54 13.82 -27.60
CA GLU B 68 -30.27 12.74 -28.25
C GLU B 68 -29.39 11.51 -28.46
N ASP B 69 -28.07 11.70 -28.55
CA ASP B 69 -27.15 10.59 -28.72
C ASP B 69 -26.97 9.80 -27.43
N ILE B 70 -27.32 10.39 -26.29
CA ILE B 70 -27.12 9.73 -25.00
C ILE B 70 -28.04 8.53 -24.88
N ASN B 71 -27.48 7.39 -24.49
CA ASN B 71 -28.24 6.16 -24.32
C ASN B 71 -28.78 6.11 -22.89
N VAL B 72 -30.11 6.21 -22.76
CA VAL B 72 -30.73 6.16 -21.44
C VAL B 72 -31.12 4.75 -21.02
N GLU B 73 -31.17 3.81 -21.96
CA GLU B 73 -31.48 2.42 -21.67
C GLU B 73 -30.25 1.53 -21.64
N GLY B 74 -29.07 2.10 -21.74
CA GLY B 74 -27.84 1.35 -21.73
C GLY B 74 -26.65 2.23 -21.44
N PRO B 75 -25.46 1.64 -21.35
CA PRO B 75 -24.25 2.43 -21.11
C PRO B 75 -24.01 3.43 -22.24
N SER B 76 -23.53 4.62 -21.86
CA SER B 76 -23.27 5.70 -22.81
C SER B 76 -21.87 6.24 -22.55
N SER B 77 -21.05 6.26 -23.59
CA SER B 77 -19.71 6.82 -23.52
C SER B 77 -19.70 8.21 -24.15
N GLY B 78 -18.98 9.12 -23.52
CA GLY B 78 -18.90 10.49 -23.97
C GLY B 78 -19.63 11.42 -23.01
N PHE B 79 -19.56 12.71 -23.33
CA PHE B 79 -20.11 13.75 -22.47
C PHE B 79 -20.79 14.80 -23.32
N HIS B 80 -21.62 15.61 -22.66
CA HIS B 80 -22.24 16.77 -23.28
C HIS B 80 -21.47 18.01 -22.83
N THR B 81 -20.89 18.74 -23.79
CA THR B 81 -19.95 19.80 -23.47
C THR B 81 -20.62 20.92 -22.68
N ALA B 82 -21.81 21.37 -23.12
CA ALA B 82 -22.51 22.41 -22.40
C ALA B 82 -22.90 21.94 -21.00
N SER B 83 -23.29 20.66 -20.88
CA SER B 83 -23.60 20.10 -19.57
C SER B 83 -22.38 20.15 -18.66
N VAL B 84 -21.21 19.77 -19.19
CA VAL B 84 -19.99 19.80 -18.37
C VAL B 84 -19.67 21.22 -17.94
N LEU B 85 -19.79 22.18 -18.86
CA LEU B 85 -19.52 23.57 -18.54
C LEU B 85 -20.43 24.05 -17.40
N LYS B 86 -21.74 23.85 -17.57
CA LYS B 86 -22.69 24.35 -16.57
C LYS B 86 -22.50 23.63 -15.23
N LEU B 87 -22.28 22.32 -15.26
CA LEU B 87 -22.12 21.57 -14.02
C LEU B 87 -20.85 21.97 -13.29
N ALA B 88 -19.75 22.17 -14.01
CA ALA B 88 -18.52 22.63 -13.37
C ALA B 88 -18.69 24.02 -12.79
N ASP B 89 -19.38 24.91 -13.51
CA ASP B 89 -19.64 26.24 -12.97
C ASP B 89 -20.48 26.17 -11.70
N ASN B 90 -21.50 25.31 -11.69
CA ASN B 90 -22.32 25.17 -10.50
C ASN B 90 -21.53 24.59 -9.33
N PHE B 91 -20.67 23.62 -9.61
CA PHE B 91 -19.82 23.03 -8.57
C PHE B 91 -18.82 24.05 -8.04
N PHE B 92 -18.40 25.01 -8.88
CA PHE B 92 -17.51 26.06 -8.41
C PHE B 92 -18.26 27.08 -7.55
N ARG B 93 -19.49 27.45 -7.96
CA ARG B 93 -20.25 28.42 -7.19
C ARG B 93 -20.53 27.91 -5.78
N LYS B 94 -20.94 26.64 -5.67
CA LYS B 94 -20.96 25.99 -4.37
C LYS B 94 -19.54 25.58 -3.98
N TYR B 95 -19.35 25.24 -2.71
CA TYR B 95 -18.04 24.79 -2.22
C TYR B 95 -16.97 25.85 -2.44
N ARG B 96 -17.28 27.08 -2.06
CA ARG B 96 -16.32 28.17 -2.14
C ARG B 96 -15.05 27.92 -1.32
N PRO B 97 -15.12 27.48 -0.05
CA PRO B 97 -13.88 27.25 0.69
C PRO B 97 -12.98 26.20 0.07
N ALA B 98 -13.54 25.15 -0.55
CA ALA B 98 -12.71 24.14 -1.18
C ALA B 98 -11.89 24.74 -2.33
N MET B 99 -12.51 25.59 -3.14
CA MET B 99 -11.78 26.19 -4.24
C MET B 99 -10.82 27.26 -3.74
N GLU B 100 -11.14 27.91 -2.63
CA GLU B 100 -10.18 28.84 -2.02
C GLU B 100 -8.93 28.09 -1.54
N LYS B 101 -9.13 26.93 -0.93
CA LYS B 101 -7.99 26.12 -0.52
C LYS B 101 -7.22 25.59 -1.72
N LEU B 102 -7.90 25.28 -2.82
CA LEU B 102 -7.20 24.93 -4.05
C LEU B 102 -6.33 26.09 -4.55
N LYS B 103 -6.87 27.31 -4.49
CA LYS B 103 -6.08 28.48 -4.86
C LYS B 103 -4.86 28.62 -3.98
N TYR B 104 -5.03 28.41 -2.67
CA TYR B 104 -3.89 28.47 -1.75
C TYR B 104 -2.85 27.41 -2.09
N TRP B 105 -3.30 26.19 -2.41
CA TRP B 105 -2.38 25.13 -2.78
C TRP B 105 -1.63 25.48 -4.05
N ILE B 106 -2.32 26.07 -5.03
CA ILE B 106 -1.68 26.43 -6.28
C ILE B 106 -0.63 27.52 -6.07
N LEU B 107 -0.98 28.54 -5.27
CA LEU B 107 -0.07 29.68 -5.11
C LEU B 107 1.12 29.33 -4.23
N VAL B 108 0.91 28.52 -3.19
CA VAL B 108 1.91 28.29 -2.15
C VAL B 108 2.51 26.88 -2.25
N LYS B 109 1.68 25.85 -2.09
CA LYS B 109 2.21 24.49 -1.98
C LYS B 109 2.62 23.90 -3.32
N LEU B 110 1.98 24.32 -4.42
CA LEU B 110 2.35 23.77 -5.72
C LEU B 110 3.79 24.08 -6.11
N PRO B 111 4.29 25.32 -6.02
CA PRO B 111 5.71 25.55 -6.37
C PRO B 111 6.70 24.85 -5.45
N LYS B 112 6.29 24.44 -4.25
CA LYS B 112 7.21 23.79 -3.32
C LYS B 112 7.25 22.27 -3.47
N LEU B 113 6.40 21.69 -4.32
CA LEU B 113 6.42 20.26 -4.51
C LEU B 113 7.73 19.83 -5.17
N LYS B 114 8.33 18.76 -4.64
CA LYS B 114 9.59 18.24 -5.14
C LYS B 114 9.34 16.98 -5.94
N TYR B 115 10.09 16.83 -7.03
CA TYR B 115 9.94 15.64 -7.86
C TYR B 115 10.48 14.38 -7.20
N ALA B 116 11.19 14.52 -6.07
CA ALA B 116 11.65 13.35 -5.33
C ALA B 116 10.49 12.50 -4.82
N GLU B 117 9.32 13.09 -4.64
CA GLU B 117 8.14 12.31 -4.27
C GLU B 117 7.78 11.31 -5.36
N LEU B 118 8.14 11.60 -6.62
CA LEU B 118 7.96 10.65 -7.69
C LEU B 118 8.74 9.36 -7.44
N SER B 119 9.78 9.41 -6.61
CA SER B 119 10.53 8.22 -6.26
C SER B 119 9.73 7.27 -5.37
N LYS B 120 8.67 7.76 -4.71
CA LYS B 120 7.85 6.94 -3.84
C LYS B 120 6.71 6.26 -4.58
N GLY B 121 6.65 6.40 -5.90
CA GLY B 121 5.63 5.75 -6.69
C GLY B 121 5.89 4.26 -6.86
N ARG B 122 4.98 3.62 -7.59
CA ARG B 122 5.05 2.19 -7.82
C ARG B 122 5.72 1.92 -9.17
N GLN B 123 5.64 0.67 -9.63
CA GLN B 123 6.44 0.23 -10.76
C GLN B 123 6.14 1.05 -12.01
N THR B 124 7.19 1.32 -12.78
CA THR B 124 7.11 2.13 -13.99
C THR B 124 7.76 1.39 -15.14
N TYR B 125 7.36 1.75 -16.36
CA TYR B 125 8.03 1.27 -17.55
C TYR B 125 9.19 2.19 -17.91
N SER B 126 10.37 1.60 -18.07
CA SER B 126 11.56 2.36 -18.43
C SER B 126 11.67 2.46 -19.93
N PHE B 127 11.58 3.68 -20.46
CA PHE B 127 11.73 3.86 -21.90
C PHE B 127 13.18 3.73 -22.35
N ILE B 128 14.12 3.64 -21.43
CA ILE B 128 15.54 3.49 -21.77
C ILE B 128 15.95 2.03 -21.82
N HIS B 129 15.60 1.26 -20.78
CA HIS B 129 15.94 -0.16 -20.73
C HIS B 129 14.83 -1.05 -21.28
N LYS B 130 13.67 -0.49 -21.60
CA LYS B 130 12.53 -1.24 -22.13
C LYS B 130 12.09 -2.35 -21.19
N ARG B 131 12.23 -2.13 -19.88
CA ARG B 131 11.78 -3.06 -18.86
C ARG B 131 10.93 -2.31 -17.84
N ASN B 132 10.48 -3.02 -16.81
CA ASN B 132 9.79 -2.42 -15.69
C ASN B 132 10.75 -2.30 -14.52
N LEU B 133 10.90 -1.10 -13.99
CA LEU B 133 11.84 -0.80 -12.92
C LEU B 133 11.10 -0.09 -11.79
N PRO B 134 11.63 -0.17 -10.58
CA PRO B 134 11.03 0.60 -9.48
C PRO B 134 11.14 2.09 -9.72
N ALA B 135 10.25 2.83 -9.06
CA ALA B 135 10.18 4.27 -9.26
C ALA B 135 11.52 4.99 -9.04
N PRO B 136 12.32 4.71 -8.00
CA PRO B 136 13.59 5.43 -7.86
C PRO B 136 14.52 5.29 -9.04
N ILE B 137 14.67 4.07 -9.58
CA ILE B 137 15.59 3.85 -10.69
C ILE B 137 15.13 4.61 -11.93
N ALA B 138 13.83 4.52 -12.23
CA ALA B 138 13.28 5.23 -13.40
C ALA B 138 13.40 6.73 -13.24
N LEU B 139 13.14 7.25 -12.03
CA LEU B 139 13.29 8.68 -11.80
C LEU B 139 14.73 9.12 -12.00
N GLU B 140 15.69 8.34 -11.48
CA GLU B 140 17.09 8.69 -11.63
C GLU B 140 17.50 8.69 -13.09
N GLU B 141 17.10 7.65 -13.84
CA GLU B 141 17.51 7.58 -15.25
C GLU B 141 16.83 8.67 -16.08
N THR B 142 15.58 9.00 -15.76
CA THR B 142 14.90 10.08 -16.47
C THR B 142 15.57 11.43 -16.19
N VAL B 143 15.95 11.67 -14.94
CA VAL B 143 16.64 12.91 -14.61
C VAL B 143 17.98 12.98 -15.32
N GLU B 144 18.70 11.87 -15.37
CA GLU B 144 19.97 11.84 -16.09
C GLU B 144 19.76 12.09 -17.58
N PHE B 145 18.70 11.53 -18.16
CA PHE B 145 18.37 11.76 -19.56
C PHE B 145 18.11 13.23 -19.82
N LEU B 146 17.34 13.88 -18.93
CA LEU B 146 17.08 15.30 -19.07
C LEU B 146 18.35 16.12 -18.93
N GLU B 147 19.22 15.75 -17.98
CA GLU B 147 20.51 16.43 -17.83
C GLU B 147 21.31 16.35 -19.12
N GLN B 148 21.42 15.16 -19.69
CA GLN B 148 22.27 14.98 -20.86
C GLN B 148 21.71 15.69 -22.08
N ASN B 149 20.40 15.58 -22.32
CA ASN B 149 19.83 16.12 -23.55
C ASN B 149 19.40 17.57 -23.42
N LEU B 150 19.44 18.15 -22.23
CA LEU B 150 18.96 19.48 -22.00
C LEU B 150 20.05 20.45 -21.57
N ARG B 151 21.23 19.93 -21.17
CA ARG B 151 22.41 20.74 -20.89
C ARG B 151 22.16 21.75 -19.77
N ARG B 152 21.36 21.35 -18.79
CA ARG B 152 21.18 22.14 -17.58
C ARG B 152 20.77 21.22 -16.45
N LYS B 153 20.96 21.69 -15.23
CA LYS B 153 20.67 20.89 -14.05
C LYS B 153 19.21 21.09 -13.63
N ILE B 154 18.49 19.98 -13.47
CA ILE B 154 17.08 20.06 -13.13
C ILE B 154 16.94 20.45 -11.66
N GLY B 155 16.10 21.43 -11.39
CA GLY B 155 15.84 21.87 -10.05
C GLY B 155 15.09 20.82 -9.25
N PRO B 156 15.16 20.91 -7.93
CA PRO B 156 14.47 19.91 -7.09
C PRO B 156 12.96 19.99 -7.16
N THR B 157 12.38 21.11 -7.59
CA THR B 157 10.94 21.27 -7.59
C THR B 157 10.28 20.48 -8.72
N LEU B 158 9.02 20.11 -8.51
CA LEU B 158 8.28 19.35 -9.51
C LEU B 158 8.02 20.18 -10.76
N LEU B 159 7.76 21.48 -10.59
CA LEU B 159 7.54 22.34 -11.75
C LEU B 159 8.79 22.42 -12.61
N SER B 160 9.97 22.40 -12.00
CA SER B 160 11.20 22.36 -12.78
C SER B 160 11.29 21.08 -13.59
N TYR B 161 10.90 19.95 -13.00
CA TYR B 161 10.91 18.68 -13.71
C TYR B 161 9.94 18.70 -14.88
N CYS B 162 8.73 19.23 -14.67
CA CYS B 162 7.75 19.31 -15.74
C CYS B 162 8.21 20.24 -16.85
N GLN B 163 8.83 21.37 -16.49
CA GLN B 163 9.36 22.28 -17.49
C GLN B 163 10.49 21.62 -18.27
N ALA B 164 11.32 20.82 -17.61
CA ALA B 164 12.36 20.09 -18.32
C ALA B 164 11.76 19.09 -19.31
N ILE B 165 10.68 18.41 -18.90
CA ILE B 165 10.01 17.49 -19.82
C ILE B 165 9.46 18.24 -21.03
N ALA B 166 8.79 19.37 -20.78
CA ALA B 166 8.23 20.15 -21.87
C ALA B 166 9.31 20.69 -22.79
N ASP B 167 10.49 21.01 -22.24
CA ASP B 167 11.58 21.52 -23.07
C ASP B 167 12.22 20.41 -23.88
N VAL B 168 12.40 19.23 -23.29
CA VAL B 168 13.01 18.13 -24.05
C VAL B 168 12.06 17.62 -25.11
N MET B 169 10.75 17.86 -24.96
CA MET B 169 9.82 17.52 -26.04
C MET B 169 10.00 18.41 -27.27
N GLU B 170 10.76 19.50 -27.17
CA GLU B 170 10.94 20.43 -28.28
C GLU B 170 12.17 20.10 -29.13
N LEU B 171 12.89 19.03 -28.83
CA LEU B 171 14.13 18.72 -29.51
C LEU B 171 13.90 17.67 -30.59
N ASP B 172 14.53 17.90 -31.75
CA ASP B 172 14.42 16.92 -32.84
C ASP B 172 15.03 15.59 -32.44
N GLU B 173 16.19 15.61 -31.78
CA GLU B 173 16.94 14.40 -31.47
C GLU B 173 17.37 14.43 -30.01
N THR B 174 17.23 13.28 -29.34
CA THR B 174 17.70 13.10 -27.97
C THR B 174 18.47 11.79 -27.87
N THR B 175 19.47 11.76 -27.00
CA THR B 175 20.32 10.59 -26.79
C THR B 175 20.42 10.30 -25.29
N TYR B 176 21.06 9.18 -24.97
CA TYR B 176 21.25 8.82 -23.56
C TYR B 176 22.65 8.32 -23.24
N GLU B 177 23.51 8.06 -24.22
CA GLU B 177 24.87 7.50 -24.08
C GLU B 177 24.99 6.32 -23.09
N THR B 209 29.31 1.51 -22.81
CA THR B 209 28.49 2.58 -23.35
C THR B 209 27.21 2.03 -23.96
N TYR B 210 26.13 2.81 -23.87
CA TYR B 210 24.83 2.42 -24.41
C TYR B 210 24.49 3.14 -25.69
N THR B 211 24.54 4.48 -25.69
CA THR B 211 24.24 5.31 -26.86
C THR B 211 22.84 5.01 -27.40
N ILE B 212 21.84 5.28 -26.57
CA ILE B 212 20.45 5.07 -26.95
C ILE B 212 20.03 6.20 -27.88
N LYS B 213 19.53 5.85 -29.06
CA LYS B 213 19.11 6.81 -30.06
C LYS B 213 17.60 7.00 -29.98
N PHE B 214 17.15 8.24 -29.92
CA PHE B 214 15.74 8.53 -29.82
C PHE B 214 15.28 9.49 -30.91
N SER B 215 14.04 9.96 -30.81
CA SER B 215 13.48 10.93 -31.74
C SER B 215 12.31 11.60 -31.05
N ARG B 216 11.85 12.70 -31.62
CA ARG B 216 10.68 13.37 -31.05
C ARG B 216 9.45 12.48 -31.10
N GLU B 217 9.26 11.78 -32.22
CA GLU B 217 8.12 10.87 -32.31
C GLU B 217 8.29 9.67 -31.40
N GLU B 218 9.51 9.13 -31.30
CA GLU B 218 9.75 8.01 -30.40
C GLU B 218 9.53 8.41 -28.94
N LEU B 219 10.04 9.58 -28.55
CA LEU B 219 9.85 10.04 -27.18
C LEU B 219 8.39 10.37 -26.91
N TRP B 220 7.69 10.91 -27.91
CA TRP B 220 6.26 11.15 -27.77
C TRP B 220 5.50 9.85 -27.56
N ASP B 221 5.86 8.81 -28.32
CA ASP B 221 5.22 7.50 -28.14
C ASP B 221 5.51 6.94 -26.75
N GLN B 222 6.75 7.12 -26.28
CA GLN B 222 7.09 6.65 -24.95
C GLN B 222 6.28 7.37 -23.88
N MET B 223 6.08 8.68 -24.04
CA MET B 223 5.24 9.43 -23.12
C MET B 223 3.80 8.95 -23.18
N ARG B 224 3.29 8.70 -24.38
CA ARG B 224 1.90 8.30 -24.55
C ARG B 224 1.62 6.91 -24.01
N THR B 225 2.60 6.00 -24.13
CA THR B 225 2.36 4.59 -23.86
C THR B 225 1.98 4.36 -22.40
N LEU B 226 0.91 3.60 -22.20
CA LEU B 226 0.49 3.14 -20.89
C LEU B 226 0.83 1.66 -20.77
N ASN B 227 1.52 1.29 -19.70
CA ASN B 227 1.89 -0.11 -19.48
C ASN B 227 0.78 -0.80 -18.71
N THR B 228 0.20 -1.83 -19.31
CA THR B 228 -0.92 -2.55 -18.71
C THR B 228 -0.43 -3.81 -18.01
N MET B 229 -1.14 -4.20 -16.96
CA MET B 229 -0.82 -5.43 -16.25
C MET B 229 -2.08 -5.92 -15.54
N TRP B 230 -2.03 -7.17 -15.10
CA TRP B 230 -3.14 -7.74 -14.35
C TRP B 230 -3.25 -7.08 -12.98
N LYS B 231 -4.49 -6.91 -12.51
CA LYS B 231 -4.75 -6.47 -11.16
C LYS B 231 -4.80 -7.70 -10.27
N HIS B 232 -3.75 -7.92 -9.49
CA HIS B 232 -3.61 -9.14 -8.71
C HIS B 232 -4.26 -9.00 -7.32
N LEU B 233 -4.56 -10.15 -6.72
CA LEU B 233 -5.12 -10.22 -5.38
C LEU B 233 -6.41 -9.40 -5.26
N GLU B 234 -7.26 -9.50 -6.28
CA GLU B 234 -8.51 -8.76 -6.32
C GLU B 234 -9.67 -9.73 -6.02
N ARG B 235 -10.50 -9.37 -5.06
CA ARG B 235 -11.60 -10.20 -4.63
C ARG B 235 -12.93 -9.54 -4.97
N GLY B 236 -13.98 -10.37 -4.98
CA GLY B 236 -15.32 -9.87 -5.22
C GLY B 236 -15.70 -9.70 -6.68
N ARG B 237 -14.92 -10.22 -7.61
CA ARG B 237 -15.23 -10.11 -9.03
C ARG B 237 -15.04 -11.46 -9.70
N LEU B 238 -15.97 -11.79 -10.60
CA LEU B 238 -15.86 -13.04 -11.36
C LEU B 238 -14.74 -12.98 -12.39
N ASN B 239 -14.58 -11.83 -13.04
CA ASN B 239 -13.62 -11.67 -14.12
C ASN B 239 -12.48 -10.77 -13.69
N ARG B 240 -11.26 -11.11 -14.12
CA ARG B 240 -10.08 -10.34 -13.77
C ARG B 240 -10.07 -9.01 -14.52
N ARG B 241 -9.48 -8.00 -13.89
CA ARG B 241 -9.36 -6.67 -14.46
C ARG B 241 -7.90 -6.33 -14.71
N THR B 242 -7.69 -5.26 -15.48
CA THR B 242 -6.36 -4.78 -15.80
C THR B 242 -6.18 -3.37 -15.26
N ILE B 243 -4.92 -3.03 -14.94
CA ILE B 243 -4.56 -1.72 -14.44
C ILE B 243 -3.40 -1.19 -15.28
N ALA B 244 -3.41 0.11 -15.54
CA ALA B 244 -2.44 0.75 -16.42
C ALA B 244 -1.60 1.76 -15.65
N THR B 245 -0.34 1.90 -16.06
CA THR B 245 0.62 2.82 -15.49
C THR B 245 1.09 3.82 -16.54
N PRO B 246 1.20 5.09 -16.18
CA PRO B 246 1.77 6.07 -17.10
C PRO B 246 3.29 6.05 -17.05
N SER B 247 3.89 6.68 -18.07
CA SER B 247 5.34 6.78 -18.12
C SER B 247 5.84 7.77 -17.07
N MET B 248 7.13 7.67 -16.76
CA MET B 248 7.74 8.60 -15.81
C MET B 248 7.77 10.02 -16.36
N LEU B 249 7.76 10.16 -17.69
CA LEU B 249 7.79 11.50 -18.29
C LEU B 249 6.53 12.30 -17.94
N ILE B 250 5.37 11.64 -17.92
CA ILE B 250 4.10 12.31 -17.65
C ILE B 250 3.67 12.20 -16.19
N ARG B 251 4.40 11.44 -15.38
CA ARG B 251 3.96 11.20 -14.01
C ARG B 251 4.03 12.46 -13.15
N GLY B 252 4.92 13.39 -13.47
CA GLY B 252 4.94 14.65 -12.73
C GLY B 252 3.67 15.45 -12.91
N PHE B 253 3.23 15.58 -14.16
CA PHE B 253 1.96 16.25 -14.43
C PHE B 253 0.79 15.50 -13.80
N VAL B 254 0.82 14.17 -13.88
CA VAL B 254 -0.25 13.38 -13.27
C VAL B 254 -0.30 13.62 -11.77
N LYS B 255 0.86 13.67 -11.12
CA LYS B 255 0.90 13.91 -9.69
C LYS B 255 0.40 15.32 -9.35
N ILE B 256 0.73 16.30 -10.19
CA ILE B 256 0.25 17.66 -9.95
C ILE B 256 -1.28 17.70 -9.98
N VAL B 257 -1.87 17.13 -11.04
CA VAL B 257 -3.32 17.20 -11.18
C VAL B 257 -4.01 16.38 -10.09
N GLU B 258 -3.44 15.22 -9.73
CA GLU B 258 -4.03 14.40 -8.68
C GLU B 258 -3.90 15.06 -7.31
N ASP B 259 -2.82 15.80 -7.06
CA ASP B 259 -2.68 16.53 -5.81
C ASP B 259 -3.71 17.64 -5.70
N ALA B 260 -3.91 18.38 -6.79
CA ALA B 260 -4.98 19.37 -6.81
C ALA B 260 -6.34 18.71 -6.57
N ALA B 261 -6.54 17.53 -7.16
CA ALA B 261 -7.78 16.79 -6.94
C ALA B 261 -7.94 16.39 -5.48
N LYS B 262 -6.85 15.97 -4.83
CA LYS B 262 -6.92 15.65 -3.40
C LYS B 262 -7.32 16.87 -2.60
N GLU B 263 -6.73 18.02 -2.91
CA GLU B 263 -7.06 19.22 -2.14
C GLU B 263 -8.49 19.67 -2.35
N ILE B 264 -9.05 19.44 -3.55
CA ILE B 264 -10.46 19.74 -3.75
C ILE B 264 -11.34 18.75 -2.99
N LEU B 265 -11.02 17.46 -3.11
CA LEU B 265 -11.90 16.41 -2.60
C LEU B 265 -11.90 16.36 -1.07
N GLU B 266 -10.78 16.70 -0.44
CA GLU B 266 -10.72 16.66 1.01
C GLU B 266 -11.55 17.75 1.66
N ASN B 267 -12.07 18.71 0.88
CA ASN B 267 -12.77 19.86 1.42
C ASN B 267 -14.21 19.96 0.90
N VAL B 268 -14.77 18.86 0.41
CA VAL B 268 -16.16 18.87 -0.06
C VAL B 268 -16.94 17.77 0.66
N PRO B 269 -18.21 18.00 0.99
CA PRO B 269 -18.98 16.99 1.73
C PRO B 269 -19.47 15.82 0.89
N THR B 270 -19.28 15.85 -0.42
CA THR B 270 -19.76 14.78 -1.28
C THR B 270 -18.67 13.78 -1.66
N SER B 271 -17.46 13.96 -1.16
CA SER B 271 -16.37 13.06 -1.50
C SER B 271 -16.31 11.89 -0.52
N GLY B 272 -15.73 10.80 -0.99
CA GLY B 272 -15.57 9.61 -0.16
C GLY B 272 -14.25 9.59 0.58
N VAL B 273 -13.96 10.66 1.32
CA VAL B 273 -12.73 10.76 2.11
C VAL B 273 -12.97 11.72 3.26
N PRO B 274 -12.63 11.33 4.51
CA PRO B 274 -12.86 12.21 5.66
C PRO B 274 -11.69 13.15 5.93
N GLU B 279 -17.06 8.36 8.21
CA GLU B 279 -17.44 9.65 8.78
C GLU B 279 -18.67 10.22 8.07
N LYS B 280 -18.55 10.47 6.77
CA LYS B 280 -19.66 11.03 6.02
C LYS B 280 -20.85 10.09 6.00
N LEU B 281 -20.61 8.80 5.77
CA LEU B 281 -21.70 7.83 5.81
C LEU B 281 -22.34 7.79 7.19
N ALA B 282 -21.52 7.79 8.25
CA ALA B 282 -22.05 7.82 9.60
C ALA B 282 -22.82 9.10 9.87
N LYS B 283 -22.32 10.23 9.35
CA LYS B 283 -23.01 11.50 9.57
C LYS B 283 -24.38 11.51 8.92
N LEU B 284 -24.47 10.99 7.68
CA LEU B 284 -25.77 10.92 7.02
C LEU B 284 -26.69 9.89 7.69
N ALA B 285 -26.12 8.81 8.22
CA ALA B 285 -26.91 7.84 8.95
C ALA B 285 -27.51 8.45 10.21
N SER B 286 -26.73 9.27 10.92
CA SER B 286 -27.21 9.91 12.13
C SER B 286 -28.21 11.03 11.85
N LYS B 287 -28.30 11.48 10.60
CA LYS B 287 -29.23 12.54 10.26
C LYS B 287 -30.67 12.04 10.39
N GLN B 288 -31.53 12.89 10.96
CA GLN B 288 -32.92 12.54 11.21
C GLN B 288 -33.84 13.51 10.48
N THR B 289 -34.96 12.98 10.00
CA THR B 289 -35.93 13.76 9.25
C THR B 289 -37.30 13.60 9.89
N PHE B 290 -38.10 14.67 9.80
CA PHE B 290 -39.42 14.67 10.42
C PHE B 290 -40.31 13.61 9.78
N HIS B 291 -41.35 13.21 10.53
CA HIS B 291 -42.15 12.04 10.17
C HIS B 291 -42.87 12.23 8.84
N THR B 292 -43.43 13.41 8.61
CA THR B 292 -44.21 13.63 7.39
C THR B 292 -43.31 13.97 6.21
N ALA B 293 -42.28 13.14 5.99
CA ALA B 293 -41.38 13.27 4.86
C ALA B 293 -41.05 11.88 4.35
N VAL B 294 -40.69 11.81 3.07
CA VAL B 294 -40.34 10.56 2.42
C VAL B 294 -38.82 10.55 2.21
N THR B 295 -38.13 9.67 2.92
CA THR B 295 -36.68 9.58 2.85
C THR B 295 -36.29 8.23 2.26
N GLY B 296 -35.54 8.25 1.17
CA GLY B 296 -35.07 7.04 0.53
C GLY B 296 -33.57 6.96 0.44
N GLU B 297 -33.03 5.75 0.24
CA GLU B 297 -31.59 5.53 0.26
C GLU B 297 -31.20 4.68 -0.94
N LEU B 298 -30.46 5.27 -1.87
CA LEU B 298 -30.00 4.57 -3.07
C LEU B 298 -28.53 4.22 -2.91
N SER B 299 -28.24 2.92 -2.90
CA SER B 299 -26.87 2.42 -2.84
C SER B 299 -26.53 1.84 -4.20
N GLY B 300 -25.38 2.23 -4.76
CA GLY B 300 -25.09 1.73 -6.09
C GLY B 300 -23.63 1.78 -6.46
N ASP B 301 -23.33 1.12 -7.56
CA ASP B 301 -22.02 1.12 -8.18
C ASP B 301 -22.15 1.72 -9.58
N GLN B 302 -21.03 1.71 -10.32
CA GLN B 302 -20.98 2.27 -11.67
C GLN B 302 -20.49 1.20 -12.62
N GLU B 303 -21.24 0.95 -13.69
CA GLU B 303 -20.81 -0.02 -14.69
C GLU B 303 -19.88 0.65 -15.68
N LYS B 304 -18.74 -0.01 -15.95
CA LYS B 304 -17.75 0.48 -16.90
C LYS B 304 -17.37 1.92 -16.60
N PHE B 305 -17.02 2.16 -15.33
CA PHE B 305 -16.70 3.52 -14.88
C PHE B 305 -15.51 4.08 -15.65
N ASN B 306 -14.49 3.26 -15.88
CA ASN B 306 -13.31 3.69 -16.63
C ASN B 306 -13.45 3.48 -18.13
N GLU B 307 -14.50 2.81 -18.58
CA GLU B 307 -14.72 2.56 -20.00
C GLU B 307 -15.72 3.51 -20.62
N CYS B 308 -16.14 4.54 -19.88
CA CYS B 308 -17.13 5.48 -20.40
C CYS B 308 -16.77 6.92 -20.07
N LEU B 309 -15.55 7.20 -19.63
CA LEU B 309 -15.13 8.55 -19.27
C LEU B 309 -14.12 9.04 -20.30
N ASP B 310 -14.29 10.28 -20.74
CA ASP B 310 -13.41 10.87 -21.74
C ASP B 310 -12.54 11.92 -21.08
N PRO B 311 -11.22 11.89 -21.31
CA PRO B 311 -10.33 12.87 -20.66
C PRO B 311 -10.66 14.32 -21.01
N ASP B 312 -11.30 14.58 -22.14
CA ASP B 312 -11.62 15.95 -22.51
C ASP B 312 -12.64 16.56 -21.56
N ALA B 313 -13.55 15.75 -21.01
CA ALA B 313 -14.45 16.25 -19.98
C ALA B 313 -13.68 16.70 -18.75
N MET B 314 -12.66 15.93 -18.37
CA MET B 314 -11.80 16.33 -17.26
C MET B 314 -11.04 17.61 -17.60
N ARG B 315 -10.57 17.74 -18.84
CA ARG B 315 -9.94 18.98 -19.28
C ARG B 315 -10.88 20.17 -19.10
N LEU B 316 -12.12 20.02 -19.58
CA LEU B 316 -13.07 21.13 -19.50
C LEU B 316 -13.38 21.48 -18.05
N MET B 317 -13.57 20.47 -17.20
CA MET B 317 -13.82 20.71 -15.78
C MET B 317 -12.67 21.48 -15.15
N TRP B 318 -11.44 21.01 -15.35
CA TRP B 318 -10.29 21.66 -14.74
C TRP B 318 -10.10 23.07 -15.29
N THR B 319 -10.32 23.25 -16.59
CA THR B 319 -10.17 24.57 -17.20
C THR B 319 -11.19 25.54 -16.63
N VAL B 320 -12.44 25.10 -16.44
CA VAL B 320 -13.44 25.95 -15.82
C VAL B 320 -13.03 26.31 -14.40
N PHE B 321 -12.56 25.32 -13.64
CA PHE B 321 -12.14 25.58 -12.27
C PHE B 321 -11.03 26.63 -12.22
N LEU B 322 -9.99 26.44 -13.02
CA LEU B 322 -8.85 27.35 -12.97
C LEU B 322 -9.21 28.73 -13.52
N ARG B 323 -10.03 28.79 -14.56
CA ARG B 323 -10.43 30.06 -15.14
C ARG B 323 -11.28 30.87 -14.18
N LYS B 324 -12.20 30.22 -13.46
CA LYS B 324 -12.99 30.94 -12.48
C LYS B 324 -12.22 31.18 -11.18
N LEU B 325 -11.09 30.50 -10.99
CA LEU B 325 -10.22 30.81 -9.86
C LEU B 325 -9.31 32.00 -10.13
N GLY B 326 -9.20 32.44 -11.38
CA GLY B 326 -8.29 33.52 -11.72
C GLY B 326 -6.86 33.11 -11.93
N CYS B 327 -6.60 31.81 -12.11
CA CYS B 327 -5.24 31.34 -12.31
C CYS B 327 -4.70 31.80 -13.66
N PRO B 328 -3.39 31.95 -13.78
CA PRO B 328 -2.80 32.35 -15.06
C PRO B 328 -2.94 31.25 -16.11
N ASP B 329 -2.56 31.60 -17.34
CA ASP B 329 -2.70 30.67 -18.44
C ASP B 329 -1.75 29.48 -18.32
N TRP B 330 -0.57 29.68 -17.73
CA TRP B 330 0.36 28.56 -17.60
C TRP B 330 -0.16 27.51 -16.62
N ILE B 331 -0.93 27.92 -15.62
CA ILE B 331 -1.58 26.95 -14.74
C ILE B 331 -2.54 26.07 -15.53
N MET B 332 -3.35 26.70 -16.39
CA MET B 332 -4.29 25.92 -17.21
C MET B 332 -3.56 25.01 -18.16
N GLU B 333 -2.47 25.48 -18.77
CA GLU B 333 -1.69 24.63 -19.67
C GLU B 333 -1.11 23.43 -18.92
N LEU B 334 -0.56 23.68 -17.74
CA LEU B 334 0.02 22.60 -16.95
C LEU B 334 -1.02 21.58 -16.53
N PHE B 335 -2.22 22.04 -16.20
CA PHE B 335 -3.28 21.11 -15.81
C PHE B 335 -3.87 20.36 -17.00
N ASN B 336 -3.85 20.96 -18.19
CA ASN B 336 -4.44 20.34 -19.35
C ASN B 336 -3.49 19.38 -20.08
N ILE B 337 -2.18 19.54 -19.91
CA ILE B 337 -1.23 18.63 -20.57
C ILE B 337 -1.49 17.16 -20.24
N PRO B 338 -1.66 16.75 -18.97
CA PRO B 338 -1.80 15.31 -18.68
C PRO B 338 -2.96 14.66 -19.42
N PHE B 339 -4.09 15.35 -19.50
CA PHE B 339 -5.27 14.74 -20.11
C PHE B 339 -5.16 14.71 -21.63
N MET B 340 -4.44 15.66 -22.23
CA MET B 340 -4.19 15.55 -23.67
C MET B 340 -3.21 14.43 -23.97
N VAL B 341 -2.22 14.21 -23.11
CA VAL B 341 -1.35 13.06 -23.30
C VAL B 341 -2.14 11.77 -23.14
N PHE B 342 -3.11 11.76 -22.23
CA PHE B 342 -3.96 10.59 -22.07
C PHE B 342 -4.87 10.39 -23.29
N LYS B 343 -5.33 11.48 -23.90
CA LYS B 343 -6.15 11.37 -25.10
C LYS B 343 -5.40 10.71 -26.24
N SER B 344 -4.07 10.75 -26.21
CA SER B 344 -3.23 10.12 -27.24
C SER B 344 -2.61 8.83 -26.74
N LYS B 345 -3.24 8.16 -25.78
CA LYS B 345 -2.60 7.03 -25.12
C LYS B 345 -2.36 5.88 -26.07
N LEU B 346 -1.34 5.09 -25.76
CA LEU B 346 -0.93 3.92 -26.54
C LEU B 346 -0.87 2.69 -25.62
N ALA B 347 -1.96 2.45 -24.90
CA ALA B 347 -2.03 1.35 -23.95
C ALA B 347 -1.55 0.05 -24.57
N ASP B 348 -0.57 -0.58 -23.92
CA ASP B 348 0.01 -1.81 -24.43
C ASP B 348 -1.04 -2.93 -24.38
N MET B 349 -1.21 -3.62 -25.50
CA MET B 349 -2.23 -4.65 -25.64
C MET B 349 -1.69 -6.04 -25.30
N GLY B 350 -1.07 -6.15 -24.12
CA GLY B 350 -0.61 -7.43 -23.62
C GLY B 350 0.45 -8.05 -24.50
N GLU B 351 0.43 -9.39 -24.55
CA GLU B 351 1.39 -10.15 -25.34
C GLU B 351 0.71 -11.07 -26.35
N GLY B 352 -0.54 -10.79 -26.71
CA GLY B 352 -1.17 -11.50 -27.80
C GLY B 352 -2.47 -12.22 -27.45
N LEU B 353 -3.37 -12.30 -28.42
CA LEU B 353 -4.59 -13.08 -28.28
C LEU B 353 -4.29 -14.56 -28.49
N VAL B 354 -5.10 -15.41 -27.87
CA VAL B 354 -4.88 -16.85 -27.89
C VAL B 354 -5.59 -17.44 -29.11
N TYR B 355 -4.84 -18.18 -29.92
CA TYR B 355 -5.37 -18.86 -31.10
C TYR B 355 -4.99 -20.33 -31.02
N THR B 356 -5.96 -21.21 -31.28
CA THR B 356 -5.75 -22.65 -31.23
C THR B 356 -6.02 -23.26 -32.59
N LYS B 357 -5.06 -24.05 -33.08
CA LYS B 357 -5.24 -24.77 -34.33
C LYS B 357 -6.00 -26.08 -34.10
N GLY B 358 -5.38 -27.00 -33.38
CA GLY B 358 -6.04 -28.20 -32.89
C GLY B 358 -5.99 -28.21 -31.38
N LYS B 359 -5.15 -29.08 -30.83
CA LYS B 359 -4.80 -29.00 -29.41
C LYS B 359 -3.66 -28.01 -29.15
N LEU B 360 -3.06 -27.48 -30.21
CA LEU B 360 -1.99 -26.50 -30.06
C LEU B 360 -2.54 -25.16 -29.60
N THR B 361 -1.65 -24.36 -28.99
CA THR B 361 -1.99 -23.02 -28.53
C THR B 361 -0.89 -22.06 -28.93
N ASP B 362 -1.28 -20.89 -29.42
CA ASP B 362 -0.33 -19.87 -29.85
C ASP B 362 -0.84 -18.50 -29.44
N ARG B 363 0.10 -17.55 -29.35
CA ARG B 363 -0.21 -16.16 -29.07
C ARG B 363 0.07 -15.33 -30.31
N LYS B 364 -0.94 -14.58 -30.76
CA LYS B 364 -0.83 -13.81 -31.98
C LYS B 364 -1.29 -12.37 -31.72
N PRO B 365 -0.54 -11.37 -32.16
CA PRO B 365 -0.96 -9.98 -31.95
C PRO B 365 -2.20 -9.66 -32.78
N LEU B 366 -2.93 -8.65 -32.32
CA LEU B 366 -4.13 -8.22 -33.01
C LEU B 366 -3.79 -7.74 -34.42
N GLY B 367 -4.54 -8.22 -35.41
CA GLY B 367 -4.37 -7.83 -36.80
C GLY B 367 -3.96 -8.97 -37.71
N GLU B 368 -3.18 -9.92 -37.18
CA GLU B 368 -2.69 -11.01 -38.03
C GLU B 368 -3.83 -11.90 -38.52
N MET B 369 -4.77 -12.23 -37.65
CA MET B 369 -5.88 -13.10 -38.01
C MET B 369 -7.19 -12.53 -37.50
N PRO B 370 -8.31 -12.88 -38.15
CA PRO B 370 -9.60 -12.32 -37.73
C PRO B 370 -9.95 -12.71 -36.30
N SER B 371 -10.64 -11.78 -35.63
CA SER B 371 -11.07 -11.99 -34.25
C SER B 371 -12.28 -11.10 -34.00
N GLU B 372 -12.68 -11.01 -32.74
CA GLU B 372 -13.79 -10.15 -32.35
C GLU B 372 -13.38 -8.70 -32.15
N PHE B 373 -12.09 -8.39 -32.29
CA PHE B 373 -11.59 -7.03 -32.15
C PHE B 373 -10.98 -6.53 -33.46
N ASP B 374 -11.49 -7.02 -34.59
CA ASP B 374 -10.93 -6.62 -35.88
C ASP B 374 -11.14 -5.14 -36.16
N ASP B 375 -12.21 -4.56 -35.61
CA ASP B 375 -12.50 -3.15 -35.85
C ASP B 375 -11.36 -2.26 -35.39
N LEU B 376 -10.63 -2.67 -34.35
CA LEU B 376 -9.53 -1.89 -33.80
C LEU B 376 -8.21 -2.14 -34.50
N VAL B 377 -8.19 -2.98 -35.54
CA VAL B 377 -6.93 -3.30 -36.22
C VAL B 377 -6.30 -2.04 -36.80
N ARG B 378 -7.11 -1.08 -37.24
CA ARG B 378 -6.58 0.16 -37.78
C ARG B 378 -5.86 1.01 -36.74
N ASN B 379 -6.07 0.75 -35.45
CA ASN B 379 -5.49 1.56 -34.39
C ASN B 379 -4.23 0.92 -33.79
N VAL B 380 -3.72 -0.14 -34.38
CA VAL B 380 -2.56 -0.83 -33.83
C VAL B 380 -1.30 -0.09 -34.25
N VAL B 381 -0.49 0.30 -33.27
CA VAL B 381 0.80 0.96 -33.50
C VAL B 381 1.86 0.08 -32.84
N GLY B 382 2.50 -0.77 -33.64
CA GLY B 382 3.45 -1.72 -33.10
C GLY B 382 2.77 -2.73 -32.20
N ASN B 383 3.22 -2.82 -30.94
CA ASN B 383 2.56 -3.65 -29.95
C ASN B 383 1.57 -2.86 -29.10
N SER B 384 1.38 -1.58 -29.39
CA SER B 384 0.43 -0.73 -28.69
C SER B 384 -0.72 -0.38 -29.61
N ILE B 385 -1.81 0.10 -29.02
CA ILE B 385 -3.01 0.47 -29.76
C ILE B 385 -3.46 1.85 -29.29
N SER B 386 -3.77 2.72 -30.25
CA SER B 386 -4.26 4.05 -29.94
C SER B 386 -5.71 3.99 -29.53
N CYS B 387 -6.09 4.85 -28.58
CA CYS B 387 -7.44 4.81 -28.02
C CYS B 387 -7.75 6.19 -27.47
N ARG B 388 -8.64 6.94 -28.13
CA ARG B 388 -8.96 8.29 -27.71
C ARG B 388 -10.08 8.34 -26.68
N LEU B 389 -10.95 7.35 -26.66
CA LEU B 389 -12.11 7.36 -25.78
C LEU B 389 -11.94 6.32 -24.68
N GLY B 390 -12.31 6.69 -23.47
CA GLY B 390 -12.25 5.76 -22.37
C GLY B 390 -11.01 5.96 -21.50
N MET B 391 -11.13 5.59 -20.24
CA MET B 391 -10.07 5.71 -19.26
C MET B 391 -9.48 4.33 -18.98
N PHE B 392 -8.58 4.28 -18.01
CA PHE B 392 -8.06 3.02 -17.47
C PHE B 392 -8.04 3.09 -15.96
N MET B 393 -8.11 1.94 -15.32
CA MET B 393 -8.11 1.88 -13.87
C MET B 393 -6.74 2.28 -13.32
N GLY B 394 -6.76 2.99 -12.20
CA GLY B 394 -5.52 3.37 -11.55
C GLY B 394 -4.75 4.46 -12.25
N MET B 395 -5.43 5.31 -13.03
CA MET B 395 -4.77 6.41 -13.73
C MET B 395 -5.16 7.77 -13.15
N TYR B 396 -6.46 8.09 -13.15
CA TYR B 396 -6.97 9.31 -12.54
C TYR B 396 -8.16 8.90 -11.68
N ASN B 397 -7.88 8.45 -10.46
CA ASN B 397 -8.92 7.95 -9.58
C ASN B 397 -9.74 9.09 -8.98
N LEU B 398 -9.11 10.24 -8.75
CA LEU B 398 -9.75 11.35 -8.06
C LEU B 398 -10.36 12.38 -9.00
N THR B 399 -9.79 12.57 -10.19
CA THR B 399 -10.41 13.46 -11.17
C THR B 399 -11.75 12.89 -11.64
N SER B 400 -11.83 11.56 -11.76
CA SER B 400 -13.11 10.94 -12.11
C SER B 400 -14.15 11.17 -11.01
N THR B 401 -13.74 11.05 -9.75
CA THR B 401 -14.64 11.35 -8.64
C THR B 401 -15.09 12.80 -8.69
N LEU B 402 -14.18 13.71 -9.00
CA LEU B 402 -14.54 15.12 -9.15
C LEU B 402 -15.55 15.32 -10.27
N LEU B 403 -15.37 14.62 -11.39
CA LEU B 403 -16.32 14.72 -12.49
C LEU B 403 -17.70 14.25 -12.06
N ALA B 404 -17.75 13.13 -11.35
CA ALA B 404 -19.03 12.65 -10.85
C ALA B 404 -19.66 13.66 -9.89
N LEU B 405 -18.85 14.27 -9.03
CA LEU B 405 -19.40 15.20 -8.05
C LEU B 405 -19.92 16.47 -8.71
N ILE B 406 -19.25 16.96 -9.75
CA ILE B 406 -19.81 18.11 -10.47
C ILE B 406 -21.08 17.70 -11.21
N SER B 407 -21.15 16.44 -11.65
CA SER B 407 -22.40 15.95 -12.23
C SER B 407 -23.52 15.95 -11.21
N ILE B 408 -23.20 15.75 -9.93
CA ILE B 408 -24.23 15.73 -8.89
C ILE B 408 -24.87 17.12 -8.75
N GLU B 409 -24.08 18.17 -8.90
CA GLU B 409 -24.54 19.53 -8.58
C GLU B 409 -25.62 19.97 -9.56
N ARG B 410 -26.85 20.03 -9.08
CA ARG B 410 -27.99 20.43 -9.91
C ARG B 410 -29.01 21.12 -9.00
N GLU B 411 -29.87 21.93 -9.62
CA GLU B 411 -30.86 22.69 -8.85
C GLU B 411 -31.85 21.78 -8.14
N GLU B 412 -32.34 20.75 -8.82
CA GLU B 412 -33.41 19.91 -8.29
C GLU B 412 -32.90 18.59 -7.70
N LEU B 413 -31.59 18.45 -7.51
CA LEU B 413 -31.04 17.31 -6.78
C LEU B 413 -30.73 17.75 -5.36
N THR B 414 -31.78 17.86 -4.55
CA THR B 414 -31.65 18.29 -3.16
C THR B 414 -31.47 17.10 -2.20
N GLY B 415 -30.52 16.22 -2.55
CA GLY B 415 -30.19 15.07 -1.73
C GLY B 415 -28.77 15.13 -1.22
N SER B 416 -28.39 14.08 -0.50
CA SER B 416 -27.06 13.96 0.07
C SER B 416 -26.32 12.85 -0.67
N HIS B 417 -25.31 13.21 -1.44
CA HIS B 417 -24.56 12.26 -2.25
C HIS B 417 -23.16 12.10 -1.69
N VAL B 418 -22.72 10.85 -1.55
CA VAL B 418 -21.33 10.54 -1.19
C VAL B 418 -20.83 9.50 -2.19
N GLU B 419 -19.79 9.84 -2.93
CA GLU B 419 -19.26 8.95 -3.96
C GLU B 419 -17.76 8.85 -3.84
N SER B 420 -17.25 7.63 -3.93
CA SER B 420 -15.82 7.35 -4.03
C SER B 420 -15.60 6.48 -5.25
N SER B 421 -14.89 7.03 -6.23
CA SER B 421 -14.63 6.34 -7.50
C SER B 421 -15.95 5.88 -8.13
N ASP B 422 -16.13 4.58 -8.25
CA ASP B 422 -17.30 4.00 -8.90
C ASP B 422 -18.36 3.52 -7.92
N ASP B 423 -18.22 3.84 -6.63
CA ASP B 423 -19.19 3.46 -5.62
C ASP B 423 -19.87 4.72 -5.10
N PHE B 424 -21.18 4.64 -4.87
CA PHE B 424 -21.88 5.84 -4.41
C PHE B 424 -23.06 5.45 -3.54
N ILE B 425 -23.44 6.38 -2.67
CA ILE B 425 -24.66 6.30 -1.88
C ILE B 425 -25.33 7.67 -1.95
N HIS B 426 -26.66 7.65 -2.00
CA HIS B 426 -27.44 8.88 -2.13
C HIS B 426 -28.63 8.80 -1.18
N PHE B 427 -28.93 9.92 -0.53
CA PHE B 427 -30.05 10.02 0.39
C PHE B 427 -31.01 11.06 -0.16
N PHE B 428 -32.24 10.63 -0.45
CA PHE B 428 -33.28 11.50 -0.98
C PHE B 428 -34.23 11.88 0.15
N ASN B 429 -34.52 13.16 0.27
CA ASN B 429 -35.46 13.69 1.27
C ASN B 429 -36.51 14.48 0.51
N CYS B 430 -37.56 13.79 0.05
CA CYS B 430 -38.58 14.39 -0.79
C CYS B 430 -39.92 14.38 -0.05
N LYS B 431 -40.84 15.20 -0.55
CA LYS B 431 -42.18 15.28 0.01
C LYS B 431 -43.17 14.34 -0.68
N THR B 432 -42.73 13.62 -1.71
CA THR B 432 -43.61 12.74 -2.46
C THR B 432 -42.79 11.62 -3.08
N HIS B 433 -43.39 10.43 -3.18
CA HIS B 433 -42.71 9.31 -3.81
C HIS B 433 -42.40 9.59 -5.27
N GLU B 434 -43.33 10.23 -5.98
CA GLU B 434 -43.08 10.62 -7.36
C GLU B 434 -41.91 11.59 -7.46
N GLU B 435 -41.82 12.52 -6.51
CA GLU B 435 -40.68 13.43 -6.47
C GLU B 435 -39.37 12.68 -6.25
N MET B 436 -39.40 11.67 -5.37
CA MET B 436 -38.21 10.86 -5.15
C MET B 436 -37.79 10.13 -6.41
N PHE B 437 -38.76 9.54 -7.13
CA PHE B 437 -38.44 8.83 -8.36
C PHE B 437 -37.91 9.79 -9.42
N LYS B 438 -38.50 10.98 -9.51
CA LYS B 438 -38.01 11.97 -10.46
C LYS B 438 -36.57 12.37 -10.13
N GLN B 439 -36.27 12.56 -8.85
CA GLN B 439 -34.90 12.92 -8.47
C GLN B 439 -33.93 11.78 -8.75
N ALA B 440 -34.36 10.53 -8.52
CA ALA B 440 -33.47 9.40 -8.81
C ALA B 440 -33.18 9.29 -10.30
N GLU B 441 -34.21 9.45 -11.14
CA GLU B 441 -33.99 9.40 -12.58
C GLU B 441 -33.15 10.58 -13.04
N THR B 442 -33.37 11.76 -12.46
CA THR B 442 -32.56 12.92 -12.78
C THR B 442 -31.10 12.68 -12.41
N LEU B 443 -30.86 12.02 -11.27
CA LEU B 443 -29.50 11.67 -10.87
C LEU B 443 -28.86 10.74 -11.89
N ARG B 444 -29.59 9.71 -12.31
CA ARG B 444 -29.05 8.78 -13.30
C ARG B 444 -28.72 9.50 -14.61
N LEU B 445 -29.62 10.38 -15.06
CA LEU B 445 -29.40 11.07 -16.33
C LEU B 445 -28.27 12.08 -16.23
N THR B 446 -28.17 12.81 -15.12
CA THR B 446 -27.12 13.81 -15.00
C THR B 446 -25.75 13.16 -14.86
N LEU B 447 -25.68 11.98 -14.23
CA LEU B 447 -24.43 11.23 -14.30
C LEU B 447 -24.16 10.74 -15.71
N LYS B 448 -25.22 10.41 -16.46
CA LYS B 448 -25.03 10.04 -17.86
C LYS B 448 -24.53 11.19 -18.72
N LEU B 449 -24.74 12.44 -18.29
CA LEU B 449 -24.36 13.59 -19.09
C LEU B 449 -22.84 13.70 -19.28
N VAL B 450 -22.05 13.09 -18.40
CA VAL B 450 -20.61 13.09 -18.55
C VAL B 450 -20.04 11.70 -18.77
N GLY B 451 -20.87 10.66 -18.70
CA GLY B 451 -20.42 9.31 -18.96
C GLY B 451 -20.15 8.49 -17.72
N ILE B 452 -21.02 8.61 -16.72
CA ILE B 452 -20.83 7.89 -15.46
C ILE B 452 -21.56 6.54 -15.48
N ASN B 453 -22.85 6.53 -15.85
CA ASN B 453 -23.56 5.30 -16.19
C ASN B 453 -23.62 4.31 -15.01
N MET B 454 -24.41 4.68 -14.00
CA MET B 454 -24.64 3.74 -12.91
C MET B 454 -25.19 2.42 -13.44
N SER B 455 -24.72 1.33 -12.88
CA SER B 455 -25.18 0.01 -13.27
C SER B 455 -26.60 -0.20 -12.77
N PRO B 456 -27.58 -0.45 -13.65
CA PRO B 456 -28.96 -0.61 -13.16
C PRO B 456 -29.13 -1.79 -12.22
N SER B 457 -28.45 -2.91 -12.49
CA SER B 457 -28.63 -4.09 -11.66
C SER B 457 -27.96 -3.96 -10.30
N LYS B 458 -26.91 -3.16 -10.21
CA LYS B 458 -26.16 -3.00 -8.98
C LYS B 458 -26.65 -1.83 -8.13
N CYS B 459 -27.66 -1.09 -8.58
CA CYS B 459 -28.21 0.03 -7.84
C CYS B 459 -29.54 -0.37 -7.24
N ILE B 460 -29.68 -0.17 -5.92
CA ILE B 460 -30.88 -0.54 -5.19
C ILE B 460 -31.31 0.65 -4.35
N LEU B 461 -32.60 1.00 -4.42
CA LEU B 461 -33.17 2.12 -3.68
C LEU B 461 -34.14 1.57 -2.65
N ILE B 462 -33.81 1.75 -1.37
CA ILE B 462 -34.69 1.38 -0.27
C ILE B 462 -35.60 2.57 0.01
N SER B 463 -36.91 2.30 0.08
CA SER B 463 -37.89 3.40 0.04
C SER B 463 -37.92 4.21 1.32
N PRO B 464 -38.08 3.62 2.52
CA PRO B 464 -38.07 4.45 3.73
C PRO B 464 -36.67 4.64 4.30
N ALA B 465 -35.65 4.29 3.52
CA ALA B 465 -34.25 4.49 3.87
C ALA B 465 -33.88 3.75 5.16
N GLY B 466 -32.69 4.03 5.69
CA GLY B 466 -32.21 3.39 6.88
C GLY B 466 -31.39 2.13 6.66
N ILE B 467 -31.34 1.63 5.43
CA ILE B 467 -30.54 0.45 5.09
C ILE B 467 -29.78 0.74 3.80
N GLY B 468 -28.49 0.44 3.79
CA GLY B 468 -27.70 0.73 2.60
C GLY B 468 -26.30 0.17 2.72
N GLU B 469 -25.55 0.31 1.62
CA GLU B 469 -24.19 -0.17 1.53
C GLU B 469 -23.35 0.86 0.79
N PHE B 470 -22.12 1.06 1.28
CA PHE B 470 -21.20 2.00 0.63
C PHE B 470 -19.79 1.68 1.07
N ASN B 471 -18.93 1.35 0.11
CA ASN B 471 -17.49 1.19 0.34
C ASN B 471 -17.21 0.21 1.48
N SER B 472 -17.79 -0.98 1.37
CA SER B 472 -17.62 -2.06 2.35
C SER B 472 -18.13 -1.67 3.73
N LYS B 473 -19.00 -0.67 3.81
CA LYS B 473 -19.62 -0.25 5.05
C LYS B 473 -21.13 -0.41 4.93
N PHE B 474 -21.72 -1.11 5.89
CA PHE B 474 -23.13 -1.45 5.85
C PHE B 474 -23.87 -0.59 6.87
N HIS B 475 -24.83 0.19 6.40
CA HIS B 475 -25.66 1.03 7.23
C HIS B 475 -26.99 0.35 7.49
N HIS B 476 -27.36 0.21 8.76
CA HIS B 476 -28.68 -0.25 9.15
C HIS B 476 -29.12 0.52 10.38
N ARG B 477 -30.22 1.25 10.25
CA ARG B 477 -30.90 1.93 11.36
C ARG B 477 -29.88 2.68 12.23
N ASP B 478 -29.32 3.72 11.62
CA ASP B 478 -28.33 4.64 12.21
C ASP B 478 -27.18 3.91 12.89
N PHE B 479 -26.84 2.72 12.40
CA PHE B 479 -25.59 2.05 12.78
C PHE B 479 -24.82 1.74 11.51
N VAL B 480 -23.58 2.20 11.43
CA VAL B 480 -22.72 1.94 10.29
C VAL B 480 -21.63 0.99 10.73
N GLY B 481 -21.62 -0.21 10.16
CA GLY B 481 -20.64 -1.24 10.50
C GLY B 481 -19.64 -1.40 9.37
N ASN B 482 -18.35 -1.38 9.74
CA ASN B 482 -17.28 -1.55 8.78
C ASN B 482 -16.93 -3.03 8.65
N VAL B 483 -16.87 -3.50 7.42
CA VAL B 483 -16.49 -4.88 7.12
C VAL B 483 -15.31 -4.85 6.17
N ALA B 484 -14.23 -5.53 6.56
CA ALA B 484 -13.00 -5.51 5.77
C ALA B 484 -13.14 -6.37 4.52
N THR B 485 -12.57 -5.88 3.41
CA THR B 485 -12.47 -6.71 2.22
C THR B 485 -11.48 -7.84 2.41
N GLU B 486 -10.42 -7.59 3.17
CA GLU B 486 -9.37 -8.57 3.43
C GLU B 486 -9.24 -8.78 4.93
N LEU B 487 -9.21 -10.05 5.34
CA LEU B 487 -8.92 -10.35 6.73
C LEU B 487 -7.45 -10.05 7.03
N PRO B 488 -7.15 -9.62 8.25
CA PRO B 488 -5.74 -9.44 8.62
C PRO B 488 -4.97 -10.73 8.47
N ALA B 489 -3.72 -10.62 8.00
CA ALA B 489 -2.94 -11.80 7.69
C ALA B 489 -2.72 -12.68 8.91
N LEU B 490 -2.60 -12.08 10.10
CA LEU B 490 -2.37 -12.79 11.35
C LEU B 490 -1.10 -13.65 11.27
N VAL B 491 -0.11 -13.18 10.51
CA VAL B 491 1.18 -13.86 10.40
C VAL B 491 2.26 -12.80 10.58
N PRO B 492 3.46 -13.17 11.02
CA PRO B 492 4.55 -12.21 11.06
C PRO B 492 4.87 -11.68 9.67
N ASN B 493 5.20 -10.39 9.62
CA ASN B 493 5.40 -9.74 8.32
C ASN B 493 6.64 -10.25 7.60
N GLY B 494 7.65 -10.69 8.33
CA GLY B 494 8.84 -11.25 7.75
C GLY B 494 10.11 -10.43 7.85
N THR B 495 10.15 -9.42 8.72
CA THR B 495 11.36 -8.62 8.88
C THR B 495 12.24 -9.16 10.01
N ASN B 496 11.70 -9.19 11.22
CA ASN B 496 12.41 -9.68 12.40
C ASN B 496 11.39 -9.79 13.54
N PRO B 497 11.69 -10.60 14.56
CA PRO B 497 10.64 -10.91 15.56
C PRO B 497 10.04 -9.67 16.22
N MET B 498 10.85 -8.67 16.56
CA MET B 498 10.33 -7.52 17.29
C MET B 498 9.37 -6.70 16.44
N THR B 499 9.80 -6.34 15.22
CA THR B 499 8.92 -5.58 14.35
C THR B 499 7.72 -6.39 13.90
N ASP B 500 7.91 -7.69 13.65
CA ASP B 500 6.78 -8.53 13.26
C ASP B 500 5.72 -8.57 14.35
N LEU B 501 6.14 -8.74 15.60
CA LEU B 501 5.19 -8.74 16.72
C LEU B 501 4.51 -7.39 16.85
N ALA B 502 5.28 -6.30 16.77
CA ALA B 502 4.70 -4.97 16.90
C ALA B 502 3.69 -4.71 15.80
N MET B 503 4.01 -5.06 14.56
CA MET B 503 3.12 -4.78 13.44
C MET B 503 1.89 -5.67 13.47
N GLY B 504 2.04 -6.93 13.89
CA GLY B 504 0.86 -7.77 14.03
C GLY B 504 -0.10 -7.25 15.09
N LEU B 505 0.45 -6.86 16.24
CA LEU B 505 -0.38 -6.29 17.29
C LEU B 505 -1.04 -4.99 16.82
N ASN B 506 -0.30 -4.17 16.07
CA ASN B 506 -0.86 -2.92 15.56
C ASN B 506 -1.98 -3.19 14.54
N VAL B 507 -1.81 -4.20 13.69
CA VAL B 507 -2.85 -4.55 12.72
C VAL B 507 -4.11 -5.01 13.44
N ILE B 508 -3.96 -5.86 14.45
CA ILE B 508 -5.13 -6.32 15.20
C ILE B 508 -5.79 -5.15 15.91
N LYS B 509 -5.00 -4.25 16.50
CA LYS B 509 -5.55 -3.09 17.17
C LYS B 509 -6.31 -2.18 16.22
N HIS B 510 -5.76 -1.97 15.02
CA HIS B 510 -6.44 -1.17 14.01
C HIS B 510 -7.75 -1.82 13.59
N SER B 511 -7.74 -3.14 13.39
CA SER B 511 -8.98 -3.84 13.04
C SER B 511 -10.02 -3.70 14.14
N VAL B 512 -9.59 -3.73 15.39
CA VAL B 512 -10.51 -3.50 16.50
C VAL B 512 -11.05 -2.07 16.47
N ASN B 513 -10.18 -1.10 16.21
CA ASN B 513 -10.60 0.30 16.23
C ASN B 513 -11.62 0.60 15.13
N THR B 514 -11.43 0.02 13.95
CA THR B 514 -12.38 0.24 12.86
C THR B 514 -13.72 -0.42 13.12
N GLY B 515 -13.84 -1.28 14.13
CA GLY B 515 -15.04 -2.02 14.40
C GLY B 515 -15.12 -3.37 13.71
N GLN B 516 -14.14 -3.70 12.86
CA GLN B 516 -14.15 -4.99 12.19
C GLN B 516 -13.91 -6.14 13.16
N MET B 517 -13.37 -5.86 14.34
CA MET B 517 -13.14 -6.88 15.36
C MET B 517 -13.59 -6.35 16.71
N ASN B 518 -13.93 -7.28 17.61
CA ASN B 518 -14.34 -6.94 18.95
C ASN B 518 -13.51 -7.72 19.97
N LEU B 519 -13.94 -7.71 21.22
CA LEU B 519 -13.22 -8.39 22.30
C LEU B 519 -12.87 -9.83 21.92
N CYS B 520 -13.89 -10.65 21.64
CA CYS B 520 -13.66 -12.06 21.34
C CYS B 520 -12.83 -12.23 20.08
N THR B 521 -13.20 -11.54 19.00
CA THR B 521 -12.45 -11.66 17.76
C THR B 521 -11.04 -11.13 17.90
N GLY B 522 -10.87 -10.02 18.64
CA GLY B 522 -9.53 -9.49 18.85
C GLY B 522 -8.64 -10.48 19.58
N ALA B 523 -9.15 -11.05 20.67
CA ALA B 523 -8.35 -12.00 21.45
C ALA B 523 -8.08 -13.28 20.66
N LEU B 524 -9.07 -13.77 19.93
CA LEU B 524 -8.86 -14.96 19.12
C LEU B 524 -7.84 -14.72 18.02
N ALA B 525 -7.91 -13.56 17.36
CA ALA B 525 -6.91 -13.20 16.36
C ALA B 525 -5.54 -13.08 16.99
N MET B 526 -5.46 -12.55 18.21
CA MET B 526 -4.18 -12.46 18.90
C MET B 526 -3.61 -13.85 19.18
N ARG B 527 -4.45 -14.79 19.61
CA ARG B 527 -3.96 -16.14 19.87
C ARG B 527 -3.51 -16.83 18.59
N ILE B 528 -4.26 -16.66 17.50
CA ILE B 528 -3.86 -17.25 16.22
C ILE B 528 -2.54 -16.65 15.74
N PHE B 529 -2.41 -15.31 15.85
CA PHE B 529 -1.17 -14.65 15.47
C PHE B 529 -0.01 -15.11 16.34
N ASN B 530 -0.26 -15.30 17.64
CA ASN B 530 0.79 -15.78 18.53
C ASN B 530 1.27 -17.16 18.10
N HIS B 531 0.34 -18.05 17.76
CA HIS B 531 0.74 -19.38 17.30
C HIS B 531 1.55 -19.30 16.02
N ALA B 532 1.09 -18.50 15.05
CA ALA B 532 1.81 -18.39 13.78
C ALA B 532 3.18 -17.75 13.98
N TYR B 533 3.26 -16.73 14.83
CA TYR B 533 4.50 -16.04 15.12
C TYR B 533 5.50 -16.96 15.79
N LYS B 534 5.05 -17.76 16.76
CA LYS B 534 5.94 -18.70 17.42
C LYS B 534 6.41 -19.78 16.44
N TYR B 535 5.51 -20.28 15.59
CA TYR B 535 5.92 -21.30 14.63
C TYR B 535 6.93 -20.77 13.64
N ALA B 536 6.73 -19.53 13.16
CA ALA B 536 7.59 -18.99 12.11
C ALA B 536 9.02 -18.77 12.58
N TYR B 537 9.25 -18.63 13.88
CA TYR B 537 10.58 -18.36 14.42
C TYR B 537 11.13 -19.56 15.20
N MET B 538 10.64 -20.76 14.91
CA MET B 538 11.11 -21.99 15.56
C MET B 538 11.01 -21.90 17.08
N ALA B 539 9.92 -21.32 17.57
CA ALA B 539 9.67 -21.22 19.01
C ALA B 539 8.72 -22.29 19.51
N LEU B 540 8.30 -23.22 18.66
CA LEU B 540 7.36 -24.27 19.03
C LEU B 540 7.97 -25.64 18.78
N GLY B 541 7.61 -26.58 19.65
CA GLY B 541 8.10 -27.94 19.50
C GLY B 541 9.60 -28.03 19.74
N VAL B 542 10.23 -28.95 19.03
CA VAL B 542 11.67 -29.18 19.13
C VAL B 542 12.28 -28.81 17.79
N THR B 543 13.09 -27.74 17.79
CA THR B 543 13.78 -27.27 16.61
C THR B 543 15.24 -27.02 16.97
N ARG B 544 16.02 -26.56 15.99
CA ARG B 544 17.42 -26.24 16.24
C ARG B 544 17.55 -25.10 17.24
N ARG B 545 16.67 -24.09 17.13
CA ARG B 545 16.72 -22.96 18.04
C ARG B 545 16.39 -23.36 19.46
N THR B 546 15.31 -24.14 19.64
CA THR B 546 14.95 -24.60 20.98
C THR B 546 16.00 -25.55 21.54
N ARG B 547 16.57 -26.41 20.70
CA ARG B 547 17.62 -27.31 21.16
C ARG B 547 18.84 -26.53 21.62
N PHE B 548 19.24 -25.51 20.86
CA PHE B 548 20.38 -24.69 21.26
C PHE B 548 20.10 -23.95 22.57
N MET B 549 18.88 -23.45 22.73
CA MET B 549 18.53 -22.79 23.98
C MET B 549 18.56 -23.76 25.16
N GLU B 550 18.11 -24.99 24.94
CA GLU B 550 18.07 -25.96 26.04
C GLU B 550 19.46 -26.43 26.42
N GLU B 551 20.30 -26.74 25.44
CA GLU B 551 21.64 -27.26 25.73
C GLU B 551 22.48 -26.23 26.47
N ASN B 552 22.40 -24.97 26.07
CA ASN B 552 23.21 -23.92 26.65
C ASN B 552 22.56 -23.26 27.86
N ALA B 553 21.41 -23.78 28.31
CA ALA B 553 20.72 -23.27 29.50
C ALA B 553 20.36 -21.79 29.34
N ILE B 554 19.74 -21.46 28.21
CA ILE B 554 19.25 -20.13 27.94
C ILE B 554 17.74 -20.16 28.12
N THR B 555 17.25 -19.60 29.22
CA THR B 555 15.83 -19.64 29.51
C THR B 555 15.04 -18.80 28.51
N PRO B 556 13.90 -19.28 28.03
CA PRO B 556 13.06 -18.46 27.15
C PRO B 556 12.48 -17.26 27.87
N LEU B 557 12.90 -16.06 27.47
CA LEU B 557 12.44 -14.84 28.12
C LEU B 557 11.57 -13.95 27.24
N LEU B 558 11.61 -14.15 25.93
CA LEU B 558 10.79 -13.39 25.00
C LEU B 558 9.81 -14.32 24.29
N THR B 559 8.75 -13.72 23.74
CA THR B 559 7.71 -14.51 23.08
C THR B 559 8.28 -15.28 21.90
N ASN B 560 9.15 -14.63 21.11
CA ASN B 560 9.77 -15.31 19.98
C ASN B 560 10.76 -16.39 20.42
N GLN B 561 11.14 -16.41 21.69
CA GLN B 561 12.04 -17.43 22.22
C GLN B 561 11.30 -18.65 22.76
N GLY B 562 9.98 -18.66 22.71
CA GLY B 562 9.19 -19.75 23.24
C GLY B 562 8.58 -19.49 24.60
N ALA B 563 8.77 -18.31 25.17
CA ALA B 563 8.18 -17.99 26.46
C ALA B 563 6.68 -17.77 26.31
N SER B 564 5.99 -17.78 27.44
CA SER B 564 4.56 -17.52 27.43
C SER B 564 4.28 -16.10 26.96
N PRO B 565 3.21 -15.88 26.19
CA PRO B 565 2.91 -14.51 25.76
C PRO B 565 2.64 -13.60 26.94
N VAL B 566 3.12 -12.37 26.83
CA VAL B 566 2.95 -11.37 27.88
C VAL B 566 1.89 -10.38 27.44
N HIS B 567 1.74 -10.24 26.12
CA HIS B 567 0.74 -9.33 25.57
C HIS B 567 -0.66 -9.86 25.82
N SER B 568 -1.58 -8.94 26.09
CA SER B 568 -2.99 -9.25 26.29
C SER B 568 -3.81 -8.34 25.38
N PHE B 569 -5.14 -8.49 25.46
CA PHE B 569 -6.01 -7.67 24.61
C PHE B 569 -5.84 -6.19 24.93
N SER B 570 -5.75 -5.85 26.22
CA SER B 570 -5.54 -4.46 26.59
C SER B 570 -4.11 -4.00 26.35
N THR B 571 -3.18 -4.93 26.18
CA THR B 571 -1.78 -4.58 25.90
C THR B 571 -1.48 -4.97 24.46
N MET B 572 -1.83 -4.07 23.55
CA MET B 572 -1.46 -4.18 22.14
C MET B 572 -0.42 -3.16 21.73
N HIS B 573 -0.53 -1.95 22.27
CA HIS B 573 0.41 -0.87 22.00
C HIS B 573 1.72 -1.03 22.75
N LEU B 574 1.74 -1.80 23.84
CA LEU B 574 2.94 -1.92 24.66
C LEU B 574 4.00 -2.76 23.96
N ASP B 575 5.26 -2.36 24.13
CA ASP B 575 6.37 -3.06 23.51
C ASP B 575 6.63 -4.39 24.22
N GLU B 576 7.25 -5.31 23.46
CA GLU B 576 7.57 -6.62 24.03
C GLU B 576 8.71 -6.53 25.04
N VAL B 577 9.76 -5.76 24.72
CA VAL B 577 10.88 -5.64 25.64
C VAL B 577 10.44 -4.95 26.92
N ALA B 578 9.68 -3.87 26.79
CA ALA B 578 8.99 -3.31 27.93
C ALA B 578 7.83 -4.23 28.33
N LEU B 579 7.18 -3.89 29.45
CA LEU B 579 6.06 -4.67 29.98
C LEU B 579 6.54 -6.03 30.47
N ARG B 580 7.80 -6.35 30.20
CA ARG B 580 8.48 -7.52 30.76
C ARG B 580 9.45 -7.13 31.86
N ARG B 581 10.18 -6.04 31.66
CA ARG B 581 10.95 -5.45 32.75
C ARG B 581 10.04 -4.93 33.85
N HIS B 582 8.91 -4.34 33.46
CA HIS B 582 7.97 -3.82 34.46
C HIS B 582 7.36 -4.95 35.28
N LEU B 583 7.02 -6.07 34.65
CA LEU B 583 6.39 -7.18 35.34
C LEU B 583 7.39 -8.13 35.97
N GLY B 584 8.68 -7.85 35.87
CA GLY B 584 9.69 -8.70 36.45
C GLY B 584 10.09 -9.90 35.62
N LEU B 585 9.49 -10.07 34.43
CA LEU B 585 9.85 -11.18 33.57
C LEU B 585 11.23 -11.01 32.93
N LEU B 586 11.82 -9.82 33.02
CA LEU B 586 13.13 -9.55 32.45
C LEU B 586 13.93 -8.72 33.45
N ASP B 587 14.94 -9.34 34.06
CA ASP B 587 15.79 -8.64 35.01
C ASP B 587 16.77 -7.71 34.28
N GLU B 588 17.43 -6.85 35.05
CA GLU B 588 18.11 -5.69 34.46
C GLU B 588 19.30 -6.08 33.62
N GLU B 589 20.11 -7.05 34.06
CA GLU B 589 21.35 -7.32 33.34
C GLU B 589 21.11 -7.93 31.97
N THR B 590 20.06 -8.72 31.79
CA THR B 590 19.78 -9.21 30.45
C THR B 590 19.29 -8.09 29.55
N LEU B 591 18.62 -7.08 30.12
CA LEU B 591 18.29 -5.89 29.34
C LEU B 591 19.55 -5.17 28.90
N ARG B 592 20.51 -4.99 29.82
CA ARG B 592 21.77 -4.37 29.45
C ARG B 592 22.50 -5.19 28.40
N ARG B 593 22.32 -6.51 28.42
CA ARG B 593 22.99 -7.38 27.46
C ARG B 593 22.35 -7.28 26.08
N ILE B 594 21.01 -7.21 26.02
CA ILE B 594 20.32 -7.24 24.74
C ILE B 594 20.00 -5.85 24.19
N LEU B 595 19.95 -4.83 25.03
CA LEU B 595 19.73 -3.46 24.57
C LEU B 595 21.03 -2.75 24.23
N ASN B 596 22.16 -3.44 24.29
CA ASN B 596 23.45 -2.83 24.03
C ASN B 596 23.52 -2.40 22.56
N PRO B 597 23.73 -1.11 22.29
CA PRO B 597 23.86 -0.68 20.89
C PRO B 597 25.07 -1.25 20.18
N ASN B 598 26.07 -1.73 20.91
CA ASN B 598 27.29 -2.27 20.33
C ASN B 598 27.15 -3.72 19.90
N ASN B 599 25.95 -4.28 19.95
CA ASN B 599 25.76 -5.66 19.53
C ASN B 599 26.04 -5.80 18.04
N PRO B 600 26.66 -6.91 17.62
CA PRO B 600 26.98 -7.07 16.19
C PRO B 600 25.75 -7.12 15.30
N VAL B 601 24.59 -7.47 15.83
CA VAL B 601 23.35 -7.55 15.05
C VAL B 601 22.42 -6.44 15.53
N THR B 602 21.88 -5.69 14.57
CA THR B 602 20.98 -4.58 14.88
C THR B 602 20.25 -4.10 13.62
N GLU B 622 2.82 2.23 12.92
CA GLU B 622 4.20 2.63 13.11
C GLU B 622 4.94 1.62 13.98
N ASP B 623 6.19 1.35 13.64
CA ASP B 623 7.01 0.36 14.34
C ASP B 623 7.61 1.02 15.58
N TYR B 624 6.93 0.85 16.71
CA TYR B 624 7.43 1.35 18.00
C TYR B 624 8.10 0.23 18.78
N SER B 625 9.19 -0.28 18.21
CA SER B 625 9.97 -1.35 18.82
C SER B 625 11.37 -0.86 19.10
N VAL B 626 11.83 -1.02 20.34
CA VAL B 626 13.15 -0.53 20.72
C VAL B 626 14.23 -1.36 20.01
N PRO B 627 15.34 -0.75 19.62
CA PRO B 627 16.42 -1.55 19.02
C PRO B 627 16.94 -2.60 19.99
N SER B 628 17.24 -3.78 19.46
CA SER B 628 17.66 -4.91 20.29
C SER B 628 18.43 -5.89 19.42
N CYS B 629 19.05 -6.87 20.08
CA CYS B 629 19.78 -7.90 19.37
C CYS B 629 18.87 -8.76 18.51
N PHE B 630 17.58 -8.78 18.80
CA PHE B 630 16.62 -9.55 18.01
C PHE B 630 16.07 -8.80 16.82
N LYS B 631 16.37 -7.51 16.69
CA LYS B 631 16.00 -6.74 15.50
C LYS B 631 17.11 -6.88 14.46
N TYR B 632 17.16 -8.04 13.84
CA TYR B 632 18.20 -8.33 12.86
C TYR B 632 17.63 -8.22 11.45
N THR B 633 18.49 -8.45 10.46
CA THR B 633 18.13 -8.42 9.05
C THR B 633 18.40 -9.79 8.45
N LEU B 634 17.45 -10.28 7.66
CA LEU B 634 17.60 -11.61 7.06
C LEU B 634 18.47 -11.55 5.81
N SER B 635 18.03 -10.82 4.80
CA SER B 635 18.77 -10.71 3.54
C SER B 635 18.33 -9.49 2.75
N HIS B 645 20.11 -5.91 -15.20
CA HIS B 645 20.80 -5.56 -13.97
C HIS B 645 22.30 -5.73 -14.11
N LYS B 646 22.79 -5.61 -15.35
CA LYS B 646 24.22 -5.75 -15.60
C LYS B 646 25.01 -4.62 -14.95
N ALA B 647 24.52 -3.39 -15.08
CA ALA B 647 25.19 -2.22 -14.53
C ALA B 647 24.30 -1.50 -13.52
N LEU B 648 23.39 -2.22 -12.87
CA LEU B 648 22.52 -1.64 -11.87
C LEU B 648 22.93 -1.95 -10.44
N LEU B 649 23.55 -3.11 -10.20
CA LEU B 649 23.98 -3.45 -8.84
C LEU B 649 25.16 -2.61 -8.39
N ASN B 650 26.12 -2.37 -9.30
CA ASN B 650 27.24 -1.50 -8.96
C ASN B 650 26.77 -0.07 -8.69
N LYS B 651 25.83 0.41 -9.50
CA LYS B 651 25.26 1.73 -9.23
C LYS B 651 24.50 1.74 -7.91
N GLU B 652 23.79 0.65 -7.60
CA GLU B 652 23.11 0.54 -6.31
C GLU B 652 24.11 0.67 -5.16
N GLU B 653 25.20 -0.09 -5.21
CA GLU B 653 26.14 -0.06 -4.09
C GLU B 653 26.88 1.27 -4.02
N ARG B 654 27.15 1.90 -5.16
CA ARG B 654 27.73 3.24 -5.14
C ARG B 654 26.79 4.24 -4.47
N TYR B 655 25.50 4.19 -4.80
CA TYR B 655 24.54 5.07 -4.16
C TYR B 655 24.41 4.76 -2.67
N GLN B 656 24.49 3.49 -2.30
CA GLN B 656 24.46 3.12 -0.89
C GLN B 656 25.65 3.70 -0.15
N ARG B 657 26.84 3.64 -0.76
CA ARG B 657 28.02 4.21 -0.11
C ARG B 657 27.90 5.73 0.02
N VAL B 658 27.38 6.39 -1.02
CA VAL B 658 27.17 7.83 -0.94
C VAL B 658 26.17 8.18 0.15
N THR B 659 25.10 7.39 0.26
CA THR B 659 24.15 7.59 1.35
C THR B 659 24.78 7.32 2.70
N SER B 660 25.77 6.42 2.75
CA SER B 660 26.41 6.06 4.01
C SER B 660 27.35 7.16 4.50
N ILE B 661 28.06 7.83 3.58
CA ILE B 661 28.89 8.95 4.03
C ILE B 661 28.02 10.09 4.54
N ILE B 662 26.84 10.27 3.96
CA ILE B 662 25.82 11.15 4.52
C ILE B 662 25.15 10.40 5.66
N ASN B 663 24.31 11.09 6.44
CA ASN B 663 23.66 10.57 7.64
C ASN B 663 24.66 10.48 8.79
N LYS B 664 25.93 10.75 8.49
CA LYS B 664 26.97 10.91 9.49
C LYS B 664 27.50 12.34 9.52
N LEU B 665 27.84 12.89 8.35
CA LEU B 665 28.20 14.29 8.26
C LEU B 665 26.97 15.20 8.24
N PHE B 666 25.80 14.67 7.91
CA PHE B 666 24.56 15.44 7.81
C PHE B 666 23.49 14.79 8.67
N PRO B 667 23.49 15.05 9.98
CA PRO B 667 22.39 14.53 10.81
C PRO B 667 21.03 15.06 10.40
N GLU B 668 20.97 16.28 9.87
CA GLU B 668 19.69 16.94 9.63
C GLU B 668 18.86 16.25 8.56
N VAL B 669 19.47 15.46 7.67
CA VAL B 669 18.67 14.74 6.69
C VAL B 669 17.88 13.61 7.33
N LEU B 670 18.25 13.20 8.55
CA LEU B 670 17.46 12.23 9.28
C LEU B 670 16.17 12.83 9.84
N ILE B 671 16.05 14.16 9.82
CA ILE B 671 14.88 14.85 10.33
C ILE B 671 14.10 15.54 9.21
N GLN B 672 14.80 16.23 8.32
CA GLN B 672 14.20 16.96 7.23
C GLN B 672 14.73 16.45 5.90
N GLU B 673 14.34 17.12 4.81
CA GLU B 673 14.80 16.77 3.48
C GLU B 673 16.21 17.31 3.25
N ALA B 674 16.78 16.93 2.11
CA ALA B 674 18.18 17.26 1.83
C ALA B 674 18.38 18.76 1.70
N SER B 675 17.58 19.41 0.84
CA SER B 675 17.73 20.83 0.54
C SER B 675 19.18 21.15 0.18
N ALA B 676 19.68 22.30 0.64
CA ALA B 676 21.10 22.64 0.53
C ALA B 676 21.57 22.61 -0.92
N PRO B 677 21.21 23.60 -1.73
CA PRO B 677 21.54 23.54 -3.16
C PRO B 677 23.05 23.44 -3.38
N GLY B 678 23.43 22.64 -4.38
CA GLY B 678 24.82 22.42 -4.68
C GLY B 678 25.14 20.97 -4.99
N THR B 679 26.36 20.72 -5.46
CA THR B 679 26.79 19.37 -5.79
C THR B 679 27.06 18.57 -4.52
N VAL B 680 26.86 17.26 -4.60
CA VAL B 680 27.06 16.39 -3.43
C VAL B 680 28.50 16.45 -2.96
N ARG B 681 29.45 16.40 -3.89
CA ARG B 681 30.87 16.41 -3.51
C ARG B 681 31.24 17.69 -2.77
N GLU B 682 30.82 18.84 -3.32
CA GLU B 682 31.16 20.12 -2.69
C GLU B 682 30.51 20.26 -1.32
N SER B 683 29.24 19.87 -1.20
CA SER B 683 28.56 19.96 0.09
C SER B 683 29.22 19.06 1.12
N LEU B 684 29.57 17.83 0.73
CA LEU B 684 30.25 16.94 1.65
C LEU B 684 31.61 17.49 2.06
N LYS B 685 32.36 18.04 1.12
CA LYS B 685 33.67 18.60 1.45
C LYS B 685 33.53 19.77 2.42
N ARG B 686 32.58 20.67 2.16
CA ARG B 686 32.41 21.82 3.02
C ARG B 686 31.97 21.41 4.42
N ARG B 687 31.03 20.47 4.52
CA ARG B 687 30.58 20.04 5.84
C ARG B 687 31.68 19.30 6.58
N LEU B 688 32.46 18.48 5.88
CA LEU B 688 33.56 17.78 6.51
C LEU B 688 34.58 18.76 7.04
N GLU B 689 34.91 19.81 6.27
CA GLU B 689 35.77 20.86 6.79
C GLU B 689 35.17 21.47 8.06
N LEU B 690 33.92 21.94 7.96
CA LEU B 690 33.28 22.56 9.11
C LEU B 690 33.39 21.69 10.36
N VAL B 691 33.19 20.38 10.19
CA VAL B 691 33.37 19.46 11.32
C VAL B 691 34.82 19.48 11.80
N VAL B 692 35.78 19.46 10.88
CA VAL B 692 37.18 19.33 11.27
C VAL B 692 37.64 20.54 12.08
N GLU B 693 37.40 21.74 11.56
CA GLU B 693 37.74 22.94 12.34
C GLU B 693 36.61 23.42 13.25
N ARG B 694 35.64 22.57 13.58
CA ARG B 694 34.85 22.74 14.79
C ARG B 694 35.05 21.58 15.76
N SER B 695 36.23 20.97 15.75
CA SER B 695 36.53 19.81 16.58
C SER B 695 37.34 20.16 17.83
N ASP B 696 37.47 21.45 18.14
CA ASP B 696 38.22 21.96 19.29
C ASP B 696 39.54 21.23 19.51
N LEU B 697 40.26 20.95 18.43
CA LEU B 697 41.57 20.31 18.49
C LEU B 697 42.65 21.35 18.24
N ASP B 698 43.89 20.87 18.19
CA ASP B 698 45.02 21.75 17.89
C ASP B 698 44.98 22.20 16.43
N GLU B 699 45.51 23.39 16.19
CA GLU B 699 45.50 23.95 14.85
C GLU B 699 46.35 23.12 13.89
N GLU B 700 47.50 22.62 14.36
CA GLU B 700 48.38 21.83 13.48
C GLU B 700 47.70 20.53 13.07
N ARG B 701 47.01 19.87 14.01
CA ARG B 701 46.28 18.66 13.66
C ARG B 701 45.18 18.97 12.64
N LYS B 702 44.49 20.10 12.82
CA LYS B 702 43.47 20.50 11.87
C LYS B 702 44.06 20.71 10.48
N LYS B 703 45.23 21.36 10.41
CA LYS B 703 45.89 21.56 9.12
C LYS B 703 46.28 20.24 8.49
N ARG B 704 46.82 19.30 9.28
CA ARG B 704 47.17 18.00 8.72
C ARG B 704 45.94 17.27 8.21
N ILE B 705 44.80 17.41 8.90
CA ILE B 705 43.59 16.73 8.47
C ILE B 705 43.06 17.32 7.17
N LEU B 706 42.97 18.66 7.08
CA LEU B 706 42.53 19.26 5.83
C LEU B 706 43.51 19.00 4.69
N SER B 707 44.78 18.75 5.01
CA SER B 707 45.74 18.44 3.95
C SER B 707 45.41 17.15 3.21
N ARG B 708 44.67 16.24 3.85
CA ARG B 708 44.33 14.96 3.26
C ARG B 708 42.96 14.96 2.57
N ILE B 709 42.23 16.07 2.59
CA ILE B 709 40.90 16.15 2.00
C ILE B 709 41.07 16.59 0.55
N PHE B 710 41.01 15.63 -0.37
CA PHE B 710 41.09 15.92 -1.80
C PHE B 710 40.51 14.78 -2.62
N GLU C 10 42.00 13.65 15.55
CA GLU C 10 41.12 12.72 16.25
C GLU C 10 40.90 11.46 15.43
N CYS C 11 40.87 10.31 16.11
CA CYS C 11 40.67 9.04 15.42
C CYS C 11 39.28 8.94 14.79
N THR C 12 38.25 9.35 15.52
CA THR C 12 36.89 9.27 14.99
C THR C 12 36.67 10.29 13.88
N LEU C 13 37.31 11.45 13.97
CA LEU C 13 37.21 12.43 12.89
C LEU C 13 38.01 11.98 11.67
N ARG C 14 39.15 11.33 11.90
CA ARG C 14 39.88 10.74 10.78
C ARG C 14 39.06 9.67 10.08
N ALA C 15 38.18 8.99 10.82
CA ALA C 15 37.29 7.96 10.30
C ALA C 15 36.20 8.51 9.39
N LEU C 16 36.22 9.81 9.07
CA LEU C 16 35.30 10.39 8.10
C LEU C 16 36.03 11.01 6.91
N VAL C 17 37.32 10.74 6.74
CA VAL C 17 38.12 11.36 5.71
C VAL C 17 38.41 10.40 4.55
N GLU C 18 39.09 9.27 4.85
CA GLU C 18 39.40 8.33 3.78
C GLU C 18 38.14 7.72 3.18
N GLU C 19 37.08 7.60 3.98
CA GLU C 19 35.77 7.20 3.44
C GLU C 19 35.26 8.23 2.45
N TYR C 20 35.42 9.51 2.78
CA TYR C 20 35.07 10.56 1.82
C TYR C 20 35.97 10.51 0.60
N ASN C 21 37.29 10.37 0.82
CA ASN C 21 38.21 10.26 -0.31
C ASN C 21 37.97 8.99 -1.10
N GLY C 22 37.71 7.87 -0.41
CA GLY C 22 37.43 6.64 -1.11
C GLY C 22 36.15 6.70 -1.92
N ALA C 23 35.10 7.29 -1.34
CA ALA C 23 33.85 7.44 -2.07
C ALA C 23 34.01 8.35 -3.27
N CYS C 24 34.74 9.47 -3.10
CA CYS C 24 34.96 10.38 -4.20
C CYS C 24 35.85 9.78 -5.29
N LYS C 25 36.60 8.73 -4.97
CA LYS C 25 37.49 8.11 -5.93
C LYS C 25 36.80 7.02 -6.74
N GLU C 26 36.17 6.06 -6.07
CA GLU C 26 35.55 4.94 -6.77
C GLU C 26 34.16 5.28 -7.32
N ALA C 27 33.55 6.39 -6.88
CA ALA C 27 32.23 6.81 -7.34
C ALA C 27 32.28 8.28 -7.74
N PRO C 28 32.95 8.61 -8.85
CA PRO C 28 33.07 10.02 -9.25
C PRO C 28 31.76 10.62 -9.72
N LYS C 29 31.04 9.89 -10.59
CA LYS C 29 29.77 10.41 -11.12
C LYS C 29 28.70 10.48 -10.03
N GLU C 30 28.81 9.63 -9.00
CA GLU C 30 27.83 9.65 -7.92
C GLU C 30 27.89 10.96 -7.14
N MET C 31 29.09 11.47 -6.89
CA MET C 31 29.22 12.74 -6.18
C MET C 31 28.85 13.93 -7.04
N SER C 32 28.92 13.81 -8.37
CA SER C 32 28.60 14.93 -9.24
C SER C 32 27.12 15.32 -9.21
N LYS C 33 26.26 14.47 -8.66
CA LYS C 33 24.84 14.76 -8.61
C LYS C 33 24.56 15.87 -7.59
N GLN C 34 23.38 16.45 -7.69
CA GLN C 34 22.98 17.49 -6.76
C GLN C 34 22.71 16.91 -5.38
N PHE C 35 22.89 17.75 -4.36
CA PHE C 35 22.64 17.30 -2.99
C PHE C 35 21.16 17.04 -2.75
N THR C 36 20.28 17.74 -3.48
CA THR C 36 18.86 17.47 -3.36
C THR C 36 18.47 16.13 -3.95
N ASP C 37 19.34 15.53 -4.78
CA ASP C 37 19.07 14.20 -5.30
C ASP C 37 19.09 13.14 -4.21
N TYR C 38 19.64 13.46 -3.04
CA TYR C 38 19.66 12.50 -1.94
C TYR C 38 18.26 12.03 -1.58
N ASN C 39 17.29 12.94 -1.61
CA ASN C 39 15.91 12.58 -1.33
C ASN C 39 15.38 11.53 -2.30
N THR C 40 15.98 11.43 -3.50
CA THR C 40 15.55 10.45 -4.48
C THR C 40 16.26 9.11 -4.29
N PHE C 41 17.57 9.11 -4.10
CA PHE C 41 18.32 7.87 -4.03
C PHE C 41 18.53 7.36 -2.61
N LYS C 42 17.77 7.88 -1.65
CA LYS C 42 17.67 7.22 -0.35
C LYS C 42 17.19 5.78 -0.50
N ARG C 43 16.27 5.56 -1.45
CA ARG C 43 15.62 4.28 -1.64
C ARG C 43 15.98 3.63 -2.98
N TYR C 44 17.10 4.02 -3.57
CA TYR C 44 17.53 3.44 -4.84
C TYR C 44 17.90 1.97 -4.63
N THR C 45 17.04 1.06 -5.06
CA THR C 45 17.28 -0.37 -4.94
C THR C 45 16.80 -1.09 -6.18
N THR C 46 17.59 -2.07 -6.63
CA THR C 46 17.19 -2.88 -7.77
C THR C 46 16.14 -3.91 -7.39
N SER C 47 16.11 -4.33 -6.13
CA SER C 47 15.19 -5.38 -5.71
C SER C 47 13.74 -4.96 -5.91
N LYS C 48 12.97 -5.85 -6.52
CA LYS C 48 11.56 -5.59 -6.76
C LYS C 48 10.78 -5.61 -5.45
N LYS C 49 9.80 -4.71 -5.34
CA LYS C 49 8.94 -4.65 -4.16
C LYS C 49 7.99 -5.83 -4.18
N ASP C 50 8.27 -6.84 -3.35
CA ASP C 50 7.47 -8.06 -3.37
C ASP C 50 6.05 -7.81 -2.87
N HIS C 51 5.12 -8.63 -3.39
CA HIS C 51 3.71 -8.50 -3.02
C HIS C 51 3.42 -9.05 -1.64
N ALA C 52 4.19 -10.03 -1.17
CA ALA C 52 3.95 -10.66 0.13
C ALA C 52 5.29 -11.12 0.70
N PRO C 53 5.89 -10.33 1.61
CA PRO C 53 7.14 -10.77 2.24
C PRO C 53 6.95 -11.80 3.32
N GLN C 54 5.73 -11.96 3.84
CA GLN C 54 5.48 -12.91 4.92
C GLN C 54 5.50 -14.35 4.43
N MET C 55 5.45 -14.58 3.12
CA MET C 55 5.41 -15.95 2.61
C MET C 55 6.74 -16.65 2.79
N ARG C 56 7.86 -15.95 2.58
CA ARG C 56 9.18 -16.55 2.60
C ARG C 56 9.87 -16.43 3.95
N LEU C 57 9.18 -15.91 4.97
CA LEU C 57 9.80 -15.80 6.29
C LEU C 57 10.13 -17.18 6.85
N VAL C 58 9.24 -18.16 6.66
CA VAL C 58 9.49 -19.50 7.18
C VAL C 58 10.74 -20.09 6.56
N TYR C 59 10.90 -19.94 5.24
CA TYR C 59 12.10 -20.44 4.57
C TYR C 59 13.34 -19.65 5.00
N SER C 60 13.21 -18.32 5.12
CA SER C 60 14.36 -17.49 5.46
C SER C 60 14.89 -17.82 6.85
N VAL C 61 14.00 -18.01 7.82
CA VAL C 61 14.44 -18.35 9.17
C VAL C 61 15.12 -19.71 9.19
N ARG C 62 14.54 -20.69 8.49
CA ARG C 62 15.13 -22.03 8.44
C ARG C 62 16.38 -22.08 7.58
N LYS C 63 16.60 -21.07 6.73
CA LYS C 63 17.76 -21.06 5.86
C LYS C 63 19.04 -21.00 6.70
N PRO C 64 20.09 -21.74 6.33
CA PRO C 64 21.35 -21.62 7.06
C PRO C 64 21.92 -20.22 6.99
N TRP C 65 22.49 -19.77 8.10
CA TRP C 65 23.01 -18.41 8.26
C TRP C 65 21.93 -17.38 7.95
N PRO C 66 20.88 -17.27 8.76
CA PRO C 66 19.78 -16.35 8.43
C PRO C 66 20.16 -14.88 8.60
N ILE C 67 21.00 -14.54 9.57
CA ILE C 67 21.22 -13.16 9.97
C ILE C 67 22.52 -12.66 9.36
N SER C 68 22.47 -11.47 8.77
CA SER C 68 23.67 -10.78 8.32
C SER C 68 24.17 -9.91 9.47
N MET C 69 25.41 -10.14 9.89
CA MET C 69 25.98 -9.44 11.03
C MET C 69 27.24 -8.70 10.61
N THR C 70 27.53 -7.62 11.34
CA THR C 70 28.79 -6.94 11.15
C THR C 70 29.94 -7.80 11.69
N PRO C 71 31.14 -7.66 11.13
CA PRO C 71 32.28 -8.43 11.65
C PRO C 71 32.49 -8.15 13.13
N SER C 72 32.68 -9.22 13.89
CA SER C 72 32.75 -9.13 15.34
C SER C 72 33.76 -10.12 15.87
N LYS C 73 34.21 -9.88 17.11
CA LYS C 73 35.18 -10.73 17.78
C LYS C 73 34.66 -11.37 19.05
N GLU C 74 33.67 -10.77 19.71
CA GLU C 74 33.16 -11.31 20.98
C GLU C 74 32.25 -12.51 20.78
N ILE C 75 31.78 -12.79 19.57
CA ILE C 75 30.99 -13.97 19.28
C ILE C 75 31.91 -15.03 18.68
N PRO C 76 32.10 -16.17 19.35
CA PRO C 76 33.01 -17.19 18.82
C PRO C 76 32.50 -17.81 17.53
N LEU C 77 33.44 -18.32 16.74
CA LEU C 77 33.07 -19.04 15.52
C LEU C 77 32.24 -20.28 15.84
N VAL C 78 32.64 -21.03 16.86
CA VAL C 78 31.92 -22.20 17.32
C VAL C 78 31.74 -22.09 18.83
N PHE C 79 30.52 -22.28 19.29
CA PHE C 79 30.20 -22.19 20.72
C PHE C 79 29.48 -23.46 21.14
N ASN C 80 30.06 -24.19 22.09
CA ASN C 80 29.49 -25.43 22.61
C ASN C 80 29.17 -26.40 21.48
N GLY C 81 30.10 -26.53 20.55
CA GLY C 81 29.90 -27.40 19.40
C GLY C 81 28.79 -26.97 18.47
N THR C 82 28.68 -25.66 18.23
CA THR C 82 27.64 -25.14 17.34
C THR C 82 28.19 -23.90 16.64
N LYS C 83 28.17 -23.91 15.31
CA LYS C 83 28.65 -22.76 14.55
C LYS C 83 27.71 -21.58 14.74
N LEU C 84 28.29 -20.38 14.84
CA LEU C 84 27.53 -19.16 15.01
C LEU C 84 27.68 -18.20 13.85
N LYS C 85 28.91 -17.90 13.44
CA LYS C 85 29.17 -16.96 12.36
C LYS C 85 29.78 -17.70 11.17
N ASP C 86 29.70 -17.06 10.00
CA ASP C 86 30.22 -17.62 8.77
C ASP C 86 31.67 -17.24 8.52
N THR C 87 32.26 -16.41 9.38
CA THR C 87 33.62 -15.89 9.28
C THR C 87 34.10 -15.67 7.84
N ARG C 96 29.73 -8.56 4.34
CA ARG C 96 29.81 -8.90 5.76
C ARG C 96 29.56 -10.39 5.98
N THR C 97 29.99 -10.88 7.13
CA THR C 97 29.75 -12.27 7.48
C THR C 97 28.32 -12.47 7.94
N ARG C 98 27.88 -13.73 7.91
CA ARG C 98 26.52 -14.10 8.28
C ARG C 98 26.51 -14.76 9.65
N ALA C 99 25.31 -14.83 10.23
CA ALA C 99 25.15 -15.30 11.60
C ALA C 99 24.12 -16.41 11.67
N ASN C 100 24.31 -17.30 12.65
CA ASN C 100 23.35 -18.37 12.90
C ASN C 100 22.07 -17.78 13.50
N ILE C 101 20.99 -18.55 13.39
CA ILE C 101 19.70 -18.09 13.90
C ILE C 101 19.74 -17.95 15.42
N VAL C 102 20.58 -18.75 16.09
CA VAL C 102 20.67 -18.72 17.54
C VAL C 102 21.62 -17.64 18.06
N VAL C 103 22.23 -16.85 17.17
CA VAL C 103 23.15 -15.80 17.61
C VAL C 103 22.47 -14.78 18.51
N PRO C 104 21.28 -14.25 18.18
CA PRO C 104 20.61 -13.36 19.14
C PRO C 104 20.30 -14.02 20.46
N ASP C 105 19.99 -15.33 20.45
CA ASP C 105 19.80 -16.04 21.72
C ASP C 105 21.10 -16.12 22.50
N TYR C 106 22.23 -16.34 21.80
CA TYR C 106 23.52 -16.37 22.47
C TYR C 106 23.83 -15.02 23.13
N TRP C 107 23.57 -13.93 22.42
CA TRP C 107 23.87 -12.59 22.93
C TRP C 107 23.02 -12.22 24.13
N SER C 108 21.91 -12.93 24.36
CA SER C 108 21.03 -12.64 25.48
C SER C 108 21.54 -13.20 26.80
N LYS C 109 22.56 -14.04 26.78
CA LYS C 109 23.05 -14.69 27.99
C LYS C 109 24.53 -14.51 28.22
N TYR C 110 25.35 -14.56 27.18
CA TYR C 110 26.81 -14.40 27.27
C TYR C 110 27.28 -13.29 26.33
N GLY C 111 26.60 -12.15 26.38
CA GLY C 111 26.97 -10.99 25.58
C GLY C 111 27.53 -9.86 26.43
N SER C 112 27.91 -8.79 25.73
CA SER C 112 28.48 -7.61 26.37
C SER C 112 27.36 -6.68 26.81
N GLN C 113 27.41 -6.27 28.09
CA GLN C 113 26.37 -5.42 28.64
C GLN C 113 26.63 -3.96 28.25
N THR C 114 25.76 -3.07 28.71
CA THR C 114 25.87 -1.64 28.44
C THR C 114 25.45 -0.88 29.69
N SER C 115 25.56 0.45 29.62
CA SER C 115 25.20 1.28 30.77
C SER C 115 23.70 1.25 31.02
N LEU C 116 23.33 1.35 32.29
CA LEU C 116 21.93 1.40 32.66
C LEU C 116 21.25 2.65 32.10
N GLU C 117 22.01 3.75 31.97
CA GLU C 117 21.45 4.97 31.39
C GLU C 117 21.07 4.77 29.93
N VAL C 118 21.88 4.01 29.19
CA VAL C 118 21.56 3.72 27.79
C VAL C 118 20.29 2.88 27.71
N VAL C 119 20.14 1.89 28.59
CA VAL C 119 18.94 1.07 28.61
C VAL C 119 17.72 1.91 28.92
N ASN C 120 17.83 2.79 29.92
CA ASN C 120 16.70 3.63 30.30
C ASN C 120 16.34 4.60 29.17
N ALA C 121 17.34 5.16 28.50
CA ALA C 121 17.08 6.10 27.41
C ALA C 121 16.42 5.40 26.22
N ILE C 122 16.90 4.21 25.87
CA ILE C 122 16.34 3.51 24.72
C ILE C 122 14.91 3.07 25.02
N LEU C 123 14.66 2.54 26.21
CA LEU C 123 13.32 2.14 26.61
C LEU C 123 12.42 3.31 26.95
N TYR C 124 12.96 4.52 26.99
CA TYR C 124 12.14 5.69 27.26
C TYR C 124 11.16 5.89 26.10
N ALA C 125 9.98 6.44 26.44
CA ALA C 125 8.86 6.63 25.52
C ALA C 125 8.17 5.31 25.22
N GLU C 126 8.74 4.21 25.69
CA GLU C 126 8.11 2.90 25.69
C GLU C 126 7.77 2.43 27.10
N ASP C 127 8.66 2.66 28.05
CA ASP C 127 8.32 2.43 29.44
C ASP C 127 7.26 3.40 29.93
N LEU C 128 7.20 4.60 29.33
CA LEU C 128 6.17 5.57 29.70
C LEU C 128 4.78 5.04 29.40
N LYS C 129 4.61 4.38 28.25
CA LYS C 129 3.32 3.78 27.93
C LYS C 129 2.98 2.68 28.91
N VAL C 130 3.96 1.86 29.29
CA VAL C 130 3.70 0.79 30.25
C VAL C 130 3.34 1.36 31.61
N GLN C 131 4.06 2.39 32.06
CA GLN C 131 3.76 2.99 33.35
C GLN C 131 2.38 3.61 33.36
N ARG C 132 1.99 4.28 32.26
CA ARG C 132 0.66 4.86 32.18
C ARG C 132 -0.42 3.80 32.25
N PHE C 133 -0.18 2.64 31.63
CA PHE C 133 -1.17 1.58 31.65
C PHE C 133 -1.40 1.04 33.05
N PHE C 134 -0.33 0.84 33.82
CA PHE C 134 -0.43 0.22 35.13
C PHE C 134 -0.64 1.21 36.26
N SER C 135 -0.61 2.51 35.98
CA SER C 135 -0.85 3.53 37.00
C SER C 135 -2.26 4.09 36.94
N THR C 136 -3.14 3.51 36.14
CA THR C 136 -4.52 3.97 36.02
C THR C 136 -5.47 2.89 36.53
N GLU C 137 -6.58 3.36 37.11
CA GLU C 137 -7.58 2.48 37.69
C GLU C 137 -8.76 2.32 36.74
N TRP C 138 -9.34 1.12 36.74
CA TRP C 138 -10.40 0.75 35.82
C TRP C 138 -11.73 0.69 36.56
N GLY C 139 -12.76 1.28 35.96
CA GLY C 139 -14.11 1.16 36.48
C GLY C 139 -14.78 -0.12 36.03
N GLU C 140 -15.99 -0.33 36.51
CA GLU C 140 -16.77 -1.49 36.12
C GLU C 140 -17.18 -1.38 34.65
N ILE C 141 -17.22 -2.53 33.97
CA ILE C 141 -17.61 -2.56 32.57
C ILE C 141 -19.12 -2.38 32.46
N ARG C 142 -19.54 -1.40 31.68
CA ARG C 142 -20.96 -1.15 31.45
C ARG C 142 -21.32 -1.65 30.05
N TYR C 143 -22.38 -2.45 29.97
CA TYR C 143 -22.87 -3.01 28.72
C TYR C 143 -24.14 -2.27 28.31
N GLY C 144 -24.19 -1.84 27.06
CA GLY C 144 -25.34 -1.11 26.58
C GLY C 144 -25.28 -0.90 25.08
N ARG C 145 -26.26 -0.15 24.58
CA ARG C 145 -26.36 0.13 23.15
C ARG C 145 -25.62 1.43 22.83
N MET C 146 -24.30 1.39 23.02
CA MET C 146 -23.46 2.53 22.69
C MET C 146 -23.24 2.62 21.19
N LEU C 147 -23.02 3.85 20.71
CA LEU C 147 -22.85 4.13 19.29
C LEU C 147 -21.47 4.74 19.10
N PRO C 148 -20.44 3.91 18.87
CA PRO C 148 -19.08 4.45 18.71
C PRO C 148 -18.92 5.15 17.38
N PHE C 149 -18.67 6.45 17.43
CA PHE C 149 -18.38 7.25 16.24
C PHE C 149 -16.90 7.57 16.21
N ARG C 150 -16.26 7.31 15.08
CA ARG C 150 -14.83 7.51 14.95
C ARG C 150 -14.52 8.98 14.76
N LYS C 151 -13.68 9.53 15.64
CA LYS C 151 -13.29 10.93 15.64
C LYS C 151 -11.77 11.04 15.61
N PRO C 152 -11.22 11.99 14.85
CA PRO C 152 -9.76 12.14 14.80
C PRO C 152 -9.24 12.82 16.05
N VAL C 153 -8.43 12.08 16.83
CA VAL C 153 -7.82 12.59 18.05
C VAL C 153 -6.35 12.19 18.03
N GLN C 154 -5.56 12.86 18.88
CA GLN C 154 -4.15 12.55 18.99
C GLN C 154 -3.96 11.18 19.61
N ALA C 155 -3.15 10.34 18.95
CA ALA C 155 -3.09 8.93 19.33
C ALA C 155 -2.38 8.73 20.66
N CYS C 156 -1.23 9.37 20.85
CA CYS C 156 -0.40 9.09 22.00
C CYS C 156 -0.09 10.36 22.78
N PRO C 157 -0.10 10.28 24.12
CA PRO C 157 0.30 11.46 24.92
C PRO C 157 1.75 11.83 24.66
N THR C 158 2.02 13.13 24.78
CA THR C 158 3.35 13.68 24.57
C THR C 158 3.82 14.39 25.82
N ILE C 159 5.15 14.49 25.96
CA ILE C 159 5.73 15.18 27.10
C ILE C 159 5.36 16.66 27.08
N GLU C 160 5.39 17.28 25.90
CA GLU C 160 4.99 18.67 25.72
C GLU C 160 4.19 18.77 24.44
N GLU C 161 3.12 19.58 24.46
CA GLU C 161 2.33 19.79 23.26
C GLU C 161 3.15 20.55 22.22
N VAL C 162 3.21 20.01 21.01
CA VAL C 162 4.02 20.58 19.94
C VAL C 162 3.16 20.72 18.70
N ASN C 163 3.14 21.92 18.14
CA ASN C 163 2.42 22.14 16.89
C ASN C 163 3.08 21.35 15.77
N PRO C 164 2.32 20.57 14.99
CA PRO C 164 2.91 19.90 13.83
C PRO C 164 3.52 20.91 12.86
N ALA C 165 4.43 20.39 12.02
CA ALA C 165 5.24 21.16 11.08
C ALA C 165 6.31 21.96 11.82
N SER C 166 6.27 21.94 13.15
CA SER C 166 7.36 22.42 13.98
C SER C 166 8.11 21.28 14.67
N ILE C 167 7.62 20.05 14.54
CA ILE C 167 8.34 18.90 15.08
C ILE C 167 9.72 18.76 14.45
N PRO C 168 9.89 18.83 13.12
CA PRO C 168 11.25 18.74 12.57
C PRO C 168 12.18 19.83 13.06
N HIS C 169 11.66 21.04 13.29
CA HIS C 169 12.51 22.12 13.79
C HIS C 169 12.89 21.88 15.25
N THR C 170 11.98 21.29 16.03
CA THR C 170 12.31 20.95 17.41
C THR C 170 13.38 19.87 17.47
N LEU C 171 13.30 18.87 16.60
CA LEU C 171 14.28 17.79 16.60
C LEU C 171 15.67 18.29 16.19
N LEU C 172 15.73 19.28 15.29
CA LEU C 172 17.03 19.80 14.88
C LEU C 172 17.78 20.44 16.04
N GLN C 173 17.06 21.17 16.89
CA GLN C 173 17.70 21.80 18.05
C GLN C 173 18.24 20.76 19.01
N VAL C 174 17.54 19.64 19.17
CA VAL C 174 17.97 18.62 20.11
C VAL C 174 19.22 17.91 19.62
N PHE C 175 19.28 17.57 18.34
CA PHE C 175 20.30 16.68 17.82
C PHE C 175 21.46 17.41 17.14
N CYS C 176 21.17 18.36 16.25
CA CYS C 176 22.20 19.12 15.55
C CYS C 176 21.88 20.61 15.62
N PRO C 177 21.96 21.20 16.82
CA PRO C 177 21.67 22.64 16.94
C PRO C 177 22.68 23.53 16.23
N GLN C 178 23.86 23.01 15.90
CA GLN C 178 24.84 23.83 15.19
C GLN C 178 24.54 23.94 13.70
N TYR C 179 23.93 22.90 13.10
CA TYR C 179 23.53 22.95 11.70
C TYR C 179 22.05 23.31 11.56
N THR C 180 21.71 24.54 11.97
CA THR C 180 20.35 25.03 11.89
C THR C 180 20.36 26.47 11.42
N THR C 181 19.17 27.05 11.35
CA THR C 181 18.97 28.43 10.91
C THR C 181 18.13 29.15 11.96
N LEU C 182 18.34 30.47 12.05
CA LEU C 182 17.55 31.28 12.99
C LEU C 182 16.06 31.11 12.74
N ASP C 183 15.66 30.97 11.48
CA ASP C 183 14.25 30.74 11.18
C ASP C 183 13.77 29.43 11.79
N SER C 184 14.58 28.37 11.67
CA SER C 184 14.22 27.10 12.31
C SER C 184 14.22 27.23 13.83
N LYS C 185 15.16 27.99 14.38
CA LYS C 185 15.24 28.17 15.82
C LYS C 185 13.99 28.87 16.36
N ARG C 186 13.49 29.86 15.64
CA ARG C 186 12.33 30.61 16.11
C ARG C 186 11.09 29.73 16.19
N LYS C 187 10.81 29.00 15.11
CA LYS C 187 9.64 28.13 15.07
C LYS C 187 9.97 26.71 15.54
N ALA C 188 10.59 26.63 16.71
CA ALA C 188 10.85 25.37 17.39
C ALA C 188 10.36 25.50 18.82
N HIS C 189 9.76 24.43 19.34
CA HIS C 189 9.17 24.46 20.67
C HIS C 189 10.28 24.50 21.70
N MET C 190 10.57 25.70 22.23
CA MET C 190 11.56 25.85 23.28
C MET C 190 10.89 25.53 24.62
N GLY C 191 11.38 24.49 25.28
CA GLY C 191 10.75 23.99 26.48
C GLY C 191 10.64 22.48 26.42
N ALA C 192 10.44 21.96 25.21
CA ALA C 192 10.51 20.52 24.96
C ALA C 192 11.89 20.09 24.49
N VAL C 193 12.71 21.03 24.01
CA VAL C 193 14.08 20.71 23.65
C VAL C 193 14.89 20.34 24.88
N GLU C 194 14.72 21.10 25.97
CA GLU C 194 15.45 20.81 27.21
C GLU C 194 15.08 19.45 27.77
N LYS C 195 13.78 19.11 27.74
CA LYS C 195 13.36 17.79 28.21
C LYS C 195 13.94 16.69 27.33
N LEU C 196 13.95 16.89 26.02
CA LEU C 196 14.51 15.89 25.12
C LEU C 196 16.01 15.74 25.31
N LYS C 197 16.73 16.85 25.49
CA LYS C 197 18.18 16.78 25.63
C LYS C 197 18.59 16.01 26.88
N ARG C 198 17.87 16.22 27.99
CA ARG C 198 18.25 15.59 29.25
C ARG C 198 17.87 14.12 29.32
N VAL C 199 17.07 13.62 28.38
CA VAL C 199 16.69 12.21 28.37
C VAL C 199 17.28 11.45 27.19
N MET C 200 17.80 12.14 26.18
CA MET C 200 18.38 11.47 25.02
C MET C 200 19.90 11.55 24.98
N GLU C 201 20.53 12.35 25.84
CA GLU C 201 21.98 12.56 25.72
C GLU C 201 22.83 11.30 25.86
N PRO C 202 22.43 10.23 26.57
CA PRO C 202 23.25 9.01 26.54
C PRO C 202 23.28 8.33 25.18
N ILE C 203 22.34 8.62 24.28
CA ILE C 203 22.26 7.93 23.00
C ILE C 203 22.41 8.89 21.82
N CYS C 204 22.80 10.15 22.08
CA CYS C 204 23.08 11.09 21.00
C CYS C 204 24.56 11.01 20.62
N LYS C 205 24.92 9.87 20.03
CA LYS C 205 26.25 9.63 19.50
C LYS C 205 26.16 9.34 18.01
N VAL C 206 27.29 8.99 17.40
CA VAL C 206 27.29 8.61 15.99
C VAL C 206 26.49 7.34 15.78
N GLN C 207 26.54 6.41 16.74
CA GLN C 207 25.66 5.25 16.73
C GLN C 207 24.35 5.59 17.41
N THR C 208 23.29 4.88 17.01
CA THR C 208 21.93 5.12 17.48
C THR C 208 21.46 6.54 17.22
N GLN C 209 22.14 7.27 16.33
CA GLN C 209 21.65 8.58 15.92
C GLN C 209 20.32 8.46 15.19
N GLU C 210 20.21 7.47 14.29
CA GLU C 210 18.95 7.23 13.60
C GLU C 210 17.87 6.80 14.57
N SER C 211 18.22 5.94 15.52
CA SER C 211 17.23 5.45 16.48
C SER C 211 16.76 6.56 17.41
N ALA C 212 17.70 7.31 18.00
CA ALA C 212 17.34 8.32 18.98
C ALA C 212 16.38 9.36 18.41
N VAL C 213 16.48 9.63 17.10
CA VAL C 213 15.52 10.53 16.46
C VAL C 213 14.12 9.93 16.49
N HIS C 214 14.02 8.61 16.29
CA HIS C 214 12.72 7.96 16.26
C HIS C 214 12.02 8.05 17.61
N ILE C 215 12.74 7.76 18.69
CA ILE C 215 12.15 7.88 20.03
C ILE C 215 11.80 9.33 20.32
N ALA C 216 12.69 10.26 19.97
CA ALA C 216 12.40 11.68 20.21
C ALA C 216 11.20 12.14 19.40
N ARG C 217 11.10 11.71 18.15
CA ARG C 217 9.94 12.07 17.33
C ARG C 217 8.65 11.53 17.92
N SER C 218 8.66 10.26 18.36
CA SER C 218 7.47 9.69 18.97
C SER C 218 7.13 10.35 20.29
N LEU C 219 8.11 10.96 20.96
CA LEU C 219 7.85 11.63 22.23
C LEU C 219 7.03 12.90 22.06
N ILE C 220 7.13 13.58 20.92
CA ILE C 220 6.45 14.84 20.71
C ILE C 220 5.54 14.81 19.50
N ASP C 221 5.28 13.63 18.93
CA ASP C 221 4.41 13.51 17.77
C ASP C 221 2.95 13.57 18.22
N SER C 222 2.19 14.49 17.63
CA SER C 222 0.78 14.69 17.95
C SER C 222 -0.09 14.39 16.75
N ASN C 223 0.20 13.30 16.05
CA ASN C 223 -0.57 12.92 14.88
C ASN C 223 -2.00 12.52 15.28
N LYS C 224 -2.92 12.69 14.33
CA LYS C 224 -4.33 12.41 14.56
C LYS C 224 -4.70 11.07 13.95
N LYS C 225 -5.42 10.25 14.72
CA LYS C 225 -5.92 8.97 14.25
C LYS C 225 -7.40 8.86 14.55
N TRP C 226 -8.10 8.09 13.72
CA TRP C 226 -9.54 7.89 13.88
C TRP C 226 -9.77 6.73 14.83
N LEU C 227 -10.42 7.01 15.95
CA LEU C 227 -10.61 6.03 17.02
C LEU C 227 -12.06 6.03 17.47
N PRO C 228 -12.56 4.88 17.93
CA PRO C 228 -13.93 4.83 18.46
C PRO C 228 -14.08 5.77 19.65
N THR C 229 -15.25 6.40 19.76
CA THR C 229 -15.48 7.41 20.77
C THR C 229 -16.90 7.27 21.31
N VAL C 230 -17.02 7.10 22.62
CA VAL C 230 -18.28 7.23 23.32
C VAL C 230 -18.37 8.57 24.03
N VAL C 231 -17.30 8.96 24.71
CA VAL C 231 -17.12 10.31 25.22
C VAL C 231 -15.80 10.83 24.67
N ASP C 232 -15.68 12.15 24.62
CA ASP C 232 -14.52 12.78 24.00
C ASP C 232 -13.23 12.30 24.66
N HIS C 233 -12.27 11.90 23.84
CA HIS C 233 -11.06 11.24 24.32
C HIS C 233 -9.98 12.26 24.66
N THR C 234 -9.45 12.16 25.87
CA THR C 234 -8.18 12.79 26.19
C THR C 234 -7.04 12.01 25.55
N PRO C 235 -5.87 12.62 25.39
CA PRO C 235 -4.74 11.88 24.82
C PRO C 235 -4.39 10.62 25.59
N ARG C 236 -4.60 10.60 26.91
CA ARG C 236 -4.30 9.41 27.69
C ARG C 236 -5.19 8.24 27.30
N THR C 237 -6.49 8.49 27.11
CA THR C 237 -7.42 7.42 26.78
C THR C 237 -7.38 7.02 25.32
N ALA C 238 -6.80 7.85 24.45
CA ALA C 238 -6.80 7.55 23.02
C ALA C 238 -5.89 6.38 22.69
N GLU C 239 -4.72 6.31 23.32
CA GLU C 239 -3.77 5.24 23.02
C GLU C 239 -4.30 3.88 23.44
N MET C 240 -5.30 3.83 24.31
CA MET C 240 -5.88 2.59 24.80
C MET C 240 -7.35 2.46 24.44
N ALA C 241 -7.81 3.19 23.42
CA ALA C 241 -9.22 3.17 23.04
C ALA C 241 -9.68 1.84 22.46
N HIS C 242 -8.76 0.93 22.15
CA HIS C 242 -9.15 -0.34 21.55
C HIS C 242 -9.93 -1.24 22.51
N PHE C 243 -9.89 -0.95 23.82
CA PHE C 243 -10.68 -1.71 24.77
C PHE C 243 -11.53 -0.85 25.69
N LEU C 244 -11.37 0.47 25.68
CA LEU C 244 -12.24 1.34 26.48
C LEU C 244 -13.68 1.28 25.99
N CYS C 245 -13.90 1.30 24.68
CA CYS C 245 -15.24 1.37 24.14
C CYS C 245 -15.38 0.41 22.97
N SER C 246 -16.61 -0.02 22.72
CA SER C 246 -16.95 -0.86 21.59
C SER C 246 -18.45 -0.72 21.34
N LYS C 247 -18.98 -1.53 20.42
CA LYS C 247 -20.39 -1.45 20.08
C LYS C 247 -21.28 -1.83 21.25
N TYR C 248 -20.76 -2.64 22.18
CA TYR C 248 -21.59 -3.21 23.23
C TYR C 248 -21.09 -2.96 24.64
N HIS C 249 -19.85 -2.52 24.82
CA HIS C 249 -19.27 -2.36 26.16
C HIS C 249 -18.58 -1.02 26.28
N TYR C 250 -18.52 -0.51 27.51
CA TYR C 250 -17.81 0.72 27.81
C TYR C 250 -17.31 0.66 29.24
N VAL C 251 -16.03 0.97 29.45
CA VAL C 251 -15.41 0.96 30.77
C VAL C 251 -14.93 2.37 31.08
N HIS C 252 -15.22 2.84 32.28
CA HIS C 252 -14.87 4.19 32.70
C HIS C 252 -13.49 4.19 33.35
N THR C 253 -12.72 5.25 33.10
CA THR C 253 -11.38 5.40 33.62
C THR C 253 -11.34 6.60 34.56
N ASN C 254 -10.75 6.41 35.74
CA ASN C 254 -10.62 7.48 36.72
C ASN C 254 -9.30 8.22 36.55
C12 V9G E . -5.10 -36.85 -18.87
C13 V9G E . -4.46 -37.64 -17.76
C14 V9G E . -4.70 -36.88 -16.29
C15 V9G E . -3.76 -37.33 -15.55
C16 V9G E . -2.54 -37.46 -16.55
C17 V9G E . -1.71 -35.43 -17.52
C18 V9G E . -0.54 -34.78 -15.80
C19 V9G E . 0.27 -34.16 -14.86
C20 V9G E . -0.14 -35.88 -13.36
C21 V9G E . -1.12 -35.95 -15.49
C22 V9G E . -3.16 -39.69 -15.18
N6 V9G E . -1.84 -36.35 -16.55
O13 V9G E . -2.64 -34.43 -20.37
P3 V9G E . -4.08 -34.91 -20.34
O12 V9G E . -4.65 -34.83 -21.71
O14 V9G E . -4.12 -36.48 -19.82
O16 V9G E . -5.98 -37.24 -15.74
O17 V9G E . -4.14 -38.68 -14.99
N7 V9G E . -0.90 -34.47 -17.05
N8 V9G E . 1.11 -32.91 -14.75
N9 V9G E . 0.46 -34.70 -13.67
N10 V9G E . -0.93 -36.51 -14.27
O15 V9G E . -3.19 -37.71 -17.94
O11 V9G E . -4.94 -33.95 -19.31
P2 V9G E . -5.09 -32.30 -19.50
O9 V9G E . -3.73 -31.63 -19.33
O10 V9G E . -6.06 -31.75 -18.45
O7 V9G E . -5.66 -31.96 -20.99
P1 V9G E . -6.98 -32.69 -21.65
O5 V9G E . -8.17 -31.75 -21.55
O6 V9G E . -7.29 -33.97 -20.90
O8 V9G E . -6.66 -33.03 -23.24
#